data_1ZFV
# 
_entry.id   1ZFV 
# 
_audit_conform.dict_name       mmcif_pdbx.dic 
_audit_conform.dict_version    5.376 
_audit_conform.dict_location   http://mmcif.pdb.org/dictionaries/ascii/mmcif_pdbx.dic 
# 
loop_
_database_2.database_id 
_database_2.database_code 
_database_2.pdbx_database_accession 
_database_2.pdbx_DOI 
PDB   1ZFV         pdb_00001zfv 10.2210/pdb1zfv/pdb 
NDB   UR0061       ?            ?                   
RCSB  RCSB032670   ?            ?                   
WWPDB D_1000032670 ?            ?                   
# 
loop_
_pdbx_database_related.db_name 
_pdbx_database_related.db_id 
_pdbx_database_related.details 
_pdbx_database_related.content_type 
PDB 1X9C 'All-RNA Hairpin Ribozyme with mutation U39C (low salt)'           unspecified 
PDB 1X9K 'All-RNA Hairpin Ribozyme with mutation U39C (high salt)'          unspecified 
PDB 1ZFR 'All-RNA Hairpin Ribozyme with mutation U39C (low salt)'           unspecified 
PDB 1ZFT 'All-RNA Hairpin Ribozyme with mutations G8I and U39C (low salt).' unspecified 
PDB 1ZFX 'All-RNA Hairpin Ribozyme with mutations G8U and U39C (low salt).' unspecified 
# 
_pdbx_database_status.status_code                     REL 
_pdbx_database_status.entry_id                        1ZFV 
_pdbx_database_status.recvd_initial_deposition_date   2005-04-20 
_pdbx_database_status.deposit_site                    RCSB 
_pdbx_database_status.process_site                    RCSB 
_pdbx_database_status.status_code_sf                  REL 
_pdbx_database_status.status_code_mr                  ? 
_pdbx_database_status.SG_entry                        N 
_pdbx_database_status.pdb_format_compatible           Y 
_pdbx_database_status.status_code_cs                  ? 
_pdbx_database_status.status_code_nmr_data            ? 
_pdbx_database_status.methods_development_category    ? 
# 
_audit_author.name           'Wedekind, J.E.' 
_audit_author.pdbx_ordinal   1 
# 
loop_
_citation.id 
_citation.title 
_citation.journal_abbrev 
_citation.journal_volume 
_citation.page_first 
_citation.page_last 
_citation.year 
_citation.journal_id_ASTM 
_citation.country 
_citation.journal_id_ISSN 
_citation.journal_id_CSD 
_citation.book_publisher 
_citation.pdbx_database_id_PubMed 
_citation.pdbx_database_id_DOI 
primary 
'Water in the Active Site of an All-RNA Hairpin Ribozyme and Effects of Gua8 Base Variants on the Geometry of Phosphoryl Transfer.' 
Biochemistry               45 686  700  2006 BICHAW US 0006-2960 0033 ? 16411744 10.1021/bi051887k 
1       'Crystallization and x-ray diffraction analysis of an all-RNA U39C mutant of the minimal hairpin ribozyme' 
'Acta Crystallogr.,Sect.D' 59 142  145  2003 ABCRE6 DK 0907-4449 0766 ? ?        ?                 
2       'Functional involvement of G8 in the hairpin ribozyme cleavage mechanism' 'Embo J.'                  20 6434 6442 2001 
EMJODG UK 0261-4189 0897 ? ?        ?                 
# 
loop_
_citation_author.citation_id 
_citation_author.name 
_citation_author.ordinal 
_citation_author.identifier_ORCID 
primary 'Salter, J.'      1  ? 
primary 'Krucinska, J.'   2  ? 
primary 'Alam, S.'        3  ? 
primary 'Grum-Tokars, V.' 4  ? 
primary 'Wedekind, J.E.'  5  ? 
1       'Grum-Tokars, V.' 6  ? 
1       'Milovanovic, M.' 7  ? 
1       'Wedekind, J.E.'  8  ? 
2       'Pinard, R.'      9  ? 
2       'Hampel, K.J.'    10 ? 
2       'Heckman, J.E.'   11 ? 
2       'Lambert, D.'     12 ? 
2       'Chan, P.A.'      13 ? 
2       'Major, F.'       14 ? 
2       'Burke, J.M.'     15 ? 
# 
_cell.entry_id           1ZFV 
_cell.length_a           93.510 
_cell.length_b           93.510 
_cell.length_c           124.550 
_cell.angle_alpha        90.00 
_cell.angle_beta         90.00 
_cell.angle_gamma        120.00 
_cell.Z_PDB              12 
_cell.pdbx_unique_axis   ? 
# 
_symmetry.entry_id                         1ZFV 
_symmetry.space_group_name_H-M             'P 61 2 2' 
_symmetry.pdbx_full_space_group_name_H-M   ? 
_symmetry.cell_setting                     ? 
_symmetry.Int_Tables_number                178 
_symmetry.space_group_name_Hall            ? 
# 
loop_
_entity.id 
_entity.type 
_entity.src_method 
_entity.pdbx_description 
_entity.formula_weight 
_entity.pdbx_number_of_molecules 
_entity.pdbx_ec 
_entity.pdbx_mutation 
_entity.pdbx_fragment 
_entity.details 
1 polymer     syn "5'-R(*UP*CP*CP*CP*AP*GP*UP*CP*CP*AP*CP*CP*G)-3'"                   4052.470 1  ? ?    ? ? 
2 polymer     syn "5'-R(*CP*GP*GP*UP*GP*AP*AP*AP*AP*GP*GP*G)-3'"                      3954.448 1  ? G8A  ? ? 
3 polymer     syn "5'-R(*GP*GP*CP*AP*GP*AP*GP*AP*AP*AP*CP*AP*CP*AP*CP*GP*A)-3'"       5535.445 1  ? ?    ? ? 
4 polymer     syn "5'-R(*UP*CP*GP*UP*GP*GP*UP*AP*CP*AP*UP*UP*AP*CP*CP*UP*GP*CP*C)-3'" 5991.568 1  ? U39C ? ? 
5 non-polymer syn 'SULFATE ION'                                                       96.063   1  ? ?    ? ? 
6 non-polymer syn 'COBALT HEXAMMINE(III)'                                             161.116  1  ? ?    ? ? 
7 water       nat water                                                               18.015   34 ? ?    ? ? 
# 
loop_
_entity_poly.entity_id 
_entity_poly.type 
_entity_poly.nstd_linkage 
_entity_poly.nstd_monomer 
_entity_poly.pdbx_seq_one_letter_code 
_entity_poly.pdbx_seq_one_letter_code_can 
_entity_poly.pdbx_strand_id 
_entity_poly.pdbx_target_identifier 
1 polyribonucleotide no no UCCCAGUCCACCG       UCCCAGUCCACCG       A ? 
2 polyribonucleotide no no CGGUGAAAAGGG        CGGUGAAAAGGG        B ? 
3 polyribonucleotide no no GGCAGAGAAACACACGA   GGCAGAGAAACACACGA   C ? 
4 polyribonucleotide no no UCGUGGUACAUUACCUGCC UCGUGGUACAUUACCUGCC D ? 
# 
loop_
_entity_poly_seq.entity_id 
_entity_poly_seq.num 
_entity_poly_seq.mon_id 
_entity_poly_seq.hetero 
1 1  U n 
1 2  C n 
1 3  C n 
1 4  C n 
1 5  A n 
1 6  G n 
1 7  U n 
1 8  C n 
1 9  C n 
1 10 A n 
1 11 C n 
1 12 C n 
1 13 G n 
2 1  C n 
2 2  G n 
2 3  G n 
2 4  U n 
2 5  G n 
2 6  A n 
2 7  A n 
2 8  A n 
2 9  A n 
2 10 G n 
2 11 G n 
2 12 G n 
3 1  G n 
3 2  G n 
3 3  C n 
3 4  A n 
3 5  G n 
3 6  A n 
3 7  G n 
3 8  A n 
3 9  A n 
3 10 A n 
3 11 C n 
3 12 A n 
3 13 C n 
3 14 A n 
3 15 C n 
3 16 G n 
3 17 A n 
4 1  U n 
4 2  C n 
4 3  G n 
4 4  U n 
4 5  G n 
4 6  G n 
4 7  U n 
4 8  A n 
4 9  C n 
4 10 A n 
4 11 U n 
4 12 U n 
4 13 A n 
4 14 C n 
4 15 C n 
4 16 U n 
4 17 G n 
4 18 C n 
4 19 C n 
# 
loop_
_pdbx_entity_src_syn.entity_id 
_pdbx_entity_src_syn.pdbx_src_id 
_pdbx_entity_src_syn.pdbx_alt_source_flag 
_pdbx_entity_src_syn.pdbx_beg_seq_num 
_pdbx_entity_src_syn.pdbx_end_seq_num 
_pdbx_entity_src_syn.organism_scientific 
_pdbx_entity_src_syn.organism_common_name 
_pdbx_entity_src_syn.ncbi_taxonomy_id 
_pdbx_entity_src_syn.details 
1 1 sample ? ? ? ? ? 'Derived from Satellite Tobacco Ringspot Virus' 
2 1 sample ? ? ? ? ? 'Derived from Satellite Tobacco Ringspot Virus' 
3 1 sample ? ? ? ? ? 'Derived from Satellite Tobacco Ringspot Virus' 
4 1 sample ? ? ? ? ? 'Derived from Satellite Tobacco Ringspot Virus' 
# 
loop_
_struct_ref.id 
_struct_ref.entity_id 
_struct_ref.db_name 
_struct_ref.db_code 
_struct_ref.pdbx_db_accession 
_struct_ref.pdbx_db_isoform 
_struct_ref.pdbx_seq_one_letter_code 
_struct_ref.pdbx_align_begin 
1 1 PDB 1ZFV 1ZFV ? ? ? 
2 2 PDB 1ZFV 1ZFV ? ? ? 
3 3 PDB 1ZFV 1ZFV ? ? ? 
4 4 PDB 1ZFV 1ZFV ? ? ? 
# 
loop_
_struct_ref_seq.align_id 
_struct_ref_seq.ref_id 
_struct_ref_seq.pdbx_PDB_id_code 
_struct_ref_seq.pdbx_strand_id 
_struct_ref_seq.seq_align_beg 
_struct_ref_seq.pdbx_seq_align_beg_ins_code 
_struct_ref_seq.seq_align_end 
_struct_ref_seq.pdbx_seq_align_end_ins_code 
_struct_ref_seq.pdbx_db_accession 
_struct_ref_seq.db_align_beg 
_struct_ref_seq.pdbx_db_align_beg_ins_code 
_struct_ref_seq.db_align_end 
_struct_ref_seq.pdbx_db_align_end_ins_code 
_struct_ref_seq.pdbx_auth_seq_align_beg 
_struct_ref_seq.pdbx_auth_seq_align_end 
1 1 1ZFV A 1 ? 13 ? 1ZFV 1  ? 13 ? 1  13 
2 2 1ZFV B 1 ? 12 ? 1ZFV 2  ? 13 ? 2  13 
3 3 1ZFV C 1 ? 17 ? 1ZFV 15 ? 31 ? 15 31 
4 4 1ZFV D 1 ? 19 ? 1ZFV 31 ? 49 ? 31 49 
# 
loop_
_chem_comp.id 
_chem_comp.type 
_chem_comp.mon_nstd_flag 
_chem_comp.name 
_chem_comp.pdbx_synonyms 
_chem_comp.formula 
_chem_comp.formula_weight 
A   'RNA linking' y "ADENOSINE-5'-MONOPHOSPHATE" ? 'C10 H14 N5 O7 P' 347.221 
C   'RNA linking' y "CYTIDINE-5'-MONOPHOSPHATE"  ? 'C9 H14 N3 O8 P'  323.197 
G   'RNA linking' y "GUANOSINE-5'-MONOPHOSPHATE" ? 'C10 H14 N5 O8 P' 363.221 
HOH non-polymer   . WATER                        ? 'H2 O'            18.015  
NCO non-polymer   . 'COBALT HEXAMMINE(III)'      ? 'Co H18 N6 3'     161.116 
SO4 non-polymer   . 'SULFATE ION'                ? 'O4 S -2'         96.063  
U   'RNA linking' y "URIDINE-5'-MONOPHOSPHATE"   ? 'C9 H13 N2 O9 P'  324.181 
# 
_exptl.entry_id          1ZFV 
_exptl.method            'X-RAY DIFFRACTION' 
_exptl.crystals_number   1 
# 
_exptl_crystal.id                    1 
_exptl_crystal.density_meas          ? 
_exptl_crystal.density_Matthews      4.0 
_exptl_crystal.density_percent_sol   69.2 
_exptl_crystal.description           ? 
_exptl_crystal.F_000                 ? 
_exptl_crystal.preparation           ? 
# 
_exptl_crystal_grow.crystal_id      1 
_exptl_crystal_grow.method          'VAPOR DIFFUSION, HANGING DROP' 
_exptl_crystal_grow.temp            293 
_exptl_crystal_grow.temp_details    ? 
_exptl_crystal_grow.pH              6.0 
_exptl_crystal_grow.pdbx_details    
'PEG 2000 MME, LITHIUM SULFATE, SPERMIDINE, COBALT HEXAAMINE , pH 6.0, VAPOR DIFFUSION, HANGING DROP, temperature 293K' 
_exptl_crystal_grow.pdbx_pH_range   . 
# 
loop_
_exptl_crystal_grow_comp.crystal_id 
_exptl_crystal_grow_comp.id 
_exptl_crystal_grow_comp.sol_id 
_exptl_crystal_grow_comp.name 
_exptl_crystal_grow_comp.volume 
_exptl_crystal_grow_comp.conc 
_exptl_crystal_grow_comp.details 
1 1 1 'PEG 2000 MME'     ? ? ? 
1 2 1 'LITHIUM SULFATE'  ? ? ? 
1 3 1 SPERMIDINE         ? ? ? 
1 4 1 'COBALT HEXAAMINE' ? ? ? 
1 5 1 H2O                ? ? ? 
1 6 2 'LITHIUM SULFATE'  ? ? ? 
1 7 2 H2O                ? ? ? 
# 
_diffrn.id                     1 
_diffrn.ambient_temp           100 
_diffrn.ambient_temp_details   ? 
_diffrn.crystal_id             1 
# 
_diffrn_detector.diffrn_id              1 
_diffrn_detector.detector               CCD 
_diffrn_detector.type                   'ADSC QUANTUM 210' 
_diffrn_detector.pdbx_collection_date   2004-11-29 
_diffrn_detector.details                
'BENT TRIANGULAR ASYMMETRIC CUT SI(111) MONOCHROMATOR (PROVIDES HORIZONTAL FOCUSING), RH-COATED SI MIRROR FOR VERTICAL FOCUSSING' 
# 
_diffrn_radiation.diffrn_id                        1 
_diffrn_radiation.wavelength_id                    1 
_diffrn_radiation.pdbx_monochromatic_or_laue_m_l   M 
_diffrn_radiation.monochromator                    'BENT TRIANGULAR ASYMMETRIC                    CUT SI(111) MONOCHROMATOR' 
_diffrn_radiation.pdbx_diffrn_protocol             'SINGLE WAVELENGTH' 
_diffrn_radiation.pdbx_scattering_type             x-ray 
# 
_diffrn_radiation_wavelength.id           1 
_diffrn_radiation_wavelength.wavelength   0.978 
_diffrn_radiation_wavelength.wt           1.0 
# 
_diffrn_source.diffrn_id                   1 
_diffrn_source.source                      SYNCHROTRON 
_diffrn_source.type                        'CHESS BEAMLINE A1' 
_diffrn_source.pdbx_synchrotron_site       CHESS 
_diffrn_source.pdbx_synchrotron_beamline   A1 
_diffrn_source.pdbx_wavelength             0.978 
_diffrn_source.pdbx_wavelength_list        ? 
# 
_reflns.entry_id                     1ZFV 
_reflns.observed_criterion_sigma_I   -5 
_reflns.observed_criterion_sigma_F   0 
_reflns.d_resolution_low             44 
_reflns.d_resolution_high            2.40 
_reflns.number_obs                   13112 
_reflns.number_all                   ? 
_reflns.percent_possible_obs         99.8 
_reflns.pdbx_Rmerge_I_obs            ? 
_reflns.pdbx_Rsym_value              0.045 
_reflns.pdbx_netI_over_sigmaI        27.4 
_reflns.B_iso_Wilson_estimate        74.3 
_reflns.pdbx_redundancy              11.9 
_reflns.R_free_details               ? 
_reflns.pdbx_chi_squared             ? 
_reflns.pdbx_scaling_rejects         ? 
_reflns.pdbx_diffrn_id               1 
_reflns.pdbx_ordinal                 1 
# 
_reflns_shell.d_res_high             2.40 
_reflns_shell.d_res_low              2.49 
_reflns_shell.percent_possible_all   100 
_reflns_shell.Rmerge_I_obs           ? 
_reflns_shell.pdbx_Rsym_value        0.428 
_reflns_shell.meanI_over_sigI_obs    4.9 
_reflns_shell.pdbx_redundancy        11.0 
_reflns_shell.percent_possible_obs   ? 
_reflns_shell.number_unique_all      ? 
_reflns_shell.number_measured_all    ? 
_reflns_shell.number_measured_obs    ? 
_reflns_shell.number_unique_obs      ? 
_reflns_shell.pdbx_chi_squared       ? 
_reflns_shell.pdbx_diffrn_id         ? 
_reflns_shell.pdbx_ordinal           1 
# 
_refine.entry_id                                 1ZFV 
_refine.ls_number_reflns_obs                     13109 
_refine.ls_number_reflns_all                     13112 
_refine.pdbx_ls_sigma_I                          -5 
_refine.pdbx_ls_sigma_F                          0.0 
_refine.pdbx_data_cutoff_high_absF               1305392.39 
_refine.pdbx_data_cutoff_low_absF                0.000000 
_refine.pdbx_data_cutoff_high_rms_absF           ? 
_refine.ls_d_res_low                             43.77 
_refine.ls_d_res_high                            2.40 
_refine.ls_percent_reflns_obs                    99.7 
_refine.ls_R_factor_obs                          0.243 
_refine.ls_R_factor_all                          ? 
_refine.ls_R_factor_R_work                       0.243 
_refine.ls_R_factor_R_free                       0.253 
_refine.ls_R_factor_R_free_error                 0.007 
_refine.ls_R_factor_R_free_error_details         ? 
_refine.ls_percent_reflns_R_free                 9.3 
_refine.ls_number_reflns_R_free                  1214 
_refine.ls_number_parameters                     ? 
_refine.ls_number_restraints                     ? 
_refine.occupancy_min                            ? 
_refine.occupancy_max                            ? 
_refine.correlation_coeff_Fo_to_Fc               ? 
_refine.correlation_coeff_Fo_to_Fc_free          ? 
_refine.B_iso_mean                               74.9 
_refine.aniso_B[1][1]                            -13.47 
_refine.aniso_B[2][2]                            -13.47 
_refine.aniso_B[3][3]                            26.94 
_refine.aniso_B[1][2]                            -4.46 
_refine.aniso_B[1][3]                            0.00 
_refine.aniso_B[2][3]                            0.00 
_refine.solvent_model_details                    'FLAT MODEL' 
_refine.solvent_model_param_ksol                 0.349546 
_refine.solvent_model_param_bsol                 66.2932 
_refine.pdbx_solvent_vdw_probe_radii             ? 
_refine.pdbx_solvent_ion_probe_radii             ? 
_refine.pdbx_solvent_shrinkage_radii             ? 
_refine.pdbx_ls_cross_valid_method               THROUGHOUT 
_refine.details                                  'MLI TARGET USED THROUGHOUT' 
_refine.pdbx_starting_model                      'PDB ENTRY 1ZFR' 
_refine.pdbx_method_to_determine_struct          'FOURIER SYNTHESIS' 
_refine.pdbx_isotropic_thermal_model             RESTRAINED 
_refine.pdbx_stereochemistry_target_values       CNS 
_refine.pdbx_stereochem_target_val_spec_case     ? 
_refine.pdbx_R_Free_selection_details            RANDOM 
_refine.pdbx_overall_ESU_R                       ? 
_refine.pdbx_overall_ESU_R_Free                  ? 
_refine.overall_SU_ML                            ? 
_refine.overall_SU_B                             ? 
_refine.ls_redundancy_reflns_obs                 ? 
_refine.overall_SU_R_Cruickshank_DPI             ? 
_refine.overall_SU_R_free                        ? 
_refine.ls_wR_factor_R_free                      ? 
_refine.ls_wR_factor_R_work                      ? 
_refine.overall_FOM_free_R_set                   ? 
_refine.overall_FOM_work_R_set                   ? 
_refine.pdbx_refine_id                           'X-RAY DIFFRACTION' 
_refine.pdbx_diffrn_id                           1 
_refine.pdbx_TLS_residual_ADP_flag               ? 
_refine.pdbx_overall_phase_error                 ? 
_refine.pdbx_overall_SU_R_free_Cruickshank_DPI   ? 
_refine.pdbx_overall_SU_R_Blow_DPI               ? 
_refine.pdbx_overall_SU_R_free_Blow_DPI          ? 
# 
_refine_analyze.entry_id                        1ZFV 
_refine_analyze.Luzzati_coordinate_error_obs    0.44 
_refine_analyze.Luzzati_sigma_a_obs             0.82 
_refine_analyze.Luzzati_d_res_low_obs           44.00 
_refine_analyze.Luzzati_coordinate_error_free   0.49 
_refine_analyze.Luzzati_sigma_a_free            0.82 
_refine_analyze.Luzzati_d_res_low_free          ? 
_refine_analyze.number_disordered_residues      ? 
_refine_analyze.occupancy_sum_hydrogen          ? 
_refine_analyze.occupancy_sum_non_hydrogen      ? 
_refine_analyze.pdbx_refine_id                  'X-RAY DIFFRACTION' 
# 
_refine_hist.pdbx_refine_id                   'X-RAY DIFFRACTION' 
_refine_hist.cycle_id                         LAST 
_refine_hist.pdbx_number_atoms_protein        0 
_refine_hist.pdbx_number_atoms_nucleic_acid   1310 
_refine_hist.pdbx_number_atoms_ligand         12 
_refine_hist.number_atoms_solvent             34 
_refine_hist.number_atoms_total               1356 
_refine_hist.d_res_high                       2.40 
_refine_hist.d_res_low                        43.77 
# 
loop_
_refine_ls_restr.type 
_refine_ls_restr.dev_ideal 
_refine_ls_restr.dev_ideal_target 
_refine_ls_restr.weight 
_refine_ls_restr.number 
_refine_ls_restr.pdbx_refine_id 
_refine_ls_restr.pdbx_restraint_function 
c_bond_d           0.006 ?    ? ? 'X-RAY DIFFRACTION' ? 
c_angle_deg        1.5   ?    ? ? 'X-RAY DIFFRACTION' ? 
c_dihedral_angle_d 17.6  ?    ? ? 'X-RAY DIFFRACTION' ? 
c_improper_angle_d 2.19  ?    ? ? 'X-RAY DIFFRACTION' ? 
c_mcbond_it        1.71  2.50 ? ? 'X-RAY DIFFRACTION' ? 
c_mcangle_it       2.96  3.50 ? ? 'X-RAY DIFFRACTION' ? 
c_scbond_it        2.34  3.00 ? ? 'X-RAY DIFFRACTION' ? 
c_scangle_it       4.28  4.00 ? ? 'X-RAY DIFFRACTION' ? 
# 
_refine_ls_shell.pdbx_total_number_of_bins_used   4 
_refine_ls_shell.d_res_high                       2.40 
_refine_ls_shell.d_res_low                        2.64 
_refine_ls_shell.number_reflns_R_work             2878 
_refine_ls_shell.R_factor_R_work                  0.554 
_refine_ls_shell.percent_reflns_obs               100.0 
_refine_ls_shell.R_factor_R_free                  0.532 
_refine_ls_shell.R_factor_R_free_error            0.030 
_refine_ls_shell.percent_reflns_R_free            9.6 
_refine_ls_shell.number_reflns_R_free             306 
_refine_ls_shell.redundancy_reflns_obs            ? 
_refine_ls_shell.pdbx_refine_id                   'X-RAY DIFFRACTION' 
_refine_ls_shell.number_reflns_all                ? 
_refine_ls_shell.R_factor_all                     ? 
# 
loop_
_pdbx_xplor_file.serial_no 
_pdbx_xplor_file.param_file 
_pdbx_xplor_file.topol_file 
_pdbx_xplor_file.pdbx_refine_id 
1 ion.param         dna-rna.top 'X-RAY DIFFRACTION' 
2 dna-rna_rep.param cobalt.top  'X-RAY DIFFRACTION' 
3 cobalt.par        ion.top     'X-RAY DIFFRACTION' 
4 water_rep.param   water.top   'X-RAY DIFFRACTION' 
# 
_struct.entry_id                  1ZFV 
_struct.title                     'The structure of an all-RNA minimal Hairpin Ribozyme with Mutation G8A at the cleavage site' 
_struct.pdbx_model_details        ? 
_struct.pdbx_CASP_flag            ? 
_struct.pdbx_model_type_details   ? 
# 
_struct_keywords.entry_id        1ZFV 
_struct_keywords.pdbx_keywords   RNA 
_struct_keywords.text            
'HAIRPIN RIBOZYME, ALL-RNA, COBALT HEXAAMINE, MUTATION, JUNCTIONLESS, LOW SALT, S-TURN, E-LOOP, RIBOSE ZIPPER, CATALYTIC RNA, RNA' 
# 
loop_
_struct_asym.id 
_struct_asym.pdbx_blank_PDB_chainid_flag 
_struct_asym.pdbx_modified 
_struct_asym.entity_id 
_struct_asym.details 
A N N 1 ? 
B N N 2 ? 
C N N 3 ? 
D N N 4 ? 
E N N 5 ? 
F N N 6 ? 
G N N 7 ? 
H N N 7 ? 
I N N 7 ? 
J N N 7 ? 
# 
_struct_biol.id                    1 
_struct_biol.details               'The asymmetric unit comprises strands A, B, C and D, which form the biological unit' 
_struct_biol.pdbx_parent_biol_id   ? 
# 
loop_
_struct_conn.id 
_struct_conn.conn_type_id 
_struct_conn.pdbx_leaving_atom_flag 
_struct_conn.pdbx_PDB_id 
_struct_conn.ptnr1_label_asym_id 
_struct_conn.ptnr1_label_comp_id 
_struct_conn.ptnr1_label_seq_id 
_struct_conn.ptnr1_label_atom_id 
_struct_conn.pdbx_ptnr1_label_alt_id 
_struct_conn.pdbx_ptnr1_PDB_ins_code 
_struct_conn.pdbx_ptnr1_standard_comp_id 
_struct_conn.ptnr1_symmetry 
_struct_conn.ptnr2_label_asym_id 
_struct_conn.ptnr2_label_comp_id 
_struct_conn.ptnr2_label_seq_id 
_struct_conn.ptnr2_label_atom_id 
_struct_conn.pdbx_ptnr2_label_alt_id 
_struct_conn.pdbx_ptnr2_PDB_ins_code 
_struct_conn.ptnr1_auth_asym_id 
_struct_conn.ptnr1_auth_comp_id 
_struct_conn.ptnr1_auth_seq_id 
_struct_conn.ptnr2_auth_asym_id 
_struct_conn.ptnr2_auth_comp_id 
_struct_conn.ptnr2_auth_seq_id 
_struct_conn.ptnr2_symmetry 
_struct_conn.pdbx_ptnr3_label_atom_id 
_struct_conn.pdbx_ptnr3_label_seq_id 
_struct_conn.pdbx_ptnr3_label_comp_id 
_struct_conn.pdbx_ptnr3_label_asym_id 
_struct_conn.pdbx_ptnr3_label_alt_id 
_struct_conn.pdbx_ptnr3_PDB_ins_code 
_struct_conn.details 
_struct_conn.pdbx_dist_value 
_struct_conn.pdbx_value_order 
_struct_conn.pdbx_role 
hydrog1  hydrog ? ? A C 2  N3 ? ? ? 1_555 B G 12 N1 ? ? A C 2  B G 13 1_555 ? ? ? ? ? ? WATSON-CRICK         ? ? ? 
hydrog2  hydrog ? ? A C 2  N4 ? ? ? 1_555 B G 12 O6 ? ? A C 2  B G 13 1_555 ? ? ? ? ? ? WATSON-CRICK         ? ? ? 
hydrog3  hydrog ? ? A C 2  O2 ? ? ? 1_555 B G 12 N2 ? ? A C 2  B G 13 1_555 ? ? ? ? ? ? WATSON-CRICK         ? ? ? 
hydrog4  hydrog ? ? A C 3  N3 ? ? ? 1_555 B G 11 N1 ? ? A C 3  B G 12 1_555 ? ? ? ? ? ? WATSON-CRICK         ? ? ? 
hydrog5  hydrog ? ? A C 3  N4 ? ? ? 1_555 B G 11 O6 ? ? A C 3  B G 12 1_555 ? ? ? ? ? ? WATSON-CRICK         ? ? ? 
hydrog6  hydrog ? ? A C 3  O2 ? ? ? 1_555 B G 11 N2 ? ? A C 3  B G 12 1_555 ? ? ? ? ? ? WATSON-CRICK         ? ? ? 
hydrog7  hydrog ? ? A C 4  N3 ? ? ? 1_555 B G 10 N1 ? ? A C 4  B G 11 1_555 ? ? ? ? ? ? WATSON-CRICK         ? ? ? 
hydrog8  hydrog ? ? A C 4  N4 ? ? ? 1_555 B G 10 O6 ? ? A C 4  B G 11 1_555 ? ? ? ? ? ? WATSON-CRICK         ? ? ? 
hydrog9  hydrog ? ? A C 4  O2 ? ? ? 1_555 B G 10 N2 ? ? A C 4  B G 11 1_555 ? ? ? ? ? ? WATSON-CRICK         ? ? ? 
hydrog10 hydrog ? ? A A 5  N3 ? ? ? 1_555 B A 8  N6 ? ? A A 5  B A 9  1_555 ? ? ? ? ? ? 'A-A MISPAIR'        ? ? ? 
hydrog11 hydrog ? ? A A 5  N3 ? ? ? 1_555 B A 9  N6 ? ? A A 5  B A 10 1_555 ? ? ? ? ? ? 'A-A MISPAIR'        ? ? ? 
hydrog12 hydrog ? ? A G 6  N1 ? ? ? 1_555 C C 11 N3 ? ? A G 6  C C 25 1_555 ? ? ? ? ? ? WATSON-CRICK         ? ? ? 
hydrog13 hydrog ? ? A G 6  N2 ? ? ? 1_555 C C 11 O2 ? ? A G 6  C C 25 1_555 ? ? ? ? ? ? WATSON-CRICK         ? ? ? 
hydrog14 hydrog ? ? A G 6  O6 ? ? ? 1_555 C C 11 N4 ? ? A G 6  C C 25 1_555 ? ? ? ? ? ? WATSON-CRICK         ? ? ? 
hydrog15 hydrog ? ? A C 8  N4 ? ? ? 1_555 B A 6  N1 ? ? A C 8  B A 7  1_555 ? ? ? ? ? ? 'C-A MISPAIR'        ? ? ? 
hydrog16 hydrog ? ? A C 9  N3 ? ? ? 1_555 B G 5  N1 ? ? A C 9  B G 6  1_555 ? ? ? ? ? ? WATSON-CRICK         ? ? ? 
hydrog17 hydrog ? ? A C 9  N4 ? ? ? 1_555 B G 5  O6 ? ? A C 9  B G 6  1_555 ? ? ? ? ? ? WATSON-CRICK         ? ? ? 
hydrog18 hydrog ? ? A C 9  O2 ? ? ? 1_555 B G 5  N2 ? ? A C 9  B G 6  1_555 ? ? ? ? ? ? WATSON-CRICK         ? ? ? 
hydrog19 hydrog ? ? A A 10 N1 ? ? ? 1_555 B U 4  N3 ? ? A A 10 B U 5  1_555 ? ? ? ? ? ? WATSON-CRICK         ? ? ? 
hydrog20 hydrog ? ? A A 10 N6 ? ? ? 1_555 B U 4  O4 ? ? A A 10 B U 5  1_555 ? ? ? ? ? ? WATSON-CRICK         ? ? ? 
hydrog21 hydrog ? ? A C 11 N3 ? ? ? 1_555 B G 3  N1 ? ? A C 11 B G 4  1_555 ? ? ? ? ? ? WATSON-CRICK         ? ? ? 
hydrog22 hydrog ? ? A C 11 N4 ? ? ? 1_555 B G 3  O6 ? ? A C 11 B G 4  1_555 ? ? ? ? ? ? WATSON-CRICK         ? ? ? 
hydrog23 hydrog ? ? A C 11 O2 ? ? ? 1_555 B G 3  N2 ? ? A C 11 B G 4  1_555 ? ? ? ? ? ? WATSON-CRICK         ? ? ? 
hydrog24 hydrog ? ? A C 12 N3 ? ? ? 1_555 B G 2  N1 ? ? A C 12 B G 3  1_555 ? ? ? ? ? ? WATSON-CRICK         ? ? ? 
hydrog25 hydrog ? ? A C 12 N4 ? ? ? 1_555 B G 2  O6 ? ? A C 12 B G 3  1_555 ? ? ? ? ? ? WATSON-CRICK         ? ? ? 
hydrog26 hydrog ? ? A C 12 O2 ? ? ? 1_555 B G 2  N2 ? ? A C 12 B G 3  1_555 ? ? ? ? ? ? WATSON-CRICK         ? ? ? 
hydrog27 hydrog ? ? A G 13 N1 ? ? ? 1_555 B C 1  N3 ? ? A G 13 B C 2  1_555 ? ? ? ? ? ? WATSON-CRICK         ? ? ? 
hydrog28 hydrog ? ? A G 13 N2 ? ? ? 1_555 B C 1  O2 ? ? A G 13 B C 2  1_555 ? ? ? ? ? ? WATSON-CRICK         ? ? ? 
hydrog29 hydrog ? ? A G 13 O6 ? ? ? 1_555 B C 1  N4 ? ? A G 13 B C 2  1_555 ? ? ? ? ? ? WATSON-CRICK         ? ? ? 
hydrog30 hydrog ? ? C G 1  N1 ? ? ? 1_555 D C 19 N3 ? ? C G 15 D C 49 1_555 ? ? ? ? ? ? WATSON-CRICK         ? ? ? 
hydrog31 hydrog ? ? C G 1  N2 ? ? ? 1_555 D C 19 O2 ? ? C G 15 D C 49 1_555 ? ? ? ? ? ? WATSON-CRICK         ? ? ? 
hydrog32 hydrog ? ? C G 1  O6 ? ? ? 1_555 D C 19 N4 ? ? C G 15 D C 49 1_555 ? ? ? ? ? ? WATSON-CRICK         ? ? ? 
hydrog33 hydrog ? ? C G 2  N1 ? ? ? 1_555 D C 18 N3 ? ? C G 16 D C 48 1_555 ? ? ? ? ? ? WATSON-CRICK         ? ? ? 
hydrog34 hydrog ? ? C G 2  N2 ? ? ? 1_555 D C 18 O2 ? ? C G 16 D C 48 1_555 ? ? ? ? ? ? WATSON-CRICK         ? ? ? 
hydrog35 hydrog ? ? C G 2  O6 ? ? ? 1_555 D C 18 N4 ? ? C G 16 D C 48 1_555 ? ? ? ? ? ? WATSON-CRICK         ? ? ? 
hydrog36 hydrog ? ? C C 3  N3 ? ? ? 1_555 D G 17 N1 ? ? C C 17 D G 47 1_555 ? ? ? ? ? ? WATSON-CRICK         ? ? ? 
hydrog37 hydrog ? ? C C 3  N4 ? ? ? 1_555 D G 17 O6 ? ? C C 17 D G 47 1_555 ? ? ? ? ? ? WATSON-CRICK         ? ? ? 
hydrog38 hydrog ? ? C C 3  O2 ? ? ? 1_555 D G 17 N2 ? ? C C 17 D G 47 1_555 ? ? ? ? ? ? WATSON-CRICK         ? ? ? 
hydrog39 hydrog ? ? C A 4  N1 ? ? ? 1_555 D U 16 N3 ? ? C A 18 D U 46 1_555 ? ? ? ? ? ? WATSON-CRICK         ? ? ? 
hydrog40 hydrog ? ? C A 4  N6 ? ? ? 1_555 D U 16 O4 ? ? C A 18 D U 46 1_555 ? ? ? ? ? ? WATSON-CRICK         ? ? ? 
hydrog41 hydrog ? ? C G 5  N1 ? ? ? 1_555 D C 15 N3 ? ? C G 19 D C 45 1_555 ? ? ? ? ? ? WATSON-CRICK         ? ? ? 
hydrog42 hydrog ? ? C G 5  N2 ? ? ? 1_555 D C 15 O2 ? ? C G 19 D C 45 1_555 ? ? ? ? ? ? WATSON-CRICK         ? ? ? 
hydrog43 hydrog ? ? C G 5  O6 ? ? ? 1_555 D C 15 N4 ? ? C G 19 D C 45 1_555 ? ? ? ? ? ? WATSON-CRICK         ? ? ? 
hydrog44 hydrog ? ? C A 6  N1 ? ? ? 1_555 D C 14 N4 ? ? C A 20 D C 44 1_555 ? ? ? ? ? ? 'A-C MISPAIR'        ? ? ? 
hydrog45 hydrog ? ? C G 7  N2 ? ? ? 1_555 D A 13 N7 ? ? C G 21 D A 43 1_555 ? ? ? ? ? ? TYPE_11_PAIR         ? ? ? 
hydrog46 hydrog ? ? C G 7  N3 ? ? ? 1_555 D A 13 N6 ? ? C G 21 D A 43 1_555 ? ? ? ? ? ? TYPE_11_PAIR         ? ? ? 
hydrog47 hydrog ? ? C A 8  N6 ? ? ? 1_555 D U 11 O2 ? ? C A 22 D U 41 1_555 ? ? ? ? ? ? 'REVERSED HOOGSTEEN' ? ? ? 
hydrog48 hydrog ? ? C A 8  N7 ? ? ? 1_555 D U 11 N3 ? ? C A 22 D U 41 1_555 ? ? ? ? ? ? 'REVERSED HOOGSTEEN' ? ? ? 
hydrog49 hydrog ? ? C A 9  N6 ? ? ? 1_555 D A 10 N1 ? ? C A 23 D A 40 1_555 ? ? ? ? ? ? 'A-A MISPAIR'        ? ? ? 
hydrog50 hydrog ? ? C A 10 N6 ? ? ? 1_555 D A 8  N7 ? ? C A 24 D A 38 1_555 ? ? ? ? ? ? 'A-A MISPAIR'        ? ? ? 
hydrog51 hydrog ? ? C A 12 N1 ? ? ? 1_555 D G 6  N1 ? ? C A 26 D G 36 1_555 ? ? ? ? ? ? TYPE_8_PAIR          ? ? ? 
hydrog52 hydrog ? ? C A 12 N6 ? ? ? 1_555 D G 6  O6 ? ? C A 26 D G 36 1_555 ? ? ? ? ? ? TYPE_8_PAIR          ? ? ? 
hydrog53 hydrog ? ? C C 13 N3 ? ? ? 1_555 D G 5  N1 ? ? C C 27 D G 35 1_555 ? ? ? ? ? ? WATSON-CRICK         ? ? ? 
hydrog54 hydrog ? ? C C 13 N4 ? ? ? 1_555 D G 5  O6 ? ? C C 27 D G 35 1_555 ? ? ? ? ? ? WATSON-CRICK         ? ? ? 
hydrog55 hydrog ? ? C C 13 O2 ? ? ? 1_555 D G 5  N2 ? ? C C 27 D G 35 1_555 ? ? ? ? ? ? WATSON-CRICK         ? ? ? 
hydrog56 hydrog ? ? C A 14 N1 ? ? ? 1_555 D U 4  N3 ? ? C A 28 D U 34 1_555 ? ? ? ? ? ? WATSON-CRICK         ? ? ? 
hydrog57 hydrog ? ? C A 14 N6 ? ? ? 1_555 D U 4  O4 ? ? C A 28 D U 34 1_555 ? ? ? ? ? ? WATSON-CRICK         ? ? ? 
hydrog58 hydrog ? ? C C 15 N3 ? ? ? 1_555 D G 3  N1 ? ? C C 29 D G 33 1_555 ? ? ? ? ? ? WATSON-CRICK         ? ? ? 
hydrog59 hydrog ? ? C C 15 N4 ? ? ? 1_555 D G 3  O6 ? ? C C 29 D G 33 1_555 ? ? ? ? ? ? WATSON-CRICK         ? ? ? 
hydrog60 hydrog ? ? C C 15 O2 ? ? ? 1_555 D G 3  N2 ? ? C C 29 D G 33 1_555 ? ? ? ? ? ? WATSON-CRICK         ? ? ? 
hydrog61 hydrog ? ? C G 16 N1 ? ? ? 1_555 D C 2  N3 ? ? C G 30 D C 32 1_555 ? ? ? ? ? ? WATSON-CRICK         ? ? ? 
hydrog62 hydrog ? ? C G 16 N2 ? ? ? 1_555 D C 2  O2 ? ? C G 30 D C 32 1_555 ? ? ? ? ? ? WATSON-CRICK         ? ? ? 
hydrog63 hydrog ? ? C G 16 O6 ? ? ? 1_555 D C 2  N4 ? ? C G 30 D C 32 1_555 ? ? ? ? ? ? WATSON-CRICK         ? ? ? 
hydrog64 hydrog ? ? C A 17 N1 ? ? ? 1_555 D U 1  N3 ? ? C A 31 D U 31 1_555 ? ? ? ? ? ? WATSON-CRICK         ? ? ? 
hydrog65 hydrog ? ? C A 17 N6 ? ? ? 1_555 D U 1  O4 ? ? C A 31 D U 31 1_555 ? ? ? ? ? ? WATSON-CRICK         ? ? ? 
# 
_struct_conn_type.id          hydrog 
_struct_conn_type.criteria    ? 
_struct_conn_type.reference   ? 
# 
loop_
_struct_site.id 
_struct_site.pdbx_evidence_code 
_struct_site.pdbx_auth_asym_id 
_struct_site.pdbx_auth_comp_id 
_struct_site.pdbx_auth_seq_id 
_struct_site.pdbx_auth_ins_code 
_struct_site.pdbx_num_residues 
_struct_site.details 
AC1 Software A SO4 102 ? 2 'BINDING SITE FOR RESIDUE SO4 A 102' 
AC2 Software D NCO 101 ? 4 'BINDING SITE FOR RESIDUE NCO D 101' 
# 
loop_
_struct_site_gen.id 
_struct_site_gen.site_id 
_struct_site_gen.pdbx_num_res 
_struct_site_gen.label_comp_id 
_struct_site_gen.label_asym_id 
_struct_site_gen.label_seq_id 
_struct_site_gen.pdbx_auth_ins_code 
_struct_site_gen.auth_comp_id 
_struct_site_gen.auth_asym_id 
_struct_site_gen.auth_seq_id 
_struct_site_gen.label_atom_id 
_struct_site_gen.label_alt_id 
_struct_site_gen.symmetry 
_struct_site_gen.details 
1 AC1 2 C   A 2  ? C   A 2   . ? 1_555 ? 
2 AC1 2 HOH G .  ? HOH A 104 . ? 1_555 ? 
3 AC2 4 A   C 6  ? A   C 20  . ? 1_555 ? 
4 AC2 4 G   C 7  ? G   C 21  . ? 1_555 ? 
5 AC2 4 A   D 10 ? A   D 40  . ? 1_555 ? 
6 AC2 4 U   D 11 ? U   D 41  . ? 1_555 ? 
# 
_atom_sites.entry_id                    1ZFV 
_atom_sites.fract_transf_matrix[1][1]   0.00535645 
_atom_sites.fract_transf_matrix[1][2]   0.00361765 
_atom_sites.fract_transf_matrix[1][3]   -0.01052145 
_atom_sites.fract_transf_matrix[2][1]   0.01167870 
_atom_sites.fract_transf_matrix[2][2]   -0.00320976 
_atom_sites.fract_transf_matrix[2][3]   -0.00240385 
_atom_sites.fract_transf_matrix[3][1]   -0.00258216 
_atom_sites.fract_transf_matrix[3][2]   -0.00668838 
_atom_sites.fract_transf_matrix[3][3]   -0.00361427 
_atom_sites.fract_transf_vector[1]      0.430694 
_atom_sites.fract_transf_vector[2]      0.212402 
_atom_sites.fract_transf_vector[3]      0.384026 
# 
loop_
_atom_type.symbol 
C  
CO 
N  
O  
P  
S  
# 
loop_
_atom_site.group_PDB 
_atom_site.id 
_atom_site.type_symbol 
_atom_site.label_atom_id 
_atom_site.label_alt_id 
_atom_site.label_comp_id 
_atom_site.label_asym_id 
_atom_site.label_entity_id 
_atom_site.label_seq_id 
_atom_site.pdbx_PDB_ins_code 
_atom_site.Cartn_x 
_atom_site.Cartn_y 
_atom_site.Cartn_z 
_atom_site.occupancy 
_atom_site.B_iso_or_equiv 
_atom_site.pdbx_formal_charge 
_atom_site.auth_seq_id 
_atom_site.auth_comp_id 
_atom_site.auth_asym_id 
_atom_site.auth_atom_id 
_atom_site.pdbx_PDB_model_num 
ATOM   1    O  "O5'" A U   A 1 1  ? 10.091  -8.331  -15.352 0.50 87.30  ? 1   U   A "O5'" 1 
ATOM   2    O  "O5'" B U   A 1 1  ? 9.912   -7.566  -14.746 0.50 84.09  ? 1   U   A "O5'" 1 
ATOM   3    C  "C5'" A U   A 1 1  ? 10.562  -9.621  -15.756 0.50 84.66  ? 1   U   A "C5'" 1 
ATOM   4    C  "C5'" B U   A 1 1  ? 10.394  -8.716  -15.446 0.50 83.27  ? 1   U   A "C5'" 1 
ATOM   5    C  "C4'" A U   A 1 1  ? 11.273  -10.328 -14.625 0.50 84.38  ? 1   U   A "C4'" 1 
ATOM   6    C  "C4'" B U   A 1 1  ? 11.174  -9.642  -14.542 0.50 81.76  ? 1   U   A "C4'" 1 
ATOM   7    O  "O4'" A U   A 1 1  ? 12.609  -9.780  -14.434 0.50 84.87  ? 1   U   A "O4'" 1 
ATOM   8    O  "O4'" B U   A 1 1  ? 12.473  -9.070  -14.221 0.50 80.85  ? 1   U   A "O4'" 1 
ATOM   9    C  "C3'" A U   A 1 1  ? 10.610  -10.156 -13.273 0.50 83.96  ? 1   U   A "C3'" 1 
ATOM   10   C  "C3'" B U   A 1 1  ? 10.553  -9.874  -13.177 0.50 81.75  ? 1   U   A "C3'" 1 
ATOM   11   O  "O3'" A U   A 1 1  ? 9.536   -11.066 -13.136 0.50 82.02  ? 1   U   A "O3'" 1 
ATOM   12   O  "O3'" B U   A 1 1  ? 9.529   -10.852 -13.200 0.50 81.28  ? 1   U   A "O3'" 1 
ATOM   13   C  "C2'" A U   A 1 1  ? 11.773  -10.403 -12.321 0.50 82.75  ? 1   U   A "C2'" 1 
ATOM   14   C  "C2'" B U   A 1 1  ? 11.730  -10.351 -12.342 0.50 80.02  ? 1   U   A "C2'" 1 
ATOM   15   O  "O2'" A U   A 1 1  ? 12.136  -11.762 -12.195 0.50 84.18  ? 1   U   A "O2'" 1 
ATOM   16   O  "O2'" B U   A 1 1  ? 12.003  -11.730 -12.471 0.50 82.13  ? 1   U   A "O2'" 1 
ATOM   17   C  "C1'" A U   A 1 1  ? 12.884  -9.651  -13.047 0.50 81.66  ? 1   U   A "C1'" 1 
ATOM   18   C  "C1'" B U   A 1 1  ? 12.875  -9.558  -12.957 0.50 77.85  ? 1   U   A "C1'" 1 
ATOM   19   N  N1    A U   A 1 1  ? 12.819  -8.224  -12.723 0.50 79.98  ? 1   U   A N1    1 
ATOM   20   N  N1    B U   A 1 1  ? 13.351  -8.457  -12.118 0.50 75.04  ? 1   U   A N1    1 
ATOM   21   C  C2    A U   A 1 1  ? 13.465  -7.780  -11.584 0.50 80.41  ? 1   U   A C2    1 
ATOM   22   C  C2    B U   A 1 1  ? 12.832  -7.184  -12.299 0.50 74.08  ? 1   U   A C2    1 
ATOM   23   O  O2    A U   A 1 1  ? 14.114  -8.521  -10.853 0.50 81.00  ? 1   U   A O2    1 
ATOM   24   O  O2    B U   A 1 1  ? 12.018  -6.904  -13.171 0.50 73.86  ? 1   U   A O2    1 
ATOM   25   N  N3    A U   A 1 1  ? 13.324  -6.435  -11.332 0.50 80.01  ? 1   U   A N3    1 
ATOM   26   N  N3    B U   A 1 1  ? 13.320  -6.249  -11.423 0.50 72.70  ? 1   U   A N3    1 
ATOM   27   C  C4    A U   A 1 1  ? 12.621  -5.517  -12.096 0.50 79.84  ? 1   U   A C4    1 
ATOM   28   C  C4    B U   A 1 1  ? 14.251  -6.460  -10.426 0.50 71.98  ? 1   U   A C4    1 
ATOM   29   O  O4    A U   A 1 1  ? 12.580  -4.340  -11.741 0.50 80.09  ? 1   U   A O4    1 
ATOM   30   O  O4    B U   A 1 1  ? 14.598  -5.521  -9.729  0.50 68.49  ? 1   U   A O4    1 
ATOM   31   C  C5    A U   A 1 1  ? 11.994  -6.060  -13.260 0.50 79.67  ? 1   U   A C5    1 
ATOM   32   C  C5    B U   A 1 1  ? 14.730  -7.792  -10.311 0.50 72.57  ? 1   U   A C5    1 
ATOM   33   C  C6    A U   A 1 1  ? 12.115  -7.359  -13.526 0.50 79.27  ? 1   U   A C6    1 
ATOM   34   C  C6    B U   A 1 1  ? 14.280  -8.719  -11.142 0.50 74.50  ? 1   U   A C6    1 
ATOM   35   P  P     . C   A 1 2  ? 8.293   -10.664 -12.222 1.00 81.02  ? 2   C   A P     1 
ATOM   36   O  OP1   . C   A 1 2  ? 7.654   -11.972 -11.914 1.00 76.03  ? 2   C   A OP1   1 
ATOM   37   O  OP2   . C   A 1 2  ? 7.483   -9.545  -12.797 1.00 78.31  ? 2   C   A OP2   1 
ATOM   38   O  "O5'" . C   A 1 2  ? 8.997   -10.150 -10.897 1.00 71.83  ? 2   C   A "O5'" 1 
ATOM   39   C  "C5'" . C   A 1 2  ? 8.821   -10.873 -9.716  1.00 66.55  ? 2   C   A "C5'" 1 
ATOM   40   C  "C4'" . C   A 1 2  ? 9.969   -10.675 -8.779  1.00 62.66  ? 2   C   A "C4'" 1 
ATOM   41   O  "O4'" . C   A 1 2  ? 10.859  -9.653  -9.308  1.00 64.44  ? 2   C   A "O4'" 1 
ATOM   42   C  "C3'" . C   A 1 2  ? 9.460   -10.140 -7.468  1.00 61.73  ? 2   C   A "C3'" 1 
ATOM   43   O  "O3'" . C   A 1 2  ? 8.662   -10.927 -6.610  1.00 64.28  ? 2   C   A "O3'" 1 
ATOM   44   C  "C2'" . C   A 1 2  ? 10.233  -8.881  -7.111  1.00 57.78  ? 2   C   A "C2'" 1 
ATOM   45   O  "O2'" . C   A 1 2  ? 11.115  -9.105  -6.033  1.00 58.92  ? 2   C   A "O2'" 1 
ATOM   46   C  "C1'" . C   A 1 2  ? 11.060  -8.615  -8.359  1.00 51.76  ? 2   C   A "C1'" 1 
ATOM   47   N  N1    . C   A 1 2  ? 10.604  -7.345  -8.950  1.00 50.98  ? 2   C   A N1    1 
ATOM   48   C  C2    . C   A 1 2  ? 10.882  -6.127  -8.265  1.00 49.14  ? 2   C   A C2    1 
ATOM   49   O  O2    . C   A 1 2  ? 11.528  -6.156  -7.194  1.00 49.01  ? 2   C   A O2    1 
ATOM   50   N  N3    . C   A 1 2  ? 10.438  -4.955  -8.795  1.00 42.07  ? 2   C   A N3    1 
ATOM   51   C  C4    . C   A 1 2  ? 9.754   -4.954  -9.949  1.00 47.53  ? 2   C   A C4    1 
ATOM   52   N  N4    . C   A 1 2  ? 9.332   -3.776  -10.434 1.00 43.48  ? 2   C   A N4    1 
ATOM   53   C  C5    . C   A 1 2  ? 9.468   -6.169  -10.662 1.00 49.35  ? 2   C   A C5    1 
ATOM   54   C  C6    . C   A 1 2  ? 9.909   -7.327  -10.129 1.00 46.87  ? 2   C   A C6    1 
ATOM   55   P  P     . C   A 1 3  ? 7.137   -10.474 -6.341  1.00 61.10  ? 3   C   A P     1 
ATOM   56   O  OP1   . C   A 1 3  ? 6.299   -11.674 -6.137  1.00 70.47  ? 3   C   A OP1   1 
ATOM   57   O  OP2   . C   A 1 3  ? 6.750   -9.480  -7.369  1.00 60.43  ? 3   C   A OP2   1 
ATOM   58   O  "O5'" . C   A 1 3  ? 7.288   -9.695  -4.970  1.00 60.39  ? 3   C   A "O5'" 1 
ATOM   59   C  "C5'" . C   A 1 3  ? 8.415   -8.878  -4.802  1.00 53.62  ? 3   C   A "C5'" 1 
ATOM   60   C  "C4'" . C   A 1 3  ? 8.456   -8.273  -3.443  1.00 58.55  ? 3   C   A "C4'" 1 
ATOM   61   O  "O4'" . C   A 1 3  ? 9.295   -7.111  -3.585  1.00 63.55  ? 3   C   A "O4'" 1 
ATOM   62   C  "C3'" . C   A 1 3  ? 7.162   -7.834  -2.798  1.00 59.15  ? 3   C   A "C3'" 1 
ATOM   63   O  "O3'" . C   A 1 3  ? 6.552   -8.730  -1.875  1.00 63.09  ? 3   C   A "O3'" 1 
ATOM   64   C  "C2'" . C   A 1 3  ? 7.325   -6.350  -2.460  1.00 64.28  ? 3   C   A "C2'" 1 
ATOM   65   O  "O2'" . C   A 1 3  ? 7.589   -6.148  -1.082  1.00 67.34  ? 3   C   A "O2'" 1 
ATOM   66   C  "C1'" . C   A 1 3  ? 8.602   -5.954  -3.200  1.00 60.39  ? 3   C   A "C1'" 1 
ATOM   67   N  N1    . C   A 1 3  ? 8.210   -5.258  -4.452  1.00 59.08  ? 3   C   A N1    1 
ATOM   68   C  C2    . C   A 1 3  ? 8.096   -3.875  -4.449  1.00 59.05  ? 3   C   A C2    1 
ATOM   69   O  O2    . C   A 1 3  ? 8.366   -3.266  -3.408  1.00 62.44  ? 3   C   A O2    1 
ATOM   70   N  N3    . C   A 1 3  ? 7.696   -3.236  -5.578  1.00 57.77  ? 3   C   A N3    1 
ATOM   71   C  C4    . C   A 1 3  ? 7.418   -3.940  -6.680  1.00 56.89  ? 3   C   A C4    1 
ATOM   72   N  N4    . C   A 1 3  ? 7.010   -3.275  -7.765  1.00 53.45  ? 3   C   A N4    1 
ATOM   73   C  C5    . C   A 1 3  ? 7.543   -5.352  -6.719  1.00 54.80  ? 3   C   A C5    1 
ATOM   74   C  C6    . C   A 1 3  ? 7.941   -5.964  -5.595  1.00 57.96  ? 3   C   A C6    1 
ATOM   75   P  P     . C   A 1 4  ? 4.958   -8.670  -1.663  1.00 61.77  ? 4   C   A P     1 
ATOM   76   O  OP1   . C   A 1 4  ? 4.613   -9.254  -0.348  1.00 65.70  ? 4   C   A OP1   1 
ATOM   77   O  OP2   . C   A 1 4  ? 4.245   -9.138  -2.880  1.00 58.16  ? 4   C   A OP2   1 
ATOM   78   O  "O5'" . C   A 1 4  ? 4.742   -7.109  -1.566  1.00 60.43  ? 4   C   A "O5'" 1 
ATOM   79   C  "C5'" . C   A 1 4  ? 3.608   -6.586  -0.952  1.00 60.39  ? 4   C   A "C5'" 1 
ATOM   80   C  "C4'" . C   A 1 4  ? 3.920   -5.257  -0.339  1.00 59.74  ? 4   C   A "C4'" 1 
ATOM   81   O  "O4'" . C   A 1 4  ? 4.833   -4.542  -1.199  1.00 56.54  ? 4   C   A "O4'" 1 
ATOM   82   C  "C3'" . C   A 1 4  ? 2.674   -4.434  -0.219  1.00 61.46  ? 4   C   A "C3'" 1 
ATOM   83   O  "O3'" . C   A 1 4  ? 1.977   -4.599  0.994   1.00 68.90  ? 4   C   A "O3'" 1 
ATOM   84   C  "C2'" . C   A 1 4  ? 2.925   -3.103  -0.916  1.00 61.89  ? 4   C   A "C2'" 1 
ATOM   85   O  "O2'" . C   A 1 4  ? 3.004   -2.033  -0.007  1.00 64.66  ? 4   C   A "O2'" 1 
ATOM   86   C  "C1'" . C   A 1 4  ? 4.293   -3.292  -1.573  1.00 56.52  ? 4   C   A "C1'" 1 
ATOM   87   N  N1    . C   A 1 4  ? 4.194   -3.278  -3.049  1.00 55.89  ? 4   C   A N1    1 
ATOM   88   C  C2    . C   A 1 4  ? 4.053   -2.061  -3.724  1.00 55.69  ? 4   C   A C2    1 
ATOM   89   O  O2    . C   A 1 4  ? 3.979   -1.022  -3.069  1.00 61.99  ? 4   C   A O2    1 
ATOM   90   N  N3    . C   A 1 4  ? 3.987   -2.052  -5.075  1.00 55.64  ? 4   C   A N3    1 
ATOM   91   C  C4    . C   A 1 4  ? 4.040   -3.205  -5.751  1.00 55.96  ? 4   C   A C4    1 
ATOM   92   N  N4    . C   A 1 4  ? 3.978   -3.156  -7.089  1.00 55.08  ? 4   C   A N4    1 
ATOM   93   C  C5    . C   A 1 4  ? 4.161   -4.458  -5.091  1.00 54.33  ? 4   C   A C5    1 
ATOM   94   C  C6    . C   A 1 4  ? 4.241   -4.447  -3.753  1.00 56.83  ? 4   C   A C6    1 
ATOM   95   P  P     . A   A 1 5  ? 0.647   -5.506  0.986   1.00 72.34  ? 5   A   A P     1 
ATOM   96   O  OP1   . A   A 1 5  ? 0.365   -6.001  2.362   1.00 80.45  ? 5   A   A OP1   1 
ATOM   97   O  OP2   . A   A 1 5  ? 0.751   -6.468  -0.143  1.00 64.33  ? 5   A   A OP2   1 
ATOM   98   O  "O5'" . A   A 1 5  ? -0.452  -4.458  0.555   1.00 75.18  ? 5   A   A "O5'" 1 
ATOM   99   C  "C5'" . A   A 1 5  ? -0.333  -3.935  -0.727  1.00 76.29  ? 5   A   A "C5'" 1 
ATOM   100  C  "C4'" . A   A 1 5  ? -0.915  -2.575  -0.849  1.00 72.23  ? 5   A   A "C4'" 1 
ATOM   101  O  "O4'" . A   A 1 5  ? -0.180  -1.986  -1.943  1.00 74.46  ? 5   A   A "O4'" 1 
ATOM   102  C  "C3'" . A   A 1 5  ? -2.369  -2.504  -1.259  1.00 74.20  ? 5   A   A "C3'" 1 
ATOM   103  O  "O3'" . A   A 1 5  ? -3.425  -2.161  -0.381  1.00 77.86  ? 5   A   A "O3'" 1 
ATOM   104  C  "C2'" . A   A 1 5  ? -2.421  -2.272  -2.761  1.00 73.75  ? 5   A   A "C2'" 1 
ATOM   105  O  "O2'" . A   A 1 5  ? -3.012  -0.990  -2.935  1.00 71.29  ? 5   A   A "O2'" 1 
ATOM   106  C  "C1'" . A   A 1 5  ? -0.948  -2.057  -3.130  1.00 70.93  ? 5   A   A "C1'" 1 
ATOM   107  N  N9    . A   A 1 5  ? -0.450  -3.243  -3.858  1.00 66.76  ? 5   A   A N9    1 
ATOM   108  C  C8    . A   A 1 5  ? -0.047  -4.424  -3.269  1.00 65.82  ? 5   A   A C8    1 
ATOM   109  N  N7    . A   A 1 5  ? 0.375   -5.329  -4.107  1.00 66.14  ? 5   A   A N7    1 
ATOM   110  C  C5    . A   A 1 5  ? 0.252   -4.718  -5.343  1.00 64.50  ? 5   A   A C5    1 
ATOM   111  C  C6    . A   A 1 5  ? 0.550   -5.167  -6.638  1.00 63.32  ? 5   A   A C6    1 
ATOM   112  N  N6    . A   A 1 5  ? 1.074   -6.367  -6.897  1.00 64.37  ? 5   A   A N6    1 
ATOM   113  N  N1    . A   A 1 5  ? 0.296   -4.336  -7.667  1.00 61.56  ? 5   A   A N1    1 
ATOM   114  C  C2    . A   A 1 5  ? -0.216  -3.128  -7.398  1.00 61.56  ? 5   A   A C2    1 
ATOM   115  N  N3    . A   A 1 5  ? -0.531  -2.580  -6.218  1.00 63.86  ? 5   A   A N3    1 
ATOM   116  C  C4    . A   A 1 5  ? -0.269  -3.435  -5.212  1.00 64.18  ? 5   A   A C4    1 
ATOM   117  P  P     . G   A 1 6  ? -4.676  -3.163  -0.224  1.00 76.79  ? 6   G   A P     1 
ATOM   118  O  OP1   . G   A 1 6  ? -4.519  -3.807  1.108   1.00 74.96  ? 6   G   A OP1   1 
ATOM   119  O  OP2   . G   A 1 6  ? -4.770  -4.009  -1.448  1.00 72.84  ? 6   G   A OP2   1 
ATOM   120  O  "O5'" . G   A 1 6  ? -5.954  -2.208  -0.129  1.00 75.42  ? 6   G   A "O5'" 1 
ATOM   121  C  "C5'" . G   A 1 6  ? -6.219  -1.166  -1.081  1.00 68.63  ? 6   G   A "C5'" 1 
ATOM   122  C  "C4'" . G   A 1 6  ? -7.407  -0.352  -0.610  1.00 67.88  ? 6   G   A "C4'" 1 
ATOM   123  O  "O4'" . G   A 1 6  ? -6.973  0.638   0.374   1.00 65.07  ? 6   G   A "O4'" 1 
ATOM   124  C  "C3'" . G   A 1 6  ? -8.029  0.446   -1.754  1.00 67.63  ? 6   G   A "C3'" 1 
ATOM   125  O  "O3'" . G   A 1 6  ? -9.453  0.345   -1.758  1.00 75.90  ? 6   G   A "O3'" 1 
ATOM   126  C  "C2'" . G   A 1 6  ? -7.482  1.868   -1.630  1.00 64.98  ? 6   G   A "C2'" 1 
ATOM   127  O  "O2'" . G   A 1 6  ? -8.491  2.824   -1.853  1.00 71.77  ? 6   G   A "O2'" 1 
ATOM   128  C  "C1'" . G   A 1 6  ? -7.168  1.926   -0.144  1.00 60.49  ? 6   G   A "C1'" 1 
ATOM   129  N  N9    . G   A 1 6  ? -6.251  2.903   0.439   1.00 56.33  ? 6   G   A N9    1 
ATOM   130  C  C8    . G   A 1 6  ? -6.315  3.401   1.721   1.00 55.54  ? 6   G   A C8    1 
ATOM   131  N  N7    . G   A 1 6  ? -5.463  4.362   1.939   1.00 53.14  ? 6   G   A N7    1 
ATOM   132  C  C5    . G   A 1 6  ? -4.771  4.489   0.739   1.00 52.36  ? 6   G   A C5    1 
ATOM   133  C  C6    . G   A 1 6  ? -3.736  5.397   0.355   1.00 51.59  ? 6   G   A C6    1 
ATOM   134  O  O6    . G   A 1 6  ? -3.232  6.322   1.010   1.00 54.98  ? 6   G   A O6    1 
ATOM   135  N  N1    . G   A 1 6  ? -3.304  5.156   -0.945  1.00 50.32  ? 6   G   A N1    1 
ATOM   136  C  C2    . G   A 1 6  ? -3.817  4.185   -1.780  1.00 50.71  ? 6   G   A C2    1 
ATOM   137  N  N2    . G   A 1 6  ? -3.261  4.094   -2.991  1.00 49.81  ? 6   G   A N2    1 
ATOM   138  N  N3    . G   A 1 6  ? -4.799  3.365   -1.448  1.00 49.15  ? 6   G   A N3    1 
ATOM   139  C  C4    . G   A 1 6  ? -5.224  3.567   -0.184  1.00 52.31  ? 6   G   A C4    1 
ATOM   140  P  P     . U   A 1 7  ? -10.206 -0.524  -2.873  1.00 79.13  ? 7   U   A P     1 
ATOM   141  O  OP1   . U   A 1 7  ? -11.601 -0.690  -2.407  1.00 80.10  ? 7   U   A OP1   1 
ATOM   142  O  OP2   . U   A 1 7  ? -9.388  -1.717  -3.171  1.00 77.76  ? 7   U   A OP2   1 
ATOM   143  O  "O5'" . U   A 1 7  ? -10.223 0.429   -4.142  1.00 77.06  ? 7   U   A "O5'" 1 
ATOM   144  C  "C5'" . U   A 1 7  ? -10.858 1.692   -4.069  1.00 75.91  ? 7   U   A "C5'" 1 
ATOM   145  C  "C4'" . U   A 1 7  ? -10.973 2.299   -5.439  1.00 78.70  ? 7   U   A "C4'" 1 
ATOM   146  O  "O4'" . U   A 1 7  ? -9.644  2.589   -5.946  1.00 79.28  ? 7   U   A "O4'" 1 
ATOM   147  C  "C3'" . U   A 1 7  ? -11.563 1.368   -6.483  1.00 80.05  ? 7   U   A "C3'" 1 
ATOM   148  O  "O3'" . U   A 1 7  ? -12.980 1.393   -6.444  1.00 81.51  ? 7   U   A "O3'" 1 
ATOM   149  C  "C2'" . U   A 1 7  ? -11.020 1.953   -7.779  1.00 80.51  ? 7   U   A "C2'" 1 
ATOM   150  O  "O2'" . U   A 1 7  ? -11.750 3.071   -8.232  1.00 81.58  ? 7   U   A "O2'" 1 
ATOM   151  C  "C1'" . U   A 1 7  ? -9.624  2.401   -7.350  1.00 79.85  ? 7   U   A "C1'" 1 
ATOM   152  N  N1    . U   A 1 7  ? -8.574  1.435   -7.695  1.00 80.00  ? 7   U   A N1    1 
ATOM   153  C  C2    . U   A 1 7  ? -8.012  1.539   -8.957  1.00 80.76  ? 7   U   A C2    1 
ATOM   154  O  O2    . U   A 1 7  ? -8.344  2.397   -9.764  1.00 82.18  ? 7   U   A O2    1 
ATOM   155  N  N3    . U   A 1 7  ? -7.047  0.608   -9.244  1.00 81.39  ? 7   U   A N3    1 
ATOM   156  C  C4    . U   A 1 7  ? -6.589  -0.392  -8.413  1.00 82.16  ? 7   U   A C4    1 
ATOM   157  O  O4    . U   A 1 7  ? -5.702  -1.152  -8.817  1.00 85.57  ? 7   U   A O4    1 
ATOM   158  C  C5    . U   A 1 7  ? -7.215  -0.432  -7.119  1.00 80.73  ? 7   U   A C5    1 
ATOM   159  C  C6    . U   A 1 7  ? -8.162  0.462   -6.813  1.00 80.28  ? 7   U   A C6    1 
ATOM   160  P  P     . C   A 1 8  ? -13.810 0.090   -6.881  1.00 84.60  ? 8   C   A P     1 
ATOM   161  O  OP1   . C   A 1 8  ? -15.238 0.479   -6.977  1.00 86.93  ? 8   C   A OP1   1 
ATOM   162  O  OP2   . C   A 1 8  ? -13.412 -1.025  -5.987  1.00 82.75  ? 8   C   A OP2   1 
ATOM   163  O  "O5'" . C   A 1 8  ? -13.295 -0.205  -8.354  1.00 83.77  ? 8   C   A "O5'" 1 
ATOM   164  C  "C5'" . C   A 1 8  ? -13.578 0.712   -9.399  1.00 89.02  ? 8   C   A "C5'" 1 
ATOM   165  C  "C4'" . C   A 1 8  ? -12.989 0.231   -10.697 1.00 93.16  ? 8   C   A "C4'" 1 
ATOM   166  O  "O4'" . C   A 1 8  ? -11.543 0.351   -10.653 1.00 93.56  ? 8   C   A "O4'" 1 
ATOM   167  C  "C3'" . C   A 1 8  ? -13.228 -1.233  -11.008 1.00 95.20  ? 8   C   A "C3'" 1 
ATOM   168  O  "O3'" . C   A 1 8  ? -14.507 -1.454  -11.573 1.00 99.79  ? 8   C   A "O3'" 1 
ATOM   169  C  "C2'" . C   A 1 8  ? -12.094 -1.539  -11.973 1.00 93.78  ? 8   C   A "C2'" 1 
ATOM   170  O  "O2'" . C   A 1 8  ? -12.355 -1.068  -13.278 1.00 92.69  ? 8   C   A "O2'" 1 
ATOM   171  C  "C1'" . C   A 1 8  ? -10.952 -0.735  -11.351 1.00 92.79  ? 8   C   A "C1'" 1 
ATOM   172  N  N1    . C   A 1 8  ? -10.207 -1.555  -10.382 1.00 91.52  ? 8   C   A N1    1 
ATOM   173  C  C2    . C   A 1 8  ? -9.141  -2.352  -10.838 1.00 91.52  ? 8   C   A C2    1 
ATOM   174  O  O2    . C   A 1 8  ? -8.822  -2.307  -12.041 1.00 92.95  ? 8   C   A O2    1 
ATOM   175  N  N3    . C   A 1 8  ? -8.489  -3.147  -9.957  1.00 89.90  ? 8   C   A N3    1 
ATOM   176  C  C4    . C   A 1 8  ? -8.851  -3.155  -8.670  1.00 88.55  ? 8   C   A C4    1 
ATOM   177  N  N4    . C   A 1 8  ? -8.187  -3.961  -7.835  1.00 88.23  ? 8   C   A N4    1 
ATOM   178  C  C5    . C   A 1 8  ? -9.913  -2.337  -8.180  1.00 89.00  ? 8   C   A C5    1 
ATOM   179  C  C6    . C   A 1 8  ? -10.555 -1.560  -9.060  1.00 89.84  ? 8   C   A C6    1 
ATOM   180  P  P     . C   A 1 9  ? -15.183 -2.904  -11.445 1.00 102.15 ? 9   C   A P     1 
ATOM   181  O  OP1   . C   A 1 9  ? -16.416 -2.878  -12.270 1.00 100.55 ? 9   C   A OP1   1 
ATOM   182  O  OP2   . C   A 1 9  ? -15.274 -3.252  -10.003 1.00 98.55  ? 9   C   A OP2   1 
ATOM   183  O  "O5'" . C   A 1 9  ? -14.115 -3.874  -12.130 1.00 103.15 ? 9   C   A "O5'" 1 
ATOM   184  C  "C5'" . C   A 1 9  ? -13.880 -3.830  -13.538 1.00 103.58 ? 9   C   A "C5'" 1 
ATOM   185  C  "C4'" . C   A 1 9  ? -13.099 -5.046  -13.985 1.00 105.64 ? 9   C   A "C4'" 1 
ATOM   186  O  "O4'" . C   A 1 9  ? -11.746 -4.962  -13.467 1.00 103.96 ? 9   C   A "O4'" 1 
ATOM   187  C  "C3'" . C   A 1 9  ? -13.607 -6.384  -13.467 1.00 109.33 ? 9   C   A "C3'" 1 
ATOM   188  O  "O3'" . C   A 1 9  ? -14.683 -6.918  -14.228 1.00 111.33 ? 9   C   A "O3'" 1 
ATOM   189  C  "C2'" . C   A 1 9  ? -12.361 -7.253  -13.553 1.00 108.29 ? 9   C   A "C2'" 1 
ATOM   190  O  "O2'" . C   A 1 9  ? -12.112 -7.718  -14.864 1.00 111.75 ? 9   C   A "O2'" 1 
ATOM   191  C  "C1'" . C   A 1 9  ? -11.280 -6.259  -13.130 1.00 103.38 ? 9   C   A "C1'" 1 
ATOM   192  N  N1    . C   A 1 9  ? -11.061 -6.313  -11.677 1.00 100.78 ? 9   C   A N1    1 
ATOM   193  C  C2    . C   A 1 9  ? -10.265 -7.336  -11.159 1.00 100.07 ? 9   C   A C2    1 
ATOM   194  O  O2    . C   A 1 9  ? -9.762  -8.157  -11.941 1.00 99.64  ? 9   C   A O2    1 
ATOM   195  N  N3    . C   A 1 9  ? -10.064 -7.405  -9.821  1.00 98.66  ? 9   C   A N3    1 
ATOM   196  C  C4    . C   A 1 9  ? -10.626 -6.504  -9.015  1.00 97.90  ? 9   C   A C4    1 
ATOM   197  N  N4    . C   A 1 9  ? -10.407 -6.614  -7.700  1.00 96.82  ? 9   C   A N4    1 
ATOM   198  C  C5    . C   A 1 9  ? -11.440 -5.448  -9.518  1.00 98.42  ? 9   C   A C5    1 
ATOM   199  C  C6    . C   A 1 9  ? -11.628 -5.390  -10.844 1.00 99.28  ? 9   C   A C6    1 
ATOM   200  P  P     . A   A 1 10 ? -15.671 -7.991  -13.548 1.00 112.50 ? 10  A   A P     1 
ATOM   201  O  OP1   . A   A 1 10 ? -16.764 -8.281  -14.507 1.00 111.12 ? 10  A   A OP1   1 
ATOM   202  O  OP2   . A   A 1 10 ? -16.003 -7.516  -12.177 1.00 110.36 ? 10  A   A OP2   1 
ATOM   203  O  "O5'" . A   A 1 10 ? -14.767 -9.291  -13.376 1.00 112.08 ? 10  A   A "O5'" 1 
ATOM   204  C  "C5'" . A   A 1 10 ? -14.244 -9.975  -14.508 1.00 111.33 ? 10  A   A "C5'" 1 
ATOM   205  C  "C4'" . A   A 1 10 ? -13.486 -11.201 -14.064 1.00 112.38 ? 10  A   A "C4'" 1 
ATOM   206  O  "O4'" . A   A 1 10 ? -12.293 -10.793 -13.341 1.00 110.46 ? 10  A   A "O4'" 1 
ATOM   207  C  "C3'" . A   A 1 10 ? -14.225 -12.081 -13.071 1.00 114.90 ? 10  A   A "C3'" 1 
ATOM   208  O  "O3'" . A   A 1 10 ? -15.156 -12.955 -13.685 1.00 118.76 ? 10  A   A "O3'" 1 
ATOM   209  C  "C2'" . A   A 1 10 ? -13.086 -12.816 -12.376 1.00 113.49 ? 10  A   A "C2'" 1 
ATOM   210  O  "O2'" . A   A 1 10 ? -12.586 -13.918 -13.110 1.00 113.65 ? 10  A   A "O2'" 1 
ATOM   211  C  "C1'" . A   A 1 10 ? -12.039 -11.707 -12.283 1.00 109.98 ? 10  A   A "C1'" 1 
ATOM   212  N  N9    . A   A 1 10 ? -12.159 -10.991 -11.015 1.00 106.89 ? 10  A   A N9    1 
ATOM   213  C  C8    . A   A 1 10 ? -12.790 -9.798  -10.765 1.00 105.76 ? 10  A   A C8    1 
ATOM   214  N  N7    . A   A 1 10 ? -12.731 -9.420  -9.510  1.00 104.70 ? 10  A   A N7    1 
ATOM   215  C  C5    . A   A 1 10 ? -12.009 -10.430 -8.892  1.00 104.63 ? 10  A   A C5    1 
ATOM   216  C  C6    . A   A 1 10 ? -11.596 -10.622 -7.559  1.00 104.24 ? 10  A   A C6    1 
ATOM   217  N  N6    . A   A 1 10 ? -11.854 -9.765  -6.570  1.00 104.15 ? 10  A   A N6    1 
ATOM   218  N  N1    . A   A 1 10 ? -10.897 -11.741 -7.274  1.00 104.47 ? 10  A   A N1    1 
ATOM   219  C  C2    . A   A 1 10 ? -10.631 -12.600 -8.268  1.00 105.54 ? 10  A   A C2    1 
ATOM   220  N  N3    . A   A 1 10 ? -10.958 -12.529 -9.558  1.00 105.19 ? 10  A   A N3    1 
ATOM   221  C  C4    . A   A 1 10 ? -11.654 -11.406 -9.805  1.00 105.62 ? 10  A   A C4    1 
ATOM   222  P  P     . C   A 1 11 ? -16.449 -13.427 -12.858 1.00 121.34 ? 11  C   A P     1 
ATOM   223  O  OP1   . C   A 1 11 ? -17.356 -14.127 -13.801 1.00 122.09 ? 11  C   A OP1   1 
ATOM   224  O  OP2   . C   A 1 11 ? -16.946 -12.257 -12.093 1.00 120.03 ? 11  C   A OP2   1 
ATOM   225  O  "O5'" . C   A 1 11 ? -15.871 -14.484 -11.816 1.00 121.30 ? 11  C   A "O5'" 1 
ATOM   226  C  "C5'" . C   A 1 11 ? -15.263 -15.684 -12.273 1.00 122.41 ? 11  C   A "C5'" 1 
ATOM   227  C  "C4'" . C   A 1 11 ? -14.654 -16.444 -11.122 1.00 124.29 ? 11  C   A "C4'" 1 
ATOM   228  O  "O4'" . C   A 1 11 ? -13.568 -15.659 -10.555 1.00 123.37 ? 11  C   A "O4'" 1 
ATOM   229  C  "C3'" . C   A 1 11 ? -15.575 -16.686 -9.936  1.00 125.94 ? 11  C   A "C3'" 1 
ATOM   230  O  "O3'" . C   A 1 11 ? -16.451 -17.793 -10.102 1.00 128.19 ? 11  C   A "O3'" 1 
ATOM   231  C  "C2'" . C   A 1 11 ? -14.582 -16.899 -8.802  1.00 124.99 ? 11  C   A "C2'" 1 
ATOM   232  O  "O2'" . C   A 1 11 ? -14.025 -18.201 -8.794  1.00 124.22 ? 11  C   A "O2'" 1 
ATOM   233  C  "C1'" . C   A 1 11 ? -13.511 -15.865 -9.149  1.00 122.56 ? 11  C   A "C1'" 1 
ATOM   234  N  N1    . C   A 1 11 ? -13.779 -14.591 -8.461  1.00 120.75 ? 11  C   A N1    1 
ATOM   235  C  C2    . C   A 1 11 ? -13.365 -14.455 -7.133  1.00 120.11 ? 11  C   A C2    1 
ATOM   236  O  O2    . C   A 1 11 ? -12.749 -15.390 -6.600  1.00 119.34 ? 11  C   A O2    1 
ATOM   237  N  N3    . C   A 1 11 ? -13.645 -13.313 -6.465  1.00 119.83 ? 11  C   A N3    1 
ATOM   238  C  C4    . C   A 1 11 ? -14.307 -12.328 -7.076  1.00 120.40 ? 11  C   A C4    1 
ATOM   239  N  N4    . C   A 1 11 ? -14.579 -11.226 -6.371  1.00 120.74 ? 11  C   A N4    1 
ATOM   240  C  C5    . C   A 1 11 ? -14.723 -12.430 -8.436  1.00 120.25 ? 11  C   A C5    1 
ATOM   241  C  C6    . C   A 1 11 ? -14.439 -13.568 -9.085  1.00 119.96 ? 11  C   A C6    1 
ATOM   242  P  P     . C   A 1 12 ? -17.796 -17.870 -9.222  1.00 129.92 ? 12  C   A P     1 
ATOM   243  O  OP1   . C   A 1 12 ? -18.545 -19.082 -9.634  1.00 129.77 ? 12  C   A OP1   1 
ATOM   244  O  OP2   . C   A 1 12 ? -18.451 -16.539 -9.295  1.00 128.93 ? 12  C   A OP2   1 
ATOM   245  O  "O5'" . C   A 1 12 ? -17.268 -18.091 -7.733  1.00 126.27 ? 12  C   A "O5'" 1 
ATOM   246  C  "C5'" . C   A 1 12 ? -16.502 -19.244 -7.407  1.00 124.15 ? 12  C   A "C5'" 1 
ATOM   247  C  "C4'" . C   A 1 12 ? -16.100 -19.233 -5.949  1.00 124.33 ? 12  C   A "C4'" 1 
ATOM   248  O  "O4'" . C   A 1 12 ? -15.220 -18.102 -5.691  1.00 123.41 ? 12  C   A "O4'" 1 
ATOM   249  C  "C3'" . C   A 1 12 ? -17.234 -19.021 -4.958  1.00 125.24 ? 12  C   A "C3'" 1 
ATOM   250  O  "O3'" . C   A 1 12 ? -17.985 -20.193 -4.689  1.00 126.78 ? 12  C   A "O3'" 1 
ATOM   251  C  "C2'" . C   A 1 12 ? -16.505 -18.496 -3.726  1.00 123.55 ? 12  C   A "C2'" 1 
ATOM   252  O  "O2'" . C   A 1 12 ? -15.887 -19.502 -2.941  1.00 122.57 ? 12  C   A "O2'" 1 
ATOM   253  C  "C1'" . C   A 1 12 ? -15.444 -17.609 -4.373  1.00 120.63 ? 12  C   A "C1'" 1 
ATOM   254  N  N1    . C   A 1 12 ? -15.885 -16.203 -4.433  1.00 116.61 ? 12  C   A N1    1 
ATOM   255  C  C2    . C   A 1 12 ? -15.770 -15.425 -3.274  1.00 114.67 ? 12  C   A C2    1 
ATOM   256  O  O2    . C   A 1 12 ? -15.288 -15.941 -2.255  1.00 114.12 ? 12  C   A O2    1 
ATOM   257  N  N3    . C   A 1 12 ? -16.186 -14.138 -3.293  1.00 113.10 ? 12  C   A N3    1 
ATOM   258  C  C4    . C   A 1 12 ? -16.700 -13.621 -4.410  1.00 113.32 ? 12  C   A C4    1 
ATOM   259  N  N4    . C   A 1 12 ? -17.103 -12.349 -4.381  1.00 113.60 ? 12  C   A N4    1 
ATOM   260  C  C5    . C   A 1 12 ? -16.826 -14.389 -5.610  1.00 113.48 ? 12  C   A C5    1 
ATOM   261  C  C6    . C   A 1 12 ? -16.408 -15.664 -5.577  1.00 114.79 ? 12  C   A C6    1 
ATOM   262  P  P     . G   A 1 13 ? -19.491 -20.051 -4.152  1.00 126.72 ? 13  G   A P     1 
ATOM   263  O  OP1   . G   A 1 13 ? -20.054 -21.418 -4.033  1.00 127.03 ? 13  G   A OP1   1 
ATOM   264  O  OP2   . G   A 1 13 ? -20.179 -19.039 -5.002  1.00 124.02 ? 13  G   A OP2   1 
ATOM   265  O  "O5'" . G   A 1 13 ? -19.316 -19.457 -2.683  1.00 122.36 ? 13  G   A "O5'" 1 
ATOM   266  C  "C5'" . G   A 1 13 ? -18.709 -20.239 -1.662  1.00 118.65 ? 13  G   A "C5'" 1 
ATOM   267  C  "C4'" . G   A 1 13 ? -18.806 -19.537 -0.332  1.00 117.93 ? 13  G   A "C4'" 1 
ATOM   268  O  "O4'" . G   A 1 13 ? -17.996 -18.336 -0.370  1.00 116.37 ? 13  G   A "O4'" 1 
ATOM   269  C  "C3'" . G   A 1 13 ? -20.193 -19.024 0.021   1.00 116.47 ? 13  G   A "C3'" 1 
ATOM   270  O  "O3'" . G   A 1 13 ? -21.068 -20.025 0.523   1.00 118.76 ? 13  G   A "O3'" 1 
ATOM   271  C  "C2'" . G   A 1 13 ? -19.887 -17.914 1.013   1.00 114.68 ? 13  G   A "C2'" 1 
ATOM   272  O  "O2'" . G   A 1 13 ? -19.593 -18.387 2.311   1.00 113.74 ? 13  G   A "O2'" 1 
ATOM   273  C  "C1'" . G   A 1 13 ? -18.612 -17.329 0.413   1.00 112.63 ? 13  G   A "C1'" 1 
ATOM   274  N  N9    . G   A 1 13 ? -18.859 -16.157 -0.417  1.00 109.50 ? 13  G   A N9    1 
ATOM   275  C  C8    . G   A 1 13 ? -19.095 -16.101 -1.771  1.00 108.10 ? 13  G   A C8    1 
ATOM   276  N  N7    . G   A 1 13 ? -19.256 -14.880 -2.210  1.00 107.10 ? 13  G   A N7    1 
ATOM   277  C  C5    . G   A 1 13 ? -19.124 -14.088 -1.075  1.00 106.94 ? 13  G   A C5    1 
ATOM   278  C  C6    . G   A 1 13 ? -19.199 -12.677 -0.916  1.00 106.20 ? 13  G   A C6    1 
ATOM   279  O  O6    . G   A 1 13 ? -19.393 -11.808 -1.781  1.00 105.72 ? 13  G   A O6    1 
ATOM   280  N  N1    . G   A 1 13 ? -19.015 -12.305 0.417   1.00 105.27 ? 13  G   A N1    1 
ATOM   281  C  C2    . G   A 1 13 ? -18.787 -13.177 1.461   1.00 106.29 ? 13  G   A C2    1 
ATOM   282  N  N2    . G   A 1 13 ? -18.642 -12.635 2.678   1.00 105.75 ? 13  G   A N2    1 
ATOM   283  N  N3    . G   A 1 13 ? -18.711 -14.486 1.321   1.00 107.21 ? 13  G   A N3    1 
ATOM   284  C  C4    . G   A 1 13 ? -18.888 -14.869 0.038   1.00 107.95 ? 13  G   A C4    1 
ATOM   285  O  "O5'" . C   B 2 1  ? -18.092 -4.228  3.132   1.00 117.27 ? 2   C   B "O5'" 1 
ATOM   286  C  "C5'" . C   B 2 1  ? -18.181 -4.279  4.557   1.00 117.91 ? 2   C   B "C5'" 1 
ATOM   287  C  "C4'" . C   B 2 1  ? -18.224 -5.694  5.085   1.00 119.14 ? 2   C   B "C4'" 1 
ATOM   288  O  "O4'" . C   B 2 1  ? -19.352 -6.391  4.487   1.00 118.52 ? 2   C   B "O4'" 1 
ATOM   289  C  "C3'" . C   B 2 1  ? -17.039 -6.570  4.719   1.00 120.66 ? 2   C   B "C3'" 1 
ATOM   290  O  "O3'" . C   B 2 1  ? -15.904 -6.363  5.538   1.00 123.46 ? 2   C   B "O3'" 1 
ATOM   291  C  "C2'" . C   B 2 1  ? -17.619 -7.974  4.833   1.00 118.09 ? 2   C   B "C2'" 1 
ATOM   292  O  "O2'" . C   B 2 1  ? -17.725 -8.449  6.163   1.00 116.17 ? 2   C   B "O2'" 1 
ATOM   293  C  "C1'" . C   B 2 1  ? -19.013 -7.752  4.250   1.00 114.75 ? 2   C   B "C1'" 1 
ATOM   294  N  N1    . C   B 2 1  ? -19.007 -7.991  2.795   1.00 111.52 ? 2   C   B N1    1 
ATOM   295  C  C2    . C   B 2 1  ? -19.030 -9.311  2.340   1.00 110.07 ? 2   C   B C2    1 
ATOM   296  O  O2    . C   B 2 1  ? -19.070 -10.230 3.174   1.00 108.98 ? 2   C   B O2    1 
ATOM   297  N  N3    . C   B 2 1  ? -19.005 -9.553  1.007   1.00 109.05 ? 2   C   B N3    1 
ATOM   298  C  C4    . C   B 2 1  ? -18.961 -8.533  0.143   1.00 109.96 ? 2   C   B C4    1 
ATOM   299  N  N4    . C   B 2 1  ? -18.932 -8.818  -1.166  1.00 109.06 ? 2   C   B N4    1 
ATOM   300  C  C5    . C   B 2 1  ? -18.945 -7.176  0.579   1.00 109.74 ? 2   C   B C5    1 
ATOM   301  C  C6    . C   B 2 1  ? -18.970 -6.954  1.903   1.00 109.98 ? 2   C   B C6    1 
ATOM   302  P  P     . G   B 2 2  ? -14.445 -6.656  4.937   1.00 124.00 ? 3   G   B P     1 
ATOM   303  O  OP1   . G   B 2 2  ? -13.444 -6.167  5.916   1.00 124.83 ? 3   G   B OP1   1 
ATOM   304  O  OP2   . G   B 2 2  ? -14.432 -6.132  3.542   1.00 122.36 ? 3   G   B OP2   1 
ATOM   305  O  "O5'" . G   B 2 2  ? -14.368 -8.248  4.886   1.00 120.95 ? 3   G   B "O5'" 1 
ATOM   306  C  "C5'" . G   B 2 2  ? -14.305 -9.009  6.088   1.00 117.22 ? 3   G   B "C5'" 1 
ATOM   307  C  "C4'" . G   B 2 2  ? -14.238 -10.484 5.776   1.00 115.78 ? 3   G   B "C4'" 1 
ATOM   308  O  "O4'" . G   B 2 2  ? -15.465 -10.875 5.106   1.00 113.90 ? 3   G   B "O4'" 1 
ATOM   309  C  "C3'" . G   B 2 2  ? -13.153 -10.906 4.798   1.00 116.48 ? 3   G   B "C3'" 1 
ATOM   310  O  "O3'" . G   B 2 2  ? -11.862 -11.031 5.368   1.00 116.36 ? 3   G   B "O3'" 1 
ATOM   311  C  "C2'" . G   B 2 2  ? -13.703 -12.215 4.249   1.00 113.31 ? 3   G   B "C2'" 1 
ATOM   312  O  "O2'" . G   B 2 2  ? -13.539 -13.333 5.102   1.00 113.95 ? 3   G   B "O2'" 1 
ATOM   313  C  "C1'" . G   B 2 2  ? -15.181 -11.862 4.124   1.00 109.61 ? 3   G   B "C1'" 1 
ATOM   314  N  N9    . G   B 2 2  ? -15.396 -11.274 2.811   1.00 103.56 ? 3   G   B N9    1 
ATOM   315  C  C8    . G   B 2 2  ? -15.528 -9.944  2.489   1.00 102.56 ? 3   G   B C8    1 
ATOM   316  N  N7    . G   B 2 2  ? -15.682 -9.740  1.209   1.00 101.28 ? 3   G   B N7    1 
ATOM   317  C  C5    . G   B 2 2  ? -15.657 -11.015 0.658   1.00 99.95  ? 3   G   B C5    1 
ATOM   318  C  C6    . G   B 2 2  ? -15.784 -11.439 -0.693  1.00 99.17  ? 3   G   B C6    1 
ATOM   319  O  O6    . G   B 2 2  ? -15.956 -10.746 -1.710  1.00 98.28  ? 3   G   B O6    1 
ATOM   320  N  N1    . G   B 2 2  ? -15.693 -12.828 -0.800  1.00 98.42  ? 3   G   B N1    1 
ATOM   321  C  C2    . G   B 2 2  ? -15.504 -13.695 0.256   1.00 99.12  ? 3   G   B C2    1 
ATOM   322  N  N2    . G   B 2 2  ? -15.427 -14.999 -0.039  1.00 98.75  ? 3   G   B N2    1 
ATOM   323  N  N3    . G   B 2 2  ? -15.395 -13.309 1.514   1.00 99.79  ? 3   G   B N3    1 
ATOM   324  C  C4    . G   B 2 2  ? -15.479 -11.968 1.639   1.00 100.89 ? 3   G   B C4    1 
ATOM   325  P  P     . G   B 2 3  ? -10.576 -10.786 4.438   1.00 114.28 ? 4   G   B P     1 
ATOM   326  O  OP1   . G   B 2 3  ? -9.379  -10.799 5.312   1.00 116.53 ? 4   G   B OP1   1 
ATOM   327  O  OP2   . G   B 2 3  ? -10.853 -9.607  3.577   1.00 113.54 ? 4   G   B OP2   1 
ATOM   328  O  "O5'" . G   B 2 3  ? -10.536 -12.071 3.506   1.00 111.21 ? 4   G   B "O5'" 1 
ATOM   329  C  "C5'" . G   B 2 3  ? -10.458 -13.362 4.082   1.00 109.59 ? 4   G   B "C5'" 1 
ATOM   330  C  "C4'" . G   B 2 3  ? -10.432 -14.409 3.006   1.00 109.44 ? 4   G   B "C4'" 1 
ATOM   331  O  "O4'" . G   B 2 3  ? -11.715 -14.424 2.325   1.00 107.22 ? 4   G   B "O4'" 1 
ATOM   332  C  "C3'" . G   B 2 3  ? -9.442  -14.132 1.887   1.00 111.76 ? 4   G   B "C3'" 1 
ATOM   333  O  "O3'" . G   B 2 3  ? -8.112  -14.505 2.222   1.00 115.28 ? 4   G   B "O3'" 1 
ATOM   334  C  "C2'" . G   B 2 3  ? -10.023 -14.941 0.736   1.00 109.31 ? 4   G   B "C2'" 1 
ATOM   335  O  "O2'" . G   B 2 3  ? -9.723  -16.322 0.785   1.00 111.21 ? 4   G   B "O2'" 1 
ATOM   336  C  "C1'" . G   B 2 3  ? -11.519 -14.728 0.955   1.00 104.97 ? 4   G   B "C1'" 1 
ATOM   337  N  N9    . G   B 2 3  ? -11.998 -13.620 0.142   1.00 100.46 ? 4   G   B N9    1 
ATOM   338  C  C8    . G   B 2 3  ? -12.259 -12.325 0.529   1.00 99.94  ? 4   G   B C8    1 
ATOM   339  N  N7    . G   B 2 3  ? -12.657 -11.568 -0.460  1.00 98.68  ? 4   G   B N7    1 
ATOM   340  C  C5    . G   B 2 3  ? -12.664 -12.419 -1.560  1.00 97.39  ? 4   G   B C5    1 
ATOM   341  C  C6    . G   B 2 3  ? -13.009 -12.174 -2.923  1.00 96.46  ? 4   G   B C6    1 
ATOM   342  O  O6    . G   B 2 3  ? -13.399 -11.120 -3.447  1.00 96.33  ? 4   G   B O6    1 
ATOM   343  N  N1    . G   B 2 3  ? -12.861 -13.321 -3.699  1.00 95.36  ? 4   G   B N1    1 
ATOM   344  C  C2    . G   B 2 3  ? -12.439 -14.544 -3.230  1.00 95.17  ? 4   G   B C2    1 
ATOM   345  N  N2    . G   B 2 3  ? -12.343 -15.529 -4.134  1.00 94.79  ? 4   G   B N2    1 
ATOM   346  N  N3    . G   B 2 3  ? -12.128 -14.785 -1.969  1.00 95.86  ? 4   G   B N3    1 
ATOM   347  C  C4    . G   B 2 3  ? -12.261 -13.686 -1.198  1.00 97.72  ? 4   G   B C4    1 
ATOM   348  P  P     . U   B 2 4  ? -6.883  -13.801 1.466   1.00 116.08 ? 5   U   B P     1 
ATOM   349  O  OP1   . U   B 2 4  ? -5.632  -14.244 2.132   1.00 116.16 ? 5   U   B OP1   1 
ATOM   350  O  OP2   . U   B 2 4  ? -7.192  -12.351 1.379   1.00 115.02 ? 5   U   B OP2   1 
ATOM   351  O  "O5'" . U   B 2 4  ? -6.938  -14.426 -0.001  1.00 113.16 ? 5   U   B "O5'" 1 
ATOM   352  C  "C5'" . U   B 2 4  ? -6.771  -15.828 -0.185  1.00 110.01 ? 5   U   B "C5'" 1 
ATOM   353  C  "C4'" . U   B 2 4  ? -6.979  -16.215 -1.632  1.00 108.75 ? 5   U   B "C4'" 1 
ATOM   354  O  "O4'" . U   B 2 4  ? -8.363  -15.972 -2.006  1.00 107.09 ? 5   U   B "O4'" 1 
ATOM   355  C  "C3'" . U   B 2 4  ? -6.193  -15.409 -2.649  1.00 108.75 ? 5   U   B "C3'" 1 
ATOM   356  O  "O3'" . U   B 2 4  ? -4.852  -15.833 -2.787  1.00 111.05 ? 5   U   B "O3'" 1 
ATOM   357  C  "C2'" . U   B 2 4  ? -7.007  -15.602 -3.920  1.00 106.55 ? 5   U   B "C2'" 1 
ATOM   358  O  "O2'" . U   B 2 4  ? -6.771  -16.841 -4.565  1.00 104.52 ? 5   U   B "O2'" 1 
ATOM   359  C  "C1'" . U   B 2 4  ? -8.427  -15.554 -3.362  1.00 104.37 ? 5   U   B "C1'" 1 
ATOM   360  N  N1    . U   B 2 4  ? -8.942  -14.180 -3.408  1.00 102.65 ? 5   U   B N1    1 
ATOM   361  C  C2    . U   B 2 4  ? -9.437  -13.738 -4.618  1.00 101.67 ? 5   U   B C2    1 
ATOM   362  O  O2    . U   B 2 4  ? -9.476  -14.448 -5.612  1.00 101.22 ? 5   U   B O2    1 
ATOM   363  N  N3    . U   B 2 4  ? -9.881  -12.437 -4.625  1.00 101.09 ? 5   U   B N3    1 
ATOM   364  C  C4    . U   B 2 4  ? -9.878  -11.551 -3.563  1.00 102.23 ? 5   U   B C4    1 
ATOM   365  O  O4    . U   B 2 4  ? -10.286 -10.397 -3.734  1.00 101.85 ? 5   U   B O4    1 
ATOM   366  C  C5    . U   B 2 4  ? -9.358  -12.090 -2.339  1.00 101.65 ? 5   U   B C5    1 
ATOM   367  C  C6    . U   B 2 4  ? -8.921  -13.358 -2.305  1.00 101.35 ? 5   U   B C6    1 
ATOM   368  P  P     . G   B 2 5  ? -3.764  -14.799 -3.349  1.00 110.84 ? 6   G   B P     1 
ATOM   369  O  OP1   . G   B 2 5  ? -2.432  -15.426 -3.185  1.00 109.84 ? 6   G   B OP1   1 
ATOM   370  O  OP2   . G   B 2 5  ? -4.041  -13.478 -2.726  1.00 109.24 ? 6   G   B OP2   1 
ATOM   371  O  "O5'" . G   B 2 5  ? -4.110  -14.701 -4.900  1.00 103.75 ? 6   G   B "O5'" 1 
ATOM   372  C  "C5'" . G   B 2 5  ? -4.124  -15.870 -5.701  1.00 99.70  ? 6   G   B "C5'" 1 
ATOM   373  C  "C4'" . G   B 2 5  ? -4.597  -15.546 -7.090  1.00 98.34  ? 6   G   B "C4'" 1 
ATOM   374  O  "O4'" . G   B 2 5  ? -6.001  -15.183 -7.046  1.00 97.69  ? 6   G   B "O4'" 1 
ATOM   375  C  "C3'" . G   B 2 5  ? -3.931  -14.344 -7.733  1.00 97.86  ? 6   G   B "C3'" 1 
ATOM   376  O  "O3'" . G   B 2 5  ? -2.661  -14.652 -8.286  1.00 98.68  ? 6   G   B "O3'" 1 
ATOM   377  C  "C2'" . G   B 2 5  ? -4.964  -13.926 -8.772  1.00 96.89  ? 6   G   B "C2'" 1 
ATOM   378  O  "O2'" . G   B 2 5  ? -4.956  -14.694 -9.961  1.00 93.34  ? 6   G   B "O2'" 1 
ATOM   379  C  "C1'" . G   B 2 5  ? -6.261  -14.170 -8.005  1.00 95.80  ? 6   G   B "C1'" 1 
ATOM   380  N  N9    . G   B 2 5  ? -6.663  -12.964 -7.295  1.00 93.96  ? 6   G   B N9    1 
ATOM   381  C  C8    . G   B 2 5  ? -6.474  -12.677 -5.964  1.00 93.08  ? 6   G   B C8    1 
ATOM   382  N  N7    . G   B 2 5  ? -6.941  -11.506 -5.622  1.00 92.37  ? 6   G   B N7    1 
ATOM   383  C  C5    . G   B 2 5  ? -7.473  -10.990 -6.799  1.00 92.63  ? 6   G   B C5    1 
ATOM   384  C  C6    . G   B 2 5  ? -8.128  -9.749  -7.055  1.00 92.43  ? 6   G   B C6    1 
ATOM   385  O  O6    . G   B 2 5  ? -8.397  -8.837  -6.260  1.00 94.30  ? 6   G   B O6    1 
ATOM   386  N  N1    . G   B 2 5  ? -8.485  -9.627  -8.395  1.00 90.22  ? 6   G   B N1    1 
ATOM   387  C  C2    . G   B 2 5  ? -8.254  -10.574 -9.363  1.00 90.14  ? 6   G   B C2    1 
ATOM   388  N  N2    . G   B 2 5  ? -8.656  -10.263 -10.603 1.00 89.67  ? 6   G   B N2    1 
ATOM   389  N  N3    . G   B 2 5  ? -7.669  -11.740 -9.136  1.00 90.73  ? 6   G   B N3    1 
ATOM   390  C  C4    . G   B 2 5  ? -7.303  -11.877 -7.842  1.00 92.58  ? 6   G   B C4    1 
ATOM   391  P  P     . A   B 2 6  ? -1.535  -13.507 -8.361  1.00 97.98  ? 7   A   B P     1 
ATOM   392  O  OP1   . A   B 2 6  ? -0.289  -14.120 -8.877  1.00 100.05 ? 7   A   B OP1   1 
ATOM   393  O  OP2   . A   B 2 6  ? -1.519  -12.794 -7.056  1.00 93.18  ? 7   A   B OP2   1 
ATOM   394  O  "O5'" . A   B 2 6  ? -2.082  -12.523 -9.485  1.00 95.18  ? 7   A   B "O5'" 1 
ATOM   395  C  "C5'" . A   B 2 6  ? -2.268  -12.984 -10.820 1.00 92.55  ? 7   A   B "C5'" 1 
ATOM   396  C  "C4'" . A   B 2 6  ? -2.971  -11.933 -11.641 1.00 92.21  ? 7   A   B "C4'" 1 
ATOM   397  O  "O4'" . A   B 2 6  ? -4.292  -11.718 -11.084 1.00 92.51  ? 7   A   B "O4'" 1 
ATOM   398  C  "C3'" . A   B 2 6  ? -2.339  -10.547 -11.665 1.00 91.84  ? 7   A   B "C3'" 1 
ATOM   399  O  "O3'" . A   B 2 6  ? -1.308  -10.428 -12.642 1.00 91.90  ? 7   A   B "O3'" 1 
ATOM   400  C  "C2'" . A   B 2 6  ? -3.533  -9.666  -11.995 1.00 91.08  ? 7   A   B "C2'" 1 
ATOM   401  O  "O2'" . A   B 2 6  ? -3.875  -9.691  -13.366 1.00 89.50  ? 7   A   B "O2'" 1 
ATOM   402  C  "C1'" . A   B 2 6  ? -4.627  -10.345 -11.176 1.00 89.55  ? 7   A   B "C1'" 1 
ATOM   403  N  N9    . A   B 2 6  ? -4.672  -9.805  -9.819  1.00 88.16  ? 7   A   B N9    1 
ATOM   404  C  C8    . A   B 2 6  ? -4.056  -10.286 -8.688  1.00 87.05  ? 7   A   B C8    1 
ATOM   405  N  N7    . A   B 2 6  ? -4.292  -9.573  -7.614  1.00 86.13  ? 7   A   B N7    1 
ATOM   406  C  C5    . A   B 2 6  ? -5.119  -8.554  -8.069  1.00 87.52  ? 7   A   B C5    1 
ATOM   407  C  C6    . A   B 2 6  ? -5.728  -7.466  -7.419  1.00 86.86  ? 7   A   B C6    1 
ATOM   408  N  N6    . A   B 2 6  ? -5.594  -7.213  -6.116  1.00 87.87  ? 7   A   B N6    1 
ATOM   409  N  N1    . A   B 2 6  ? -6.491  -6.634  -8.167  1.00 86.28  ? 7   A   B N1    1 
ATOM   410  C  C2    . A   B 2 6  ? -6.626  -6.888  -9.475  1.00 87.23  ? 7   A   B C2    1 
ATOM   411  N  N3    . A   B 2 6  ? -6.106  -7.877  -10.197 1.00 87.76  ? 7   A   B N3    1 
ATOM   412  C  C4    . A   B 2 6  ? -5.357  -8.684  -9.426  1.00 87.99  ? 7   A   B C4    1 
ATOM   413  P  P     . A   B 2 7  ? 0.001   -9.546  -12.321 1.00 90.14  ? 8   A   B P     1 
ATOM   414  O  OP1   . A   B 2 7  ? 0.902   -9.646  -13.492 1.00 93.19  ? 8   A   B OP1   1 
ATOM   415  O  OP2   . A   B 2 7  ? 0.506   -9.897  -10.965 1.00 88.36  ? 8   A   B OP2   1 
ATOM   416  O  "O5'" . A   B 2 7  ? -0.527  -8.049  -12.279 1.00 92.65  ? 8   A   B "O5'" 1 
ATOM   417  C  "C5'" . A   B 2 7  ? -1.041  -7.441  -13.453 1.00 92.04  ? 8   A   B "C5'" 1 
ATOM   418  C  "C4'" . A   B 2 7  ? -1.808  -6.192  -13.101 1.00 92.48  ? 8   A   B "C4'" 1 
ATOM   419  O  "O4'" . A   B 2 7  ? -2.750  -6.512  -12.043 1.00 93.20  ? 8   A   B "O4'" 1 
ATOM   420  C  "C3'" . A   B 2 7  ? -1.000  -5.024  -12.550 1.00 90.43  ? 8   A   B "C3'" 1 
ATOM   421  O  "O3'" . A   B 2 7  ? -0.500  -4.238  -13.635 1.00 84.71  ? 8   A   B "O3'" 1 
ATOM   422  C  "C2'" . A   B 2 7  ? -2.061  -4.263  -11.767 1.00 93.03  ? 8   A   B "C2'" 1 
ATOM   423  O  "O2'" . A   B 2 7  ? -2.931  -3.577  -12.645 1.00 96.60  ? 8   A   B "O2'" 1 
ATOM   424  C  "C1'" . A   B 2 7  ? -2.876  -5.408  -11.169 1.00 91.77  ? 8   A   B "C1'" 1 
ATOM   425  N  N9    . A   B 2 7  ? -2.501  -5.835  -9.822  1.00 88.50  ? 8   A   B N9    1 
ATOM   426  C  C8    . A   B 2 7  ? -1.675  -6.865  -9.454  1.00 87.80  ? 8   A   B C8    1 
ATOM   427  N  N7    . A   B 2 7  ? -1.616  -7.055  -8.158  1.00 87.70  ? 8   A   B N7    1 
ATOM   428  C  C5    . A   B 2 7  ? -2.443  -6.066  -7.638  1.00 87.32  ? 8   A   B C5    1 
ATOM   429  C  C6    . A   B 2 7  ? -2.822  -5.738  -6.321  1.00 87.61  ? 8   A   B C6    1 
ATOM   430  N  N6    . A   B 2 7  ? -2.428  -6.418  -5.241  1.00 89.36  ? 8   A   B N6    1 
ATOM   431  N  N1    . A   B 2 7  ? -3.645  -4.680  -6.149  1.00 87.13  ? 8   A   B N1    1 
ATOM   432  C  C2    . A   B 2 7  ? -4.065  -4.017  -7.230  1.00 87.31  ? 8   A   B C2    1 
ATOM   433  N  N3    . A   B 2 7  ? -3.795  -4.239  -8.516  1.00 87.38  ? 8   A   B N3    1 
ATOM   434  C  C4    . A   B 2 7  ? -2.969  -5.291  -8.652  1.00 87.70  ? 8   A   B C4    1 
ATOM   435  P  P     . A   B 2 8  ? 0.408   -2.942  -13.340 1.00 82.01  ? 9   A   B P     1 
ATOM   436  O  OP1   . A   B 2 8  ? 1.312   -2.738  -14.498 1.00 82.66  ? 9   A   B OP1   1 
ATOM   437  O  OP2   . A   B 2 8  ? 0.984   -3.121  -11.977 1.00 76.68  ? 9   A   B OP2   1 
ATOM   438  O  "O5'" . A   B 2 8  ? -0.625  -1.723  -13.322 1.00 81.73  ? 9   A   B "O5'" 1 
ATOM   439  C  "C5'" . A   B 2 8  ? -1.320  -1.309  -14.504 1.00 77.78  ? 9   A   B "C5'" 1 
ATOM   440  C  "C4'" . A   B 2 8  ? -2.156  -0.075  -14.222 1.00 77.36  ? 9   A   B "C4'" 1 
ATOM   441  O  "O4'" . A   B 2 8  ? -3.183  -0.383  -13.247 1.00 76.22  ? 9   A   B "O4'" 1 
ATOM   442  C  "C3'" . A   B 2 8  ? -1.410  1.107   -13.637 1.00 76.74  ? 9   A   B "C3'" 1 
ATOM   443  O  "O3'" . A   B 2 8  ? -0.872  1.873   -14.695 1.00 74.63  ? 9   A   B "O3'" 1 
ATOM   444  C  "C2'" . A   B 2 8  ? -2.509  1.867   -12.908 1.00 75.78  ? 9   A   B "C2'" 1 
ATOM   445  O  "O2'" . A   B 2 8  ? -3.289  2.702   -13.738 1.00 79.29  ? 9   A   B "O2'" 1 
ATOM   446  C  "C1'" . A   B 2 8  ? -3.366  0.719   -12.377 1.00 74.78  ? 9   A   B "C1'" 1 
ATOM   447  N  N9    . A   B 2 8  ? -2.970  0.280   -11.046 1.00 71.80  ? 9   A   B N9    1 
ATOM   448  C  C8    . A   B 2 8  ? -2.228  -0.826  -10.727 1.00 70.11  ? 9   A   B C8    1 
ATOM   449  N  N7    . A   B 2 8  ? -2.060  -0.996  -9.443  1.00 70.49  ? 9   A   B N7    1 
ATOM   450  C  C5    . A   B 2 8  ? -2.732  0.076   -8.877  1.00 71.63  ? 9   A   B C5    1 
ATOM   451  C  C6    . A   B 2 8  ? -2.940  0.461   -7.547  1.00 71.00  ? 9   A   B C6    1 
ATOM   452  N  N6    . A   B 2 8  ? -2.485  -0.228  -6.496  1.00 68.98  ? 9   A   B N6    1 
ATOM   453  N  N1    . A   B 2 8  ? -3.649  1.589   -7.325  1.00 70.34  ? 9   A   B N1    1 
ATOM   454  C  C2    . A   B 2 8  ? -4.116  2.272   -8.380  1.00 70.21  ? 9   A   B C2    1 
ATOM   455  N  N3    . A   B 2 8  ? -3.993  2.005   -9.676  1.00 71.44  ? 9   A   B N3    1 
ATOM   456  C  C4    . A   B 2 8  ? -3.284  0.879   -9.857  1.00 71.67  ? 9   A   B C4    1 
ATOM   457  P  P     . A   B 2 9  ? 0.657   2.322   -14.639 1.00 80.66  ? 10  A   B P     1 
ATOM   458  O  OP1   . A   B 2 9  ? 0.993   2.876   -15.969 1.00 81.04  ? 10  A   B OP1   1 
ATOM   459  O  OP2   . A   B 2 9  ? 1.449   1.194   -14.089 1.00 75.27  ? 10  A   B OP2   1 
ATOM   460  O  "O5'" . A   B 2 9  ? 0.650   3.515   -13.587 1.00 76.64  ? 10  A   B "O5'" 1 
ATOM   461  C  "C5'" . A   B 2 9  ? -0.130  4.677   -13.825 1.00 67.44  ? 10  A   B "C5'" 1 
ATOM   462  C  "C4'" . A   B 2 9  ? -0.316  5.445   -12.545 1.00 63.29  ? 10  A   B "C4'" 1 
ATOM   463  O  "O4'" . A   B 2 9  ? -1.192  4.709   -11.661 1.00 62.68  ? 10  A   B "O4'" 1 
ATOM   464  C  "C3'" . A   B 2 9  ? 0.946   5.655   -11.735 1.00 61.75  ? 10  A   B "C3'" 1 
ATOM   465  O  "O3'" . A   B 2 9  ? 1.648   6.782   -12.215 1.00 64.55  ? 10  A   B "O3'" 1 
ATOM   466  C  "C2'" . A   B 2 9  ? 0.394   5.871   -10.335 1.00 64.00  ? 10  A   B "C2'" 1 
ATOM   467  O  "O2'" . A   B 2 9  ? -0.099  7.177   -10.148 1.00 61.12  ? 10  A   B "O2'" 1 
ATOM   468  C  "C1'" . A   B 2 9  ? -0.772  4.883   -10.319 1.00 64.47  ? 10  A   B "C1'" 1 
ATOM   469  N  N9    . A   B 2 9  ? -0.403  3.571   -9.789  1.00 66.09  ? 10  A   B N9    1 
ATOM   470  C  C8    . A   B 2 9  ? -0.100  2.427   -10.491 1.00 67.44  ? 10  A   B C8    1 
ATOM   471  N  N7    . A   B 2 9  ? 0.196   1.402   -9.729  1.00 66.59  ? 10  A   B N7    1 
ATOM   472  C  C5    . A   B 2 9  ? 0.080   1.902   -8.441  1.00 65.86  ? 10  A   B C5    1 
ATOM   473  C  C6    . A   B 2 9  ? 0.264   1.312   -7.180  1.00 65.63  ? 10  A   B C6    1 
ATOM   474  N  N6    . A   B 2 9  ? 0.617   0.041   -7.001  1.00 68.23  ? 10  A   B N6    1 
ATOM   475  N  N1    . A   B 2 9  ? 0.072   2.085   -6.094  1.00 64.75  ? 10  A   B N1    1 
ATOM   476  C  C2    . A   B 2 9  ? -0.283  3.363   -6.274  1.00 65.20  ? 10  A   B C2    1 
ATOM   477  N  N3    . A   B 2 9  ? -0.488  4.032   -7.405  1.00 65.66  ? 10  A   B N3    1 
ATOM   478  C  C4    . A   B 2 9  ? -0.288  3.235   -8.463  1.00 65.45  ? 10  A   B C4    1 
ATOM   479  P  P     . G   B 2 10 ? 3.249   6.777   -12.205 1.00 70.38  ? 11  G   B P     1 
ATOM   480  O  OP1   . G   B 2 10 ? 3.704   8.051   -12.815 1.00 71.56  ? 11  G   B OP1   1 
ATOM   481  O  OP2   . G   B 2 10 ? 3.724   5.484   -12.767 1.00 69.55  ? 11  G   B OP2   1 
ATOM   482  O  "O5'" . G   B 2 10 ? 3.610   6.837   -10.657 1.00 67.08  ? 11  G   B "O5'" 1 
ATOM   483  C  "C5'" . G   B 2 10 ? 3.229   7.956   -9.867  1.00 58.04  ? 11  G   B "C5'" 1 
ATOM   484  C  "C4'" . G   B 2 10 ? 3.444   7.651   -8.411  1.00 58.51  ? 11  G   B "C4'" 1 
ATOM   485  O  "O4'" . G   B 2 10 ? 2.524   6.606   -8.015  1.00 60.34  ? 11  G   B "O4'" 1 
ATOM   486  C  "C3'" . G   B 2 10 ? 4.805   7.086   -8.061  1.00 56.93  ? 11  G   B "C3'" 1 
ATOM   487  O  "O3'" . G   B 2 10 ? 5.794   8.083   -7.899  1.00 56.54  ? 11  G   B "O3'" 1 
ATOM   488  C  "C2'" . G   B 2 10 ? 4.509   6.354   -6.767  1.00 57.57  ? 11  G   B "C2'" 1 
ATOM   489  O  "O2'" . G   B 2 10 ? 4.336   7.250   -5.692  1.00 59.34  ? 11  G   B "O2'" 1 
ATOM   490  C  "C1'" . G   B 2 10 ? 3.152   5.742   -7.088  1.00 58.46  ? 11  G   B "C1'" 1 
ATOM   491  N  N9    . G   B 2 10 ? 3.261   4.419   -7.698  1.00 58.60  ? 11  G   B N9    1 
ATOM   492  C  C8    . G   B 2 10 ? 3.132   4.108   -9.033  1.00 59.11  ? 11  G   B C8    1 
ATOM   493  N  N7    . G   B 2 10 ? 3.232   2.825   -9.275  1.00 59.43  ? 11  G   B N7    1 
ATOM   494  C  C5    . G   B 2 10 ? 3.450   2.256   -8.026  1.00 58.63  ? 11  G   B C5    1 
ATOM   495  C  C6    . G   B 2 10 ? 3.615   0.895   -7.651  1.00 57.68  ? 11  G   B C6    1 
ATOM   496  O  O6    . G   B 2 10 ? 3.598   -0.110  -8.373  1.00 60.75  ? 11  G   B O6    1 
ATOM   497  N  N1    . G   B 2 10 ? 3.807   0.762   -6.282  1.00 58.17  ? 11  G   B N1    1 
ATOM   498  C  C2    . G   B 2 10 ? 3.836   1.803   -5.385  1.00 58.23  ? 11  G   B C2    1 
ATOM   499  N  N2    . G   B 2 10 ? 4.025   1.471   -4.105  1.00 55.97  ? 11  G   B N2    1 
ATOM   500  N  N3    . G   B 2 10 ? 3.683   3.074   -5.719  1.00 57.44  ? 11  G   B N3    1 
ATOM   501  C  C4    . G   B 2 10 ? 3.489   3.227   -7.045  1.00 58.35  ? 11  G   B C4    1 
ATOM   502  P  P     . G   B 2 11 ? 7.339   7.699   -8.110  1.00 61.84  ? 12  G   B P     1 
ATOM   503  O  OP1   . G   B 2 11 ? 8.111   8.958   -8.095  1.00 63.97  ? 12  G   B OP1   1 
ATOM   504  O  OP2   . G   B 2 11 ? 7.450   6.781   -9.268  1.00 63.27  ? 12  G   B OP2   1 
ATOM   505  O  "O5'" . G   B 2 11 ? 7.728   6.908   -6.792  1.00 62.53  ? 12  G   B "O5'" 1 
ATOM   506  C  "C5'" . G   B 2 11 ? 7.722   7.579   -5.549  1.00 63.54  ? 12  G   B "C5'" 1 
ATOM   507  C  "C4'" . G   B 2 11 ? 7.928   6.604   -4.425  1.00 61.00  ? 12  G   B "C4'" 1 
ATOM   508  O  "O4'" . G   B 2 11 ? 6.855   5.634   -4.436  1.00 63.13  ? 12  G   B "O4'" 1 
ATOM   509  C  "C3'" . G   B 2 11 ? 9.173   5.752   -4.527  1.00 61.53  ? 12  G   B "C3'" 1 
ATOM   510  O  "O3'" . G   B 2 11 ? 10.314  6.448   -4.083  1.00 62.78  ? 12  G   B "O3'" 1 
ATOM   511  C  "C2'" . G   B 2 11 ? 8.812   4.562   -3.657  1.00 60.88  ? 12  G   B "C2'" 1 
ATOM   512  O  "O2'" . G   B 2 11 ? 8.874   4.836   -2.272  1.00 59.49  ? 12  G   B "O2'" 1 
ATOM   513  C  "C1'" . G   B 2 11 ? 7.355   4.374   -4.040  1.00 60.58  ? 12  G   B "C1'" 1 
ATOM   514  N  N9    . G   B 2 11 ? 7.245   3.462   -5.168  1.00 59.82  ? 12  G   B N9    1 
ATOM   515  C  C8    . G   B 2 11 ? 7.004   3.766   -6.484  1.00 59.04  ? 12  G   B C8    1 
ATOM   516  N  N7    . G   B 2 11 ? 6.913   2.705   -7.241  1.00 60.50  ? 12  G   B N7    1 
ATOM   517  C  C5    . G   B 2 11 ? 7.120   1.645   -6.368  1.00 59.22  ? 12  G   B C5    1 
ATOM   518  C  C6    . G   B 2 11 ? 7.122   0.244   -6.597  1.00 59.33  ? 12  G   B C6    1 
ATOM   519  O  O6    . G   B 2 11 ? 6.927   -0.366  -7.660  1.00 63.90  ? 12  G   B O6    1 
ATOM   520  N  N1    . G   B 2 11 ? 7.382   -0.462  -5.425  1.00 57.00  ? 12  G   B N1    1 
ATOM   521  C  C2    . G   B 2 11 ? 7.612   0.107   -4.195  1.00 58.68  ? 12  G   B C2    1 
ATOM   522  N  N2    . G   B 2 11 ? 7.856   -0.729  -3.185  1.00 57.34  ? 12  G   B N2    1 
ATOM   523  N  N3    . G   B 2 11 ? 7.606   1.405   -3.971  1.00 58.40  ? 12  G   B N3    1 
ATOM   524  C  C4    . G   B 2 11 ? 7.350   2.108   -5.090  1.00 58.67  ? 12  G   B C4    1 
ATOM   525  P  P     . G   B 2 12 ? 11.731  6.100   -4.727  1.00 61.87  ? 13  G   B P     1 
ATOM   526  O  OP1   . G   B 2 12 ? 12.700  7.040   -4.109  1.00 63.37  ? 13  G   B OP1   1 
ATOM   527  O  OP2   . G   B 2 12 ? 11.576  6.060   -6.205  1.00 59.88  ? 13  G   B OP2   1 
ATOM   528  O  "O5'" . G   B 2 12 ? 12.008  4.626   -4.190  1.00 64.37  ? 13  G   B "O5'" 1 
ATOM   529  C  "C5'" . G   B 2 12 ? 12.010  4.376   -2.789  1.00 60.64  ? 13  G   B "C5'" 1 
ATOM   530  C  "C4'" . G   B 2 12 ? 12.156  2.902   -2.493  1.00 59.02  ? 13  G   B "C4'" 1 
ATOM   531  O  "O4'" . G   B 2 12 ? 11.012  2.188   -3.035  1.00 59.25  ? 13  G   B "O4'" 1 
ATOM   532  C  "C3'" . G   B 2 12 ? 13.333  2.229   -3.175  1.00 57.99  ? 13  G   B "C3'" 1 
ATOM   533  O  "O3'" . G   B 2 12 ? 14.588  2.506   -2.573  1.00 58.78  ? 13  G   B "O3'" 1 
ATOM   534  C  "C2'" . G   B 2 12 ? 12.914  0.769   -3.192  1.00 54.82  ? 13  G   B "C2'" 1 
ATOM   535  O  "O2'" . G   B 2 12 ? 13.114  0.128   -1.954  1.00 57.69  ? 13  G   B "O2'" 1 
ATOM   536  C  "C1'" . G   B 2 12 ? 11.415  0.892   -3.430  1.00 54.70  ? 13  G   B "C1'" 1 
ATOM   537  N  N9    . G   B 2 12 ? 11.015  0.640   -4.808  1.00 52.67  ? 13  G   B N9    1 
ATOM   538  C  C8    . G   B 2 12 ? 10.653  1.546   -5.773  1.00 52.09  ? 13  G   B C8    1 
ATOM   539  N  N7    . G   B 2 12 ? 10.340  0.980   -6.909  1.00 46.07  ? 13  G   B N7    1 
ATOM   540  C  C5    . G   B 2 12 ? 10.506  -0.380  -6.670  1.00 48.70  ? 13  G   B C5    1 
ATOM   541  C  C6    . G   B 2 12 ? 10.306  -1.505  -7.525  1.00 49.46  ? 13  G   B C6    1 
ATOM   542  O  O6    . G   B 2 12 ? 9.927   -1.518  -8.711  1.00 47.14  ? 13  G   B O6    1 
ATOM   543  N  N1    . G   B 2 12 ? 10.606  -2.708  -6.871  1.00 45.23  ? 13  G   B N1    1 
ATOM   544  C  C2    . G   B 2 12 ? 11.047  -2.818  -5.570  1.00 50.96  ? 13  G   B C2    1 
ATOM   545  N  N2    . G   B 2 12 ? 11.317  -4.062  -5.127  1.00 48.10  ? 13  G   B N2    1 
ATOM   546  N  N3    . G   B 2 12 ? 11.223  -1.775  -4.766  1.00 50.26  ? 13  G   B N3    1 
ATOM   547  C  C4    . G   B 2 12 ? 10.934  -0.598  -5.379  1.00 48.85  ? 13  G   B C4    1 
ATOM   548  O  "O5'" . G   C 3 1  ? 19.267  -6.860  1.147   1.00 64.10  ? 15  G   C "O5'" 1 
ATOM   549  C  "C5'" . G   C 3 1  ? 19.099  -7.737  0.042   1.00 66.94  ? 15  G   C "C5'" 1 
ATOM   550  C  "C4'" . G   C 3 1  ? 18.976  -9.145  0.550   1.00 68.26  ? 15  G   C "C4'" 1 
ATOM   551  O  "O4'" . G   C 3 1  ? 20.187  -9.480  1.268   1.00 70.06  ? 15  G   C "O4'" 1 
ATOM   552  C  "C3'" . G   C 3 1  ? 17.858  -9.388  1.551   1.00 68.85  ? 15  G   C "C3'" 1 
ATOM   553  O  "O3'" . G   C 3 1  ? 16.629  -9.651  0.871   1.00 69.27  ? 15  G   C "O3'" 1 
ATOM   554  C  "C2'" . G   C 3 1  ? 18.378  -10.608 2.303   1.00 70.89  ? 15  G   C "C2'" 1 
ATOM   555  O  "O2'" . G   C 3 1  ? 18.193  -11.818 1.588   1.00 72.02  ? 15  G   C "O2'" 1 
ATOM   556  C  "C1'" . G   C 3 1  ? 19.874  -10.306 2.373   1.00 67.91  ? 15  G   C "C1'" 1 
ATOM   557  N  N9    . G   C 3 1  ? 20.285  -9.607  3.585   1.00 65.57  ? 15  G   C N9    1 
ATOM   558  C  C8    . G   C 3 1  ? 20.640  -8.286  3.693   1.00 65.09  ? 15  G   C C8    1 
ATOM   559  N  N7    . G   C 3 1  ? 20.989  -7.945  4.901   1.00 64.88  ? 15  G   C N7    1 
ATOM   560  C  C5    . G   C 3 1  ? 20.846  -9.112  5.638   1.00 66.11  ? 15  G   C C5    1 
ATOM   561  C  C6    . G   C 3 1  ? 21.078  -9.363  7.010   1.00 65.96  ? 15  G   C C6    1 
ATOM   562  O  O6    . G   C 3 1  ? 21.471  -8.579  7.878   1.00 66.16  ? 15  G   C O6    1 
ATOM   563  N  N1    . G   C 3 1  ? 20.805  -10.686 7.341   1.00 67.13  ? 15  G   C N1    1 
ATOM   564  C  C2    . G   C 3 1  ? 20.362  -11.645 6.462   1.00 68.46  ? 15  G   C C2    1 
ATOM   565  N  N2    . G   C 3 1  ? 20.138  -12.862 6.975   1.00 69.92  ? 15  G   C N2    1 
ATOM   566  N  N3    . G   C 3 1  ? 20.152  -11.427 5.178   1.00 68.02  ? 15  G   C N3    1 
ATOM   567  C  C4    . G   C 3 1  ? 20.408  -10.146 4.837   1.00 66.13  ? 15  G   C C4    1 
ATOM   568  P  P     . G   C 3 2  ? 15.228  -9.250  1.555   1.00 67.38  ? 16  G   C P     1 
ATOM   569  O  OP1   . G   C 3 2  ? 14.186  -9.278  0.509   1.00 71.31  ? 16  G   C OP1   1 
ATOM   570  O  OP2   . G   C 3 2  ? 15.425  -8.020  2.356   1.00 69.53  ? 16  G   C OP2   1 
ATOM   571  O  "O5'" . G   C 3 2  ? 14.927  -10.452 2.549   1.00 68.58  ? 16  G   C "O5'" 1 
ATOM   572  C  "C5'" . G   C 3 2  ? 14.746  -11.775 2.059   1.00 67.82  ? 16  G   C "C5'" 1 
ATOM   573  C  "C4'" . G   C 3 2  ? 14.695  -12.738 3.212   1.00 69.67  ? 16  G   C "C4'" 1 
ATOM   574  O  "O4'" . G   C 3 2  ? 16.010  -12.828 3.817   1.00 69.63  ? 16  G   C "O4'" 1 
ATOM   575  C  "C3'" . G   C 3 2  ? 13.801  -12.295 4.353   1.00 70.15  ? 16  G   C "C3'" 1 
ATOM   576  O  "O3'" . G   C 3 2  ? 12.440  -12.611 4.133   1.00 71.60  ? 16  G   C "O3'" 1 
ATOM   577  C  "C2'" . G   C 3 2  ? 14.386  -13.053 5.530   1.00 69.58  ? 16  G   C "C2'" 1 
ATOM   578  O  "O2'" . G   C 3 2  ? 13.976  -14.408 5.548   1.00 71.62  ? 16  G   C "O2'" 1 
ATOM   579  C  "C1'" . G   C 3 2  ? 15.880  -12.947 5.226   1.00 70.15  ? 16  G   C "C1'" 1 
ATOM   580  N  N9    . G   C 3 2  ? 16.464  -11.755 5.838   1.00 71.47  ? 16  G   C N9    1 
ATOM   581  C  C8    . G   C 3 2  ? 16.649  -10.523 5.248   1.00 70.16  ? 16  G   C C8    1 
ATOM   582  N  N7    . G   C 3 2  ? 17.199  -9.646  6.046   1.00 69.93  ? 16  G   C N7    1 
ATOM   583  C  C5    . G   C 3 2  ? 17.389  -10.336 7.237   1.00 71.54  ? 16  G   C C5    1 
ATOM   584  C  C6    . G   C 3 2  ? 17.952  -9.912  8.463   1.00 70.37  ? 16  G   C C6    1 
ATOM   585  O  O6    . G   C 3 2  ? 18.416  -8.807  8.752   1.00 72.60  ? 16  G   C O6    1 
ATOM   586  N  N1    . G   C 3 2  ? 17.943  -10.932 9.410   1.00 70.58  ? 16  G   C N1    1 
ATOM   587  C  C2    . G   C 3 2  ? 17.458  -12.204 9.204   1.00 72.38  ? 16  G   C C2    1 
ATOM   588  N  N2    . G   C 3 2  ? 17.525  -13.048 10.247  1.00 72.05  ? 16  G   C N2    1 
ATOM   589  N  N3    . G   C 3 2  ? 16.940  -12.616 8.062   1.00 71.09  ? 16  G   C N3    1 
ATOM   590  C  C4    . G   C 3 2  ? 16.936  -11.638 7.127   1.00 72.08  ? 16  G   C C4    1 
ATOM   591  P  P     . C   C 3 3  ? 11.309  -11.661 4.752   1.00 70.64  ? 17  C   C P     1 
ATOM   592  O  OP1   . C   C 3 3  ? 10.007  -12.140 4.232   1.00 71.03  ? 17  C   C OP1   1 
ATOM   593  O  OP2   . C   C 3 3  ? 11.726  -10.254 4.529   1.00 71.42  ? 17  C   C OP2   1 
ATOM   594  O  "O5'" . C   C 3 3  ? 11.372  -11.942 6.317   1.00 71.98  ? 17  C   C "O5'" 1 
ATOM   595  C  "C5'" . C   C 3 3  ? 10.967  -13.198 6.840   1.00 70.73  ? 17  C   C "C5'" 1 
ATOM   596  C  "C4'" . C   C 3 3  ? 11.287  -13.283 8.311   1.00 70.19  ? 17  C   C "C4'" 1 
ATOM   597  O  "O4'" . C   C 3 3  ? 12.724  -13.144 8.491   1.00 70.66  ? 17  C   C "O4'" 1 
ATOM   598  C  "C3'" . C   C 3 3  ? 10.715  -12.171 9.170   1.00 72.34  ? 17  C   C "C3'" 1 
ATOM   599  O  "O3'" . C   C 3 3  ? 9.360   -12.390 9.523   1.00 75.20  ? 17  C   C "O3'" 1 
ATOM   600  C  "C2'" . C   C 3 3  ? 11.645  -12.186 10.372  1.00 69.96  ? 17  C   C "C2'" 1 
ATOM   601  O  "O2'" . C   C 3 3  ? 11.363  -13.238 11.274  1.00 70.39  ? 17  C   C "O2'" 1 
ATOM   602  C  "C1'" . C   C 3 3  ? 12.988  -12.444 9.695   1.00 65.19  ? 17  C   C "C1'" 1 
ATOM   603  N  N1    . C   C 3 3  ? 13.645  -11.176 9.365   1.00 63.71  ? 17  C   C N1    1 
ATOM   604  C  C2    . C   C 3 3  ? 14.317  -10.497 10.378  1.00 63.96  ? 17  C   C C2    1 
ATOM   605  O  O2    . C   C 3 3  ? 14.365  -11.006 11.506  1.00 65.79  ? 17  C   C O2    1 
ATOM   606  N  N3    . C   C 3 3  ? 14.897  -9.308  10.111  1.00 62.11  ? 17  C   C N3    1 
ATOM   607  C  C4    . C   C 3 3  ? 14.818  -8.794  8.888   1.00 61.62  ? 17  C   C C4    1 
ATOM   608  N  N4    . C   C 3 3  ? 15.383  -7.612  8.680   1.00 59.91  ? 17  C   C N4    1 
ATOM   609  C  C5    . C   C 3 3  ? 14.153  -9.473  7.826   1.00 62.59  ? 17  C   C C5    1 
ATOM   610  C  C6    . C   C 3 3  ? 13.586  -10.653 8.108   1.00 62.23  ? 17  C   C C6    1 
ATOM   611  P  P     . A   C 3 4  ? 8.407   -11.125 9.794   1.00 76.18  ? 18  A   C P     1 
ATOM   612  O  OP1   . A   C 3 4  ? 7.053   -11.653 10.091  1.00 74.94  ? 18  A   C OP1   1 
ATOM   613  O  OP2   . A   C 3 4  ? 8.596   -10.154 8.690   1.00 76.15  ? 18  A   C OP2   1 
ATOM   614  O  "O5'" . A   C 3 4  ? 8.994   -10.471 11.119  1.00 74.81  ? 18  A   C "O5'" 1 
ATOM   615  C  "C5'" . A   C 3 4  ? 8.816   -11.125 12.360  1.00 75.22  ? 18  A   C "C5'" 1 
ATOM   616  C  "C4'" . A   C 3 4  ? 9.401   -10.310 13.475  1.00 75.37  ? 18  A   C "C4'" 1 
ATOM   617  O  "O4'" . A   C 3 4  ? 10.834  -10.192 13.276  1.00 74.64  ? 18  A   C "O4'" 1 
ATOM   618  C  "C3'" . A   C 3 4  ? 8.927   -8.872  13.521  1.00 78.60  ? 18  A   C "C3'" 1 
ATOM   619  O  "O3'" . A   C 3 4  ? 7.672   -8.749  14.164  1.00 82.11  ? 18  A   C "O3'" 1 
ATOM   620  C  "C2'" . A   C 3 4  ? 10.049  -8.190  14.289  1.00 76.75  ? 18  A   C "C2'" 1 
ATOM   621  O  "O2'" . A   C 3 4  ? 9.971   -8.387  15.684  1.00 80.51  ? 18  A   C "O2'" 1 
ATOM   622  C  "C1'" . A   C 3 4  ? 11.266  -8.925  13.736  1.00 73.80  ? 18  A   C "C1'" 1 
ATOM   623  N  N9    . A   C 3 4  ? 11.838  -8.194  12.619  1.00 71.26  ? 18  A   C N9    1 
ATOM   624  C  C8    . A   C 3 4  ? 11.744  -8.431  11.276  1.00 70.35  ? 18  A   C C8    1 
ATOM   625  N  N7    . A   C 3 4  ? 12.390  -7.558  10.543  1.00 70.29  ? 18  A   C N7    1 
ATOM   626  C  C5    . A   C 3 4  ? 12.946  -6.692  11.474  1.00 69.30  ? 18  A   C C5    1 
ATOM   627  C  C6    . A   C 3 4  ? 13.757  -5.551  11.346  1.00 68.20  ? 18  A   C C6    1 
ATOM   628  N  N6    . A   C 3 4  ? 14.177  -5.068  10.176  1.00 67.99  ? 18  A   C N6    1 
ATOM   629  N  N1    . A   C 3 4  ? 14.131  -4.915  12.478  1.00 67.57  ? 18  A   C N1    1 
ATOM   630  C  C2    . A   C 3 4  ? 13.716  -5.403  13.652  1.00 69.74  ? 18  A   C C2    1 
ATOM   631  N  N3    . A   C 3 4  ? 12.958  -6.467  13.899  1.00 71.76  ? 18  A   C N3    1 
ATOM   632  C  C4    . A   C 3 4  ? 12.607  -7.071  12.753  1.00 70.12  ? 18  A   C C4    1 
ATOM   633  P  P     . G   C 3 5  ? 6.751   -7.470  13.856  1.00 85.16  ? 19  G   C P     1 
ATOM   634  O  OP1   . G   C 3 5  ? 5.493   -7.680  14.614  1.00 85.27  ? 19  G   C OP1   1 
ATOM   635  O  OP2   . G   C 3 5  ? 6.692   -7.275  12.384  1.00 85.68  ? 19  G   C OP2   1 
ATOM   636  O  "O5'" . G   C 3 5  ? 7.558   -6.263  14.521  1.00 81.52  ? 19  G   C "O5'" 1 
ATOM   637  C  "C5'" . G   C 3 5  ? 7.741   -6.238  15.925  1.00 77.03  ? 19  G   C "C5'" 1 
ATOM   638  C  "C4'" . G   C 3 5  ? 8.555   -5.046  16.357  1.00 77.71  ? 19  G   C "C4'" 1 
ATOM   639  O  "O4'" . G   C 3 5  ? 9.885   -5.149  15.791  1.00 76.06  ? 19  G   C "O4'" 1 
ATOM   640  C  "C3'" . G   C 3 5  ? 8.071   -3.703  15.841  1.00 81.37  ? 19  G   C "C3'" 1 
ATOM   641  O  "O3'" . G   C 3 5  ? 6.959   -3.189  16.552  1.00 86.17  ? 19  G   C "O3'" 1 
ATOM   642  C  "C2'" . G   C 3 5  ? 9.325   -2.845  15.941  1.00 79.53  ? 19  G   C "C2'" 1 
ATOM   643  O  "O2'" . G   C 3 5  ? 9.627   -2.366  17.236  1.00 79.70  ? 19  G   C "O2'" 1 
ATOM   644  C  "C1'" . G   C 3 5  ? 10.390  -3.851  15.531  1.00 74.93  ? 19  G   C "C1'" 1 
ATOM   645  N  N9    . G   C 3 5  ? 10.727  -3.723  14.120  1.00 72.06  ? 19  G   C N9    1 
ATOM   646  C  C8    . G   C 3 5  ? 10.375  -4.539  13.071  1.00 71.39  ? 19  G   C C8    1 
ATOM   647  N  N7    . G   C 3 5  ? 10.857  -4.130  11.927  1.00 70.24  ? 19  G   C N7    1 
ATOM   648  C  C5    . G   C 3 5  ? 11.569  -2.978  12.247  1.00 68.87  ? 19  G   C C5    1 
ATOM   649  C  C6    . G   C 3 5  ? 12.322  -2.093  11.426  1.00 68.72  ? 19  G   C C6    1 
ATOM   650  O  O6    . G   C 3 5  ? 12.531  -2.159  10.206  1.00 69.87  ? 19  G   C O6    1 
ATOM   651  N  N1    . G   C 3 5  ? 12.863  -1.045  12.168  1.00 67.66  ? 19  G   C N1    1 
ATOM   652  C  C2    . G   C 3 5  ? 12.709  -0.868  13.521  1.00 67.25  ? 19  G   C C2    1 
ATOM   653  N  N2    . G   C 3 5  ? 13.295  0.214   14.056  1.00 67.23  ? 19  G   C N2    1 
ATOM   654  N  N3    . G   C 3 5  ? 12.024  -1.688  14.293  1.00 68.81  ? 19  G   C N3    1 
ATOM   655  C  C4    . G   C 3 5  ? 11.488  -2.713  13.595  1.00 70.34  ? 19  G   C C4    1 
ATOM   656  P  P     . A   C 3 6  ? 5.816   -2.398  15.746  1.00 88.80  ? 20  A   C P     1 
ATOM   657  O  OP1   . A   C 3 6  ? 4.658   -2.173  16.648  1.00 89.93  ? 20  A   C OP1   1 
ATOM   658  O  OP2   . A   C 3 6  ? 5.615   -3.128  14.468  1.00 91.58  ? 20  A   C OP2   1 
ATOM   659  O  "O5'" . A   C 3 6  ? 6.499   -0.999  15.417  1.00 81.38  ? 20  A   C "O5'" 1 
ATOM   660  C  "C5'" . A   C 3 6  ? 7.065   -0.231  16.461  1.00 73.79  ? 20  A   C "C5'" 1 
ATOM   661  C  "C4'" . A   C 3 6  ? 7.997   0.810   15.912  1.00 73.74  ? 20  A   C "C4'" 1 
ATOM   662  O  "O4'" . A   C 3 6  ? 9.104   0.150   15.250  1.00 74.15  ? 20  A   C "O4'" 1 
ATOM   663  C  "C3'" . A   C 3 6  ? 7.413   1.688   14.824  1.00 74.28  ? 20  A   C "C3'" 1 
ATOM   664  O  "O3'" . A   C 3 6  ? 6.600   2.730   15.322  1.00 77.21  ? 20  A   C "O3'" 1 
ATOM   665  C  "C2'" . A   C 3 6  ? 8.656   2.177   14.097  1.00 73.55  ? 20  A   C "C2'" 1 
ATOM   666  O  "O2'" . A   C 3 6  ? 9.339   3.234   14.740  1.00 74.28  ? 20  A   C "O2'" 1 
ATOM   667  C  "C1'" . A   C 3 6  ? 9.514   0.920   14.130  1.00 69.83  ? 20  A   C "C1'" 1 
ATOM   668  N  N9    . A   C 3 6  ? 9.304   0.145   12.914  1.00 67.05  ? 20  A   C N9    1 
ATOM   669  C  C8    . A   C 3 6  ? 8.584   -1.012  12.697  1.00 66.27  ? 20  A   C C8    1 
ATOM   670  N  N7    . A   C 3 6  ? 8.632   -1.436  11.454  1.00 63.44  ? 20  A   C N7    1 
ATOM   671  C  C5    . A   C 3 6  ? 9.433   -0.495  10.817  1.00 63.66  ? 20  A   C C5    1 
ATOM   672  C  C6    . A   C 3 6  ? 9.880   -0.376  9.498   1.00 63.85  ? 20  A   C C6    1 
ATOM   673  N  N6    . A   C 3 6  ? 9.591   -1.258  8.537   1.00 63.34  ? 20  A   C N6    1 
ATOM   674  N  N1    . A   C 3 6  ? 10.658  0.693   9.192   1.00 65.40  ? 20  A   C N1    1 
ATOM   675  C  C2    . A   C 3 6  ? 10.965  1.570   10.161  1.00 64.43  ? 20  A   C C2    1 
ATOM   676  N  N3    . A   C 3 6  ? 10.615  1.558   11.439  1.00 64.48  ? 20  A   C N3    1 
ATOM   677  C  C4    . A   C 3 6  ? 9.842   0.487   11.703  1.00 64.27  ? 20  A   C C4    1 
ATOM   678  P  P     . G   C 3 7  ? 5.302   3.158   14.489  1.00 82.50  ? 21  G   C P     1 
ATOM   679  O  OP1   . G   C 3 7  ? 4.614   4.263   15.202  1.00 79.89  ? 21  G   C OP1   1 
ATOM   680  O  OP2   . G   C 3 7  ? 4.555   1.904   14.169  1.00 77.95  ? 21  G   C OP2   1 
ATOM   681  O  "O5'" . G   C 3 7  ? 5.927   3.737   13.146  1.00 78.22  ? 21  G   C "O5'" 1 
ATOM   682  C  "C5'" . G   C 3 7  ? 6.924   4.744   13.203  1.00 72.33  ? 21  G   C "C5'" 1 
ATOM   683  C  "C4'" . G   C 3 7  ? 7.368   5.117   11.814  1.00 72.38  ? 21  G   C "C4'" 1 
ATOM   684  O  "O4'" . G   C 3 7  ? 8.159   4.042   11.247  1.00 69.06  ? 21  G   C "O4'" 1 
ATOM   685  C  "C3'" . G   C 3 7  ? 6.249   5.331   10.811  1.00 73.42  ? 21  G   C "C3'" 1 
ATOM   686  O  "O3'" . G   C 3 7  ? 5.725   6.649   10.928  1.00 79.85  ? 21  G   C "O3'" 1 
ATOM   687  C  "C2'" . G   C 3 7  ? 6.972   5.101   9.489   1.00 71.72  ? 21  G   C "C2'" 1 
ATOM   688  O  "O2'" . G   C 3 7  ? 7.765   6.220   9.144   1.00 72.19  ? 21  G   C "O2'" 1 
ATOM   689  C  "C1'" . G   C 3 7  ? 7.908   3.950   9.856   1.00 65.97  ? 21  G   C "C1'" 1 
ATOM   690  N  N9    . G   C 3 7  ? 7.359   2.625   9.574   1.00 61.91  ? 21  G   C N9    1 
ATOM   691  C  C8    . G   C 3 7  ? 6.594   1.851   10.419  1.00 60.85  ? 21  G   C C8    1 
ATOM   692  N  N7    . G   C 3 7  ? 6.264   0.695   9.902   1.00 58.85  ? 21  G   C N7    1 
ATOM   693  C  C5    . G   C 3 7  ? 6.839   0.706   8.634   1.00 57.69  ? 21  G   C C5    1 
ATOM   694  C  C6    . G   C 3 7  ? 6.823   -0.285  7.599   1.00 58.95  ? 21  G   C C6    1 
ATOM   695  O  O6    . G   C 3 7  ? 6.281   -1.405  7.603   1.00 61.85  ? 21  G   C O6    1 
ATOM   696  N  N1    . G   C 3 7  ? 7.528   0.140   6.473   1.00 57.94  ? 21  G   C N1    1 
ATOM   697  C  C2    . G   C 3 7  ? 8.171   1.351   6.349   1.00 60.00  ? 21  G   C C2    1 
ATOM   698  N  N2    . G   C 3 7  ? 8.787   1.567   5.175   1.00 58.03  ? 21  G   C N2    1 
ATOM   699  N  N3    . G   C 3 7  ? 8.199   2.280   7.304   1.00 56.91  ? 21  G   C N3    1 
ATOM   700  C  C4    . G   C 3 7  ? 7.514   1.893   8.412   1.00 57.72  ? 21  G   C C4    1 
ATOM   701  P  P     . A   C 3 8  ? 4.203   6.954   10.497  1.00 80.10  ? 22  A   C P     1 
ATOM   702  O  OP1   . A   C 3 8  ? 3.759   8.101   11.321  1.00 82.94  ? 22  A   C OP1   1 
ATOM   703  O  OP2   . A   C 3 8  ? 3.404   5.701   10.495  1.00 78.45  ? 22  A   C OP2   1 
ATOM   704  O  "O5'" . A   C 3 8  ? 4.338   7.449   8.991   1.00 79.89  ? 22  A   C "O5'" 1 
ATOM   705  C  "C5'" . A   C 3 8  ? 4.131   8.810   8.660   1.00 73.74  ? 22  A   C "C5'" 1 
ATOM   706  C  "C4'" . A   C 3 8  ? 5.333   9.370   7.945   1.00 71.09  ? 22  A   C "C4'" 1 
ATOM   707  O  "O4'" . A   C 3 8  ? 6.365   8.352   7.827   1.00 68.97  ? 22  A   C "O4'" 1 
ATOM   708  C  "C3'" . A   C 3 8  ? 5.057   9.741   6.505   1.00 69.94  ? 22  A   C "C3'" 1 
ATOM   709  O  "O3'" . A   C 3 8  ? 4.355   10.960  6.400   1.00 71.73  ? 22  A   C "O3'" 1 
ATOM   710  C  "C2'" . A   C 3 8  ? 6.448   9.720   5.887   1.00 69.25  ? 22  A   C "C2'" 1 
ATOM   711  O  "O2'" . A   C 3 8  ? 7.230   10.869  6.144   1.00 71.16  ? 22  A   C "O2'" 1 
ATOM   712  C  "C1'" . A   C 3 8  ? 7.061   8.516   6.597   1.00 66.24  ? 22  A   C "C1'" 1 
ATOM   713  N  N9    . A   C 3 8  ? 6.907   7.311   5.782   1.00 64.15  ? 22  A   C N9    1 
ATOM   714  C  C8    . A   C 3 8  ? 6.126   6.206   5.998   1.00 63.57  ? 22  A   C C8    1 
ATOM   715  N  N7    . A   C 3 8  ? 6.204   5.310   5.041   1.00 61.19  ? 22  A   C N7    1 
ATOM   716  C  C5    . A   C 3 8  ? 7.103   5.863   4.139   1.00 61.94  ? 22  A   C C5    1 
ATOM   717  C  C6    . A   C 3 8  ? 7.610   5.415   2.903   1.00 61.07  ? 22  A   C C6    1 
ATOM   718  N  N6    . A   C 3 8  ? 7.270   4.252   2.347   1.00 62.14  ? 22  A   C N6    1 
ATOM   719  N  N1    . A   C 3 8  ? 8.490   6.213   2.253   1.00 61.86  ? 22  A   C N1    1 
ATOM   720  C  C2    . A   C 3 8  ? 8.829   7.375   2.817   1.00 60.13  ? 22  A   C C2    1 
ATOM   721  N  N3    . A   C 3 8  ? 8.421   7.903   3.969   1.00 60.77  ? 22  A   C N3    1 
ATOM   722  C  C4    . A   C 3 8  ? 7.548   7.089   4.586   1.00 61.84  ? 22  A   C C4    1 
ATOM   723  P  P     . A   C 3 9  ? 3.087   11.048  5.419   1.00 76.79  ? 23  A   C P     1 
ATOM   724  O  OP1   . A   C 3 9  ? 2.284   12.223  5.819   1.00 79.96  ? 23  A   C OP1   1 
ATOM   725  O  OP2   . A   C 3 9  ? 2.437   9.716   5.329   1.00 73.04  ? 23  A   C OP2   1 
ATOM   726  O  "O5'" . A   C 3 9  ? 3.762   11.369  4.023   1.00 72.51  ? 23  A   C "O5'" 1 
ATOM   727  C  "C5'" . A   C 3 9  ? 4.856   12.264  3.968   1.00 68.28  ? 23  A   C "C5'" 1 
ATOM   728  C  "C4'" . A   C 3 9  ? 5.715   11.959  2.779   1.00 67.63  ? 23  A   C "C4'" 1 
ATOM   729  O  "O4'" . A   C 3 9  ? 6.335   10.661  2.953   1.00 67.53  ? 23  A   C "O4'" 1 
ATOM   730  C  "C3'" . A   C 3 9  ? 4.944   11.821  1.483   1.00 68.77  ? 23  A   C "C3'" 1 
ATOM   731  O  "O3'" . A   C 3 9  ? 4.682   13.094  0.923   1.00 71.94  ? 23  A   C "O3'" 1 
ATOM   732  C  "C2'" . A   C 3 9  ? 5.883   10.968  0.640   1.00 67.62  ? 23  A   C "C2'" 1 
ATOM   733  O  "O2'" . A   C 3 9  ? 6.942   11.703  0.052   1.00 71.91  ? 23  A   C "O2'" 1 
ATOM   734  C  "C1'" . A   C 3 9  ? 6.440   10.014  1.696   1.00 65.45  ? 23  A   C "C1'" 1 
ATOM   735  N  N9    . A   C 3 9  ? 5.687   8.764   1.755   1.00 60.68  ? 23  A   C N9    1 
ATOM   736  C  C8    . A   C 3 9  ? 4.804   8.337   2.719   1.00 58.91  ? 23  A   C C8    1 
ATOM   737  N  N7    . A   C 3 9  ? 4.274   7.164   2.467   1.00 56.02  ? 23  A   C N7    1 
ATOM   738  C  C5    . A   C 3 9  ? 4.845   6.796   1.255   1.00 53.28  ? 23  A   C C5    1 
ATOM   739  C  C6    . A   C 3 9  ? 4.684   5.660   0.436   1.00 50.54  ? 23  A   C C6    1 
ATOM   740  N  N6    . A   C 3 9  ? 3.853   4.655   0.727   1.00 44.19  ? 23  A   C N6    1 
ATOM   741  N  N1    . A   C 3 9  ? 5.409   5.597   -0.705  1.00 49.39  ? 23  A   C N1    1 
ATOM   742  C  C2    . A   C 3 9  ? 6.230   6.618   -0.998  1.00 53.99  ? 23  A   C C2    1 
ATOM   743  N  N3    . A   C 3 9  ? 6.459   7.743   -0.315  1.00 53.95  ? 23  A   C N3    1 
ATOM   744  C  C4    . A   C 3 9  ? 5.725   7.768   0.813   1.00 55.42  ? 23  A   C C4    1 
ATOM   745  P  P     . A   C 3 10 ? 3.341   13.322  0.075   1.00 73.05  ? 24  A   C P     1 
ATOM   746  O  OP1   . A   C 3 10 ? 3.345   14.738  -0.371  1.00 73.19  ? 24  A   C OP1   1 
ATOM   747  O  OP2   . A   C 3 10 ? 2.184   12.792  0.849   1.00 66.71  ? 24  A   C OP2   1 
ATOM   748  O  "O5'" . A   C 3 10 ? 3.564   12.401  -1.204  1.00 73.87  ? 24  A   C "O5'" 1 
ATOM   749  C  "C5'" . A   C 3 10 ? 4.576   12.721  -2.156  1.00 71.45  ? 24  A   C "C5'" 1 
ATOM   750  C  "C4'" . A   C 3 10 ? 4.627   11.670  -3.234  1.00 67.15  ? 24  A   C "C4'" 1 
ATOM   751  O  "O4'" . A   C 3 10 ? 5.082   10.425  -2.648  1.00 68.48  ? 24  A   C "O4'" 1 
ATOM   752  C  "C3'" . A   C 3 10 ? 3.298   11.318  -3.874  1.00 66.96  ? 24  A   C "C3'" 1 
ATOM   753  O  "O3'" . A   C 3 10 ? 2.930   12.212  -4.906  1.00 63.14  ? 24  A   C "O3'" 1 
ATOM   754  C  "C2'" . A   C 3 10 ? 3.571   9.919   -4.393  1.00 66.73  ? 24  A   C "C2'" 1 
ATOM   755  O  "O2'" . A   C 3 10 ? 4.371   9.949   -5.555  1.00 68.77  ? 24  A   C "O2'" 1 
ATOM   756  C  "C1'" . A   C 3 10 ? 4.393   9.344   -3.246  1.00 64.37  ? 24  A   C "C1'" 1 
ATOM   757  N  N9    . A   C 3 10 ? 3.522   8.756   -2.232  1.00 59.91  ? 24  A   C N9    1 
ATOM   758  C  C8    . A   C 3 10 ? 3.129   9.290   -1.029  1.00 60.54  ? 24  A   C C8    1 
ATOM   759  N  N7    . A   C 3 10 ? 2.335   8.505   -0.337  1.00 59.60  ? 24  A   C N7    1 
ATOM   760  C  C5    . A   C 3 10 ? 2.202   7.378   -1.140  1.00 56.42  ? 24  A   C C5    1 
ATOM   761  C  C6    . A   C 3 10 ? 1.491   6.167   -0.975  1.00 56.70  ? 24  A   C C6    1 
ATOM   762  N  N6    . A   C 3 10 ? 0.749   5.873   0.103   1.00 55.81  ? 24  A   C N6    1 
ATOM   763  N  N1    . A   C 3 10 ? 1.570   5.257   -1.969  1.00 54.61  ? 24  A   C N1    1 
ATOM   764  C  C2    . A   C 3 10 ? 2.312   5.548   -3.049  1.00 54.65  ? 24  A   C C2    1 
ATOM   765  N  N3    . A   C 3 10 ? 3.021   6.641   -3.316  1.00 55.12  ? 24  A   C N3    1 
ATOM   766  C  C4    . A   C 3 10 ? 2.924   7.525   -2.311  1.00 56.81  ? 24  A   C C4    1 
ATOM   767  P  P     . C   C 3 11 ? 1.376   12.515  -5.163  1.00 67.13  ? 25  C   C P     1 
ATOM   768  O  OP1   . C   C 3 11 ? 1.291   13.434  -6.314  1.00 66.53  ? 25  C   C OP1   1 
ATOM   769  O  OP2   . C   C 3 11 ? 0.756   12.896  -3.870  1.00 61.64  ? 25  C   C OP2   1 
ATOM   770  O  "O5'" . C   C 3 11 ? 0.769   11.116  -5.623  1.00 61.84  ? 25  C   C "O5'" 1 
ATOM   771  C  "C5'" . C   C 3 11 ? 1.125   10.559  -6.884  1.00 57.70  ? 25  C   C "C5'" 1 
ATOM   772  C  "C4'" . C   C 3 11 ? 0.586   9.153   -7.020  1.00 58.28  ? 25  C   C "C4'" 1 
ATOM   773  O  "O4'" . C   C 3 11 ? 1.023   8.374   -5.876  1.00 61.05  ? 25  C   C "O4'" 1 
ATOM   774  C  "C3'" . C   C 3 11 ? -0.926  9.005   -7.002  1.00 57.74  ? 25  C   C "C3'" 1 
ATOM   775  O  "O3'" . C   C 3 11 ? -1.474  9.189   -8.296  1.00 62.26  ? 25  C   C "O3'" 1 
ATOM   776  C  "C2'" . C   C 3 11 ? -1.098  7.566   -6.549  1.00 56.19  ? 25  C   C "C2'" 1 
ATOM   777  O  "O2'" . C   C 3 11 ? -0.836  6.658   -7.593  1.00 57.85  ? 25  C   C "O2'" 1 
ATOM   778  C  "C1'" . C   C 3 11 ? 0.017   7.447   -5.517  1.00 53.57  ? 25  C   C "C1'" 1 
ATOM   779  N  N1    . C   C 3 11 ? -0.439  7.756   -4.159  1.00 51.27  ? 25  C   C N1    1 
ATOM   780  C  C2    . C   C 3 11 ? -1.225  6.818   -3.496  1.00 51.04  ? 25  C   C C2    1 
ATOM   781  O  O2    . C   C 3 11 ? -1.539  5.785   -4.090  1.00 56.50  ? 25  C   C O2    1 
ATOM   782  N  N3    . C   C 3 11 ? -1.629  7.059   -2.229  1.00 48.23  ? 25  C   C N3    1 
ATOM   783  C  C4    . C   C 3 11 ? -1.277  8.200   -1.626  1.00 48.11  ? 25  C   C C4    1 
ATOM   784  N  N4    . C   C 3 11 ? -1.685  8.390   -0.360  1.00 46.58  ? 25  C   C N4    1 
ATOM   785  C  C5    . C   C 3 11 ? -0.491  9.191   -2.289  1.00 45.54  ? 25  C   C C5    1 
ATOM   786  C  C6    . C   C 3 11 ? -0.096  8.927   -3.545  1.00 48.73  ? 25  C   C C6    1 
ATOM   787  P  P     . A   C 3 12 ? -2.917  9.867   -8.452  1.00 62.57  ? 26  A   C P     1 
ATOM   788  O  OP1   . A   C 3 12 ? -3.064  10.282  -9.865  1.00 60.39  ? 26  A   C OP1   1 
ATOM   789  O  OP2   . A   C 3 12 ? -3.042  10.872  -7.365  1.00 65.38  ? 26  A   C OP2   1 
ATOM   790  O  "O5'" . A   C 3 12 ? -3.953  8.701   -8.154  1.00 59.55  ? 26  A   C "O5'" 1 
ATOM   791  C  "C5'" . A   C 3 12 ? -4.006  7.544   -8.975  1.00 59.72  ? 26  A   C "C5'" 1 
ATOM   792  C  "C4'" . A   C 3 12 ? -4.790  6.471   -8.277  1.00 57.77  ? 26  A   C "C4'" 1 
ATOM   793  O  "O4'" . A   C 3 12 ? -4.130  6.162   -7.027  1.00 60.60  ? 26  A   C "O4'" 1 
ATOM   794  C  "C3'" . A   C 3 12 ? -6.169  6.906   -7.835  1.00 62.69  ? 26  A   C "C3'" 1 
ATOM   795  O  "O3'" . A   C 3 12 ? -7.110  6.836   -8.878  1.00 68.07  ? 26  A   C "O3'" 1 
ATOM   796  C  "C2'" . A   C 3 12 ? -6.467  5.956   -6.689  1.00 60.18  ? 26  A   C "C2'" 1 
ATOM   797  O  "O2'" . A   C 3 12 ? -6.841  4.665   -7.113  1.00 63.37  ? 26  A   C "O2'" 1 
ATOM   798  C  "C1'" . A   C 3 12 ? -5.100  5.883   -6.027  1.00 56.72  ? 26  A   C "C1'" 1 
ATOM   799  N  N9    . A   C 3 12 ? -4.965  6.874   -4.963  1.00 52.98  ? 26  A   C N9    1 
ATOM   800  C  C8    . A   C 3 12 ? -4.266  8.061   -4.966  1.00 52.05  ? 26  A   C C8    1 
ATOM   801  N  N7    . A   C 3 12 ? -4.297  8.694   -3.815  1.00 48.54  ? 26  A   C N7    1 
ATOM   802  C  C5    . A   C 3 12 ? -5.070  7.874   -3.008  1.00 47.78  ? 26  A   C C5    1 
ATOM   803  C  C6    . A   C 3 12 ? -5.452  7.966   -1.663  1.00 46.95  ? 26  A   C C6    1 
ATOM   804  N  N6    . A   C 3 12 ? -5.063  8.945   -0.850  1.00 50.59  ? 26  A   C N6    1 
ATOM   805  N  N1    . A   C 3 12 ? -6.247  6.994   -1.167  1.00 48.84  ? 26  A   C N1    1 
ATOM   806  C  C2    . A   C 3 12 ? -6.612  5.989   -1.983  1.00 48.72  ? 26  A   C C2    1 
ATOM   807  N  N3    . A   C 3 12 ? -6.297  5.780   -3.259  1.00 47.26  ? 26  A   C N3    1 
ATOM   808  C  C4    . A   C 3 12 ? -5.513  6.767   -3.713  1.00 49.19  ? 26  A   C C4    1 
ATOM   809  P  P     . C   C 3 13 ? -8.290  7.909   -8.920  1.00 69.68  ? 27  C   C P     1 
ATOM   810  O  OP1   . C   C 3 13 ? -9.034  7.642   -10.167 1.00 66.47  ? 27  C   C OP1   1 
ATOM   811  O  OP2   . C   C 3 13 ? -7.674  9.246   -8.693  1.00 62.86  ? 27  C   C OP2   1 
ATOM   812  O  "O5'" . C   C 3 13 ? -9.194  7.521   -7.665  1.00 66.10  ? 27  C   C "O5'" 1 
ATOM   813  C  "C5'" . C   C 3 13 ? -9.804  6.237   -7.590  1.00 66.99  ? 27  C   C "C5'" 1 
ATOM   814  C  "C4'" . C   C 3 13 ? -10.401 6.003   -6.223  1.00 66.56  ? 27  C   C "C4'" 1 
ATOM   815  O  "O4'" . C   C 3 13 ? -9.354  6.046   -5.222  1.00 67.25  ? 27  C   C "O4'" 1 
ATOM   816  C  "C3'" . C   C 3 13 ? -11.383 7.058   -5.758  1.00 69.43  ? 27  C   C "C3'" 1 
ATOM   817  O  "O3'" . C   C 3 13 ? -12.669 6.826   -6.305  1.00 75.21  ? 27  C   C "O3'" 1 
ATOM   818  C  "C2'" . C   C 3 13 ? -11.337 6.900   -4.243  1.00 66.99  ? 27  C   C "C2'" 1 
ATOM   819  O  "O2'" . C   C 3 13 ? -12.084 5.812   -3.752  1.00 67.10  ? 27  C   C "O2'" 1 
ATOM   820  C  "C1'" . C   C 3 13 ? -9.860  6.602   -4.020  1.00 60.80  ? 27  C   C "C1'" 1 
ATOM   821  N  N1    . C   C 3 13 ? -9.099  7.814   -3.695  1.00 54.67  ? 27  C   C N1    1 
ATOM   822  C  C2    . C   C 3 13 ? -9.081  8.258   -2.367  1.00 53.83  ? 27  C   C C2    1 
ATOM   823  O  O2    . C   C 3 13 ? -9.699  7.603   -1.505  1.00 52.80  ? 27  C   C O2    1 
ATOM   824  N  N3    . C   C 3 13 ? -8.392  9.387   -2.054  1.00 50.61  ? 27  C   C N3    1 
ATOM   825  C  C4    . C   C 3 13 ? -7.734  10.051  -3.012  1.00 51.92  ? 27  C   C C4    1 
ATOM   826  N  N4    . C   C 3 13 ? -7.057  11.153  -2.666  1.00 55.61  ? 27  C   C N4    1 
ATOM   827  C  C5    . C   C 3 13 ? -7.736  9.615   -4.368  1.00 53.38  ? 27  C   C C5    1 
ATOM   828  C  C6    . C   C 3 13 ? -8.424  8.501   -4.664  1.00 52.34  ? 27  C   C C6    1 
ATOM   829  P  P     . A   C 3 14 ? -13.652 8.067   -6.563  1.00 74.23  ? 28  A   C P     1 
ATOM   830  O  OP1   . A   C 3 14 ? -14.830 7.509   -7.263  1.00 72.51  ? 28  A   C OP1   1 
ATOM   831  O  OP2   . A   C 3 14 ? -12.892 9.184   -7.177  1.00 72.49  ? 28  A   C OP2   1 
ATOM   832  O  "O5'" . A   C 3 14 ? -14.098 8.494   -5.099  1.00 68.43  ? 28  A   C "O5'" 1 
ATOM   833  C  "C5'" . A   C 3 14 ? -14.851 7.597   -4.310  1.00 65.72  ? 28  A   C "C5'" 1 
ATOM   834  C  "C4'" . A   C 3 14 ? -15.005 8.120   -2.912  1.00 67.01  ? 28  A   C "C4'" 1 
ATOM   835  O  "O4'" . A   C 3 14 ? -13.699 8.185   -2.285  1.00 67.48  ? 28  A   C "O4'" 1 
ATOM   836  C  "C3'" . A   C 3 14 ? -15.526 9.539   -2.800  1.00 68.83  ? 28  A   C "C3'" 1 
ATOM   837  O  "O3'" . A   C 3 14 ? -16.936 9.607   -2.927  1.00 69.99  ? 28  A   C "O3'" 1 
ATOM   838  C  "C2'" . A   C 3 14 ? -15.028 9.947   -1.422  1.00 65.99  ? 28  A   C "C2'" 1 
ATOM   839  O  "O2'" . A   C 3 14 ? -15.783 9.375   -0.370  1.00 67.49  ? 28  A   C "O2'" 1 
ATOM   840  C  "C1'" . A   C 3 14 ? -13.645 9.304   -1.418  1.00 62.10  ? 28  A   C "C1'" 1 
ATOM   841  N  N9    . A   C 3 14 ? -12.611 10.215  -1.899  1.00 55.78  ? 28  A   C N9    1 
ATOM   842  C  C8    . A   C 3 14 ? -12.104 10.365  -3.169  1.00 55.61  ? 28  A   C C8    1 
ATOM   843  N  N7    . A   C 3 14 ? -11.155 11.270  -3.253  1.00 49.19  ? 28  A   C N7    1 
ATOM   844  C  C5    . A   C 3 14 ? -11.036 11.748  -1.955  1.00 48.40  ? 28  A   C C5    1 
ATOM   845  C  C6    . A   C 3 14 ? -10.189 12.718  -1.370  1.00 46.00  ? 28  A   C C6    1 
ATOM   846  N  N6    . A   C 3 14 ? -9.254  13.400  -2.041  1.00 42.59  ? 28  A   C N6    1 
ATOM   847  N  N1    . A   C 3 14 ? -10.336 12.959  -0.051  1.00 45.18  ? 28  A   C N1    1 
ATOM   848  C  C2    . A   C 3 14 ? -11.263 12.269  0.631   1.00 47.77  ? 28  A   C C2    1 
ATOM   849  N  N3    . A   C 3 14 ? -12.105 11.328  0.198   1.00 51.16  ? 28  A   C N3    1 
ATOM   850  C  C4    . A   C 3 14 ? -11.936 11.114  -1.117  1.00 48.80  ? 28  A   C C4    1 
ATOM   851  P  P     . C   C 3 15 ? -17.600 10.882  -3.645  1.00 70.81  ? 29  C   C P     1 
ATOM   852  O  OP1   . C   C 3 15 ? -19.053 10.594  -3.729  1.00 72.37  ? 29  C   C OP1   1 
ATOM   853  O  OP2   . C   C 3 15 ? -16.841 11.199  -4.884  1.00 65.43  ? 29  C   C OP2   1 
ATOM   854  O  "O5'" . C   C 3 15 ? -17.397 12.046  -2.574  1.00 68.86  ? 29  C   C "O5'" 1 
ATOM   855  C  "C5'" . C   C 3 15 ? -18.178 12.034  -1.390  1.00 64.90  ? 29  C   C "C5'" 1 
ATOM   856  C  "C4'" . C   C 3 15 ? -17.596 12.935  -0.328  1.00 62.55  ? 29  C   C "C4'" 1 
ATOM   857  O  "O4'" . C   C 3 15 ? -16.214 12.563  -0.085  1.00 64.02  ? 29  C   C "O4'" 1 
ATOM   858  C  "C3'" . C   C 3 15 ? -17.519 14.416  -0.660  1.00 63.99  ? 29  C   C "C3'" 1 
ATOM   859  O  "O3'" . C   C 3 15 ? -18.745 15.085  -0.432  1.00 65.15  ? 29  C   C "O3'" 1 
ATOM   860  C  "C2'" . C   C 3 15 ? -16.434 14.898  0.290   1.00 61.49  ? 29  C   C "C2'" 1 
ATOM   861  O  "O2'" . C   C 3 15 ? -16.876 15.112  1.618   1.00 55.85  ? 29  C   C "O2'" 1 
ATOM   862  C  "C1'" . C   C 3 15 ? -15.463 13.721  0.244   1.00 60.70  ? 29  C   C "C1'" 1 
ATOM   863  N  N1    . C   C 3 15 ? -14.477 13.965  -0.806  1.00 55.68  ? 29  C   C N1    1 
ATOM   864  C  C2    . C   C 3 15 ? -13.386 14.774  -0.497  1.00 52.45  ? 29  C   C C2    1 
ATOM   865  O  O2    . C   C 3 15 ? -13.254 15.178  0.674   1.00 52.58  ? 29  C   C O2    1 
ATOM   866  N  N3    . C   C 3 15 ? -12.505 15.090  -1.470  1.00 49.21  ? 29  C   C N3    1 
ATOM   867  C  C4    . C   C 3 15 ? -12.673 14.609  -2.704  1.00 49.71  ? 29  C   C C4    1 
ATOM   868  N  N4    . C   C 3 15 ? -11.791 14.970  -3.642  1.00 46.08  ? 29  C   C N4    1 
ATOM   869  C  C5    . C   C 3 15 ? -13.759 13.745  -3.036  1.00 52.08  ? 29  C   C C5    1 
ATOM   870  C  C6    . C   C 3 15 ? -14.628 13.451  -2.062  1.00 53.94  ? 29  C   C C6    1 
ATOM   871  P  P     . G   C 3 16 ? -19.117 16.369  -1.312  1.00 71.42  ? 30  G   C P     1 
ATOM   872  O  OP1   . G   C 3 16 ? -20.520 16.687  -0.975  1.00 72.75  ? 30  G   C OP1   1 
ATOM   873  O  OP2   . G   C 3 16 ? -18.744 16.096  -2.725  1.00 64.36  ? 30  G   C OP2   1 
ATOM   874  O  "O5'" . G   C 3 16 ? -18.196 17.521  -0.707  1.00 69.78  ? 30  G   C "O5'" 1 
ATOM   875  C  "C5'" . G   C 3 16 ? -18.396 17.934  0.634   1.00 70.39  ? 30  G   C "C5'" 1 
ATOM   876  C  "C4'" . G   C 3 16 ? -17.283 18.839  1.110   1.00 75.34  ? 30  G   C "C4'" 1 
ATOM   877  O  "O4'" . G   C 3 16 ? -16.022 18.117  1.069   1.00 74.05  ? 30  G   C "O4'" 1 
ATOM   878  C  "C3'" . G   C 3 16 ? -16.999 20.091  0.297   1.00 74.72  ? 30  G   C "C3'" 1 
ATOM   879  O  "O3'" . G   C 3 16 ? -17.906 21.147  0.536   1.00 76.59  ? 30  G   C "O3'" 1 
ATOM   880  C  "C2'" . G   C 3 16 ? -15.571 20.406  0.700   1.00 73.59  ? 30  G   C "C2'" 1 
ATOM   881  O  "O2'" . G   C 3 16 ? -15.514 20.920  2.017   1.00 70.81  ? 30  G   C "O2'" 1 
ATOM   882  C  "C1'" . G   C 3 16 ? -14.973 19.005  0.706   1.00 70.99  ? 30  G   C "C1'" 1 
ATOM   883  N  N9    . G   C 3 16 ? -14.495 18.650  -0.630  1.00 67.74  ? 30  G   C N9    1 
ATOM   884  C  C8    . G   C 3 16 ? -15.038 17.739  -1.510  1.00 67.05  ? 30  G   C C8    1 
ATOM   885  N  N7    . G   C 3 16 ? -14.365 17.640  -2.625  1.00 64.98  ? 30  G   C N7    1 
ATOM   886  C  C5    . G   C 3 16 ? -13.316 18.535  -2.472  1.00 63.47  ? 30  G   C C5    1 
ATOM   887  C  C6    . G   C 3 16 ? -12.250 18.854  -3.340  1.00 62.31  ? 30  G   C C6    1 
ATOM   888  O  O6    . G   C 3 16 ? -11.991 18.373  -4.445  1.00 61.33  ? 30  G   C O6    1 
ATOM   889  N  N1    . G   C 3 16 ? -11.427 19.838  -2.800  1.00 61.89  ? 30  G   C N1    1 
ATOM   890  C  C2    . G   C 3 16 ? -11.602 20.427  -1.573  1.00 63.60  ? 30  G   C C2    1 
ATOM   891  N  N2    . G   C 3 16 ? -10.715 21.371  -1.228  1.00 66.33  ? 30  G   C N2    1 
ATOM   892  N  N3    . G   C 3 16 ? -12.575 20.119  -0.743  1.00 64.28  ? 30  G   C N3    1 
ATOM   893  C  C4    . G   C 3 16 ? -13.392 19.177  -1.253  1.00 64.93  ? 30  G   C C4    1 
ATOM   894  P  P     . A   C 3 17 ? -18.561 21.905  -0.717  1.00 78.47  ? 31  A   C P     1 
ATOM   895  O  OP1   . A   C 3 17 ? -19.731 22.641  -0.178  1.00 79.02  ? 31  A   C OP1   1 
ATOM   896  O  OP2   . A   C 3 17 ? -18.745 20.925  -1.823  1.00 77.16  ? 31  A   C OP2   1 
ATOM   897  O  "O5'" . A   C 3 17 ? -17.423 22.921  -1.182  1.00 76.92  ? 31  A   C "O5'" 1 
ATOM   898  C  "C5'" . A   C 3 17 ? -16.799 23.784  -0.235  1.00 74.34  ? 31  A   C "C5'" 1 
ATOM   899  C  "C4'" . A   C 3 17 ? -15.525 24.383  -0.796  1.00 73.73  ? 31  A   C "C4'" 1 
ATOM   900  O  "O4'" . A   C 3 17 ? -14.550 23.331  -1.024  1.00 71.98  ? 31  A   C "O4'" 1 
ATOM   901  C  "C3'" . A   C 3 17 ? -15.645 25.059  -2.154  1.00 72.36  ? 31  A   C "C3'" 1 
ATOM   902  O  "O3'" . A   C 3 17 ? -16.244 26.358  -2.178  1.00 74.87  ? 31  A   C "O3'" 1 
ATOM   903  C  "C2'" . A   C 3 17 ? -14.212 25.023  -2.658  1.00 72.78  ? 31  A   C "C2'" 1 
ATOM   904  O  "O2'" . A   C 3 17 ? -13.403 26.026  -2.077  1.00 76.53  ? 31  A   C "O2'" 1 
ATOM   905  C  "C1'" . A   C 3 17 ? -13.747 23.661  -2.149  1.00 70.66  ? 31  A   C "C1'" 1 
ATOM   906  N  N9    . A   C 3 17 ? -13.882 22.627  -3.171  1.00 68.55  ? 31  A   C N9    1 
ATOM   907  C  C8    . A   C 3 17 ? -14.922 21.760  -3.396  1.00 67.84  ? 31  A   C C8    1 
ATOM   908  N  N7    . A   C 3 17 ? -14.749 20.993  -4.446  1.00 67.13  ? 31  A   C N7    1 
ATOM   909  C  C5    . A   C 3 17 ? -13.505 21.373  -4.937  1.00 66.46  ? 31  A   C C5    1 
ATOM   910  C  C6    . A   C 3 17 ? -12.749 20.946  -6.046  1.00 65.10  ? 31  A   C C6    1 
ATOM   911  N  N6    . A   C 3 17 ? -13.154 20.009  -6.904  1.00 64.91  ? 31  A   C N6    1 
ATOM   912  N  N1    . A   C 3 17 ? -11.546 21.528  -6.248  1.00 64.38  ? 31  A   C N1    1 
ATOM   913  C  C2    . A   C 3 17 ? -11.143 22.472  -5.393  1.00 66.47  ? 31  A   C C2    1 
ATOM   914  N  N3    . A   C 3 17 ? -11.763 22.962  -4.323  1.00 67.06  ? 31  A   C N3    1 
ATOM   915  C  C4    . A   C 3 17 ? -12.954 22.364  -4.150  1.00 67.93  ? 31  A   C C4    1 
ATOM   916  O  "O5'" . U   D 4 1  ? -4.674  18.973  -10.629 1.00 64.80  ? 31  U   D "O5'" 1 
ATOM   917  C  "C5'" . U   D 4 1  ? -3.939  20.076  -11.146 1.00 62.26  ? 31  U   D "C5'" 1 
ATOM   918  C  "C4'" . U   D 4 1  ? -4.187  21.283  -10.283 1.00 62.92  ? 31  U   D "C4'" 1 
ATOM   919  O  "O4'" . U   D 4 1  ? -5.489  21.833  -10.610 1.00 65.34  ? 31  U   D "O4'" 1 
ATOM   920  C  "C3'" . U   D 4 1  ? -4.260  21.004  -8.793  1.00 61.86  ? 31  U   D "C3'" 1 
ATOM   921  O  "O3'" . U   D 4 1  ? -2.973  20.957  -8.197  1.00 63.69  ? 31  U   D "O3'" 1 
ATOM   922  C  "C2'" . U   D 4 1  ? -5.089  22.175  -8.297  1.00 65.73  ? 31  U   D "C2'" 1 
ATOM   923  O  "O2'" . U   D 4 1  ? -4.317  23.357  -8.193  1.00 65.91  ? 31  U   D "O2'" 1 
ATOM   924  C  "C1'" . U   D 4 1  ? -6.110  22.319  -9.431  1.00 66.73  ? 31  U   D "C1'" 1 
ATOM   925  N  N1    . U   D 4 1  ? -7.329  21.524  -9.198  1.00 65.78  ? 31  U   D N1    1 
ATOM   926  C  C2    . U   D 4 1  ? -8.210  21.942  -8.214  1.00 64.22  ? 31  U   D C2    1 
ATOM   927  O  O2    . U   D 4 1  ? -8.053  22.963  -7.566  1.00 66.10  ? 31  U   D O2    1 
ATOM   928  N  N3    . U   D 4 1  ? -9.287  21.119  -8.017  1.00 63.42  ? 31  U   D N3    1 
ATOM   929  C  C4    . U   D 4 1  ? -9.579  19.960  -8.695  1.00 63.10  ? 31  U   D C4    1 
ATOM   930  O  O4    . U   D 4 1  ? -10.548 19.287  -8.348  1.00 62.52  ? 31  U   D O4    1 
ATOM   931  C  C5    . U   D 4 1  ? -8.646  19.619  -9.713  1.00 63.10  ? 31  U   D C5    1 
ATOM   932  C  C6    . U   D 4 1  ? -7.580  20.390  -9.925  1.00 63.79  ? 31  U   D C6    1 
ATOM   933  P  P     . C   D 4 2  ? -2.703  19.951  -6.976  1.00 66.52  ? 32  C   D P     1 
ATOM   934  O  OP1   . C   D 4 2  ? -1.240  19.843  -6.789  1.00 71.90  ? 32  C   D OP1   1 
ATOM   935  O  OP2   . C   D 4 2  ? -3.511  18.721  -7.185  1.00 68.46  ? 32  C   D OP2   1 
ATOM   936  O  "O5'" . C   D 4 2  ? -3.270  20.724  -5.712  1.00 66.24  ? 32  C   D "O5'" 1 
ATOM   937  C  "C5'" . C   D 4 2  ? -2.789  22.021  -5.404  1.00 59.22  ? 32  C   D "C5'" 1 
ATOM   938  C  "C4'" . C   D 4 2  ? -3.700  22.692  -4.414  1.00 62.15  ? 32  C   D "C4'" 1 
ATOM   939  O  "O4'" . C   D 4 2  ? -4.986  22.938  -5.037  1.00 62.61  ? 32  C   D "O4'" 1 
ATOM   940  C  "C3'" . C   D 4 2  ? -4.033  21.871  -3.184  1.00 62.07  ? 32  C   D "C3'" 1 
ATOM   941  O  "O3'" . C   D 4 2  ? -3.027  21.974  -2.191  1.00 61.74  ? 32  C   D "O3'" 1 
ATOM   942  C  "C2'" . C   D 4 2  ? -5.344  22.496  -2.738  1.00 62.17  ? 32  C   D "C2'" 1 
ATOM   943  O  "O2'" . C   D 4 2  ? -5.150  23.733  -2.088  1.00 66.68  ? 32  C   D "O2'" 1 
ATOM   944  C  "C1'" . C   D 4 2  ? -6.018  22.752  -4.082  1.00 63.37  ? 32  C   D "C1'" 1 
ATOM   945  N  N1    . C   D 4 2  ? -6.836  21.600  -4.500  1.00 62.51  ? 32  C   D N1    1 
ATOM   946  C  C2    . C   D 4 2  ? -7.985  21.303  -3.779  1.00 63.57  ? 32  C   D C2    1 
ATOM   947  O  O2    . C   D 4 2  ? -8.282  22.011  -2.808  1.00 65.21  ? 32  C   D O2    1 
ATOM   948  N  N3    . C   D 4 2  ? -8.745  20.246  -4.148  1.00 62.27  ? 32  C   D N3    1 
ATOM   949  C  C4    . C   D 4 2  ? -8.383  19.497  -5.188  1.00 63.32  ? 32  C   D C4    1 
ATOM   950  N  N4    . C   D 4 2  ? -9.152  18.459  -5.506  1.00 64.62  ? 32  C   D N4    1 
ATOM   951  C  C5    . C   D 4 2  ? -7.216  19.778  -5.944  1.00 64.41  ? 32  C   D C5    1 
ATOM   952  C  C6    . C   D 4 2  ? -6.477  20.830  -5.569  1.00 62.36  ? 32  C   D C6    1 
ATOM   953  P  P     . G   D 4 3  ? -2.855  20.795  -1.123  1.00 66.10  ? 33  G   D P     1 
ATOM   954  O  OP1   . G   D 4 3  ? -1.655  21.099  -0.321  1.00 65.10  ? 33  G   D OP1   1 
ATOM   955  O  OP2   . G   D 4 3  ? -2.963  19.498  -1.850  1.00 65.25  ? 33  G   D OP2   1 
ATOM   956  O  "O5'" . G   D 4 3  ? -4.131  20.919  -0.187  1.00 67.72  ? 33  G   D "O5'" 1 
ATOM   957  C  "C5'" . G   D 4 3  ? -4.309  22.023  0.688   1.00 65.73  ? 33  G   D "C5'" 1 
ATOM   958  C  "C4'" . G   D 4 3  ? -5.562  21.815  1.485   1.00 62.80  ? 33  G   D "C4'" 1 
ATOM   959  O  "O4'" . G   D 4 3  ? -6.674  21.712  0.566   1.00 62.94  ? 33  G   D "O4'" 1 
ATOM   960  C  "C3'" . G   D 4 3  ? -5.582  20.512  2.259   1.00 65.57  ? 33  G   D "C3'" 1 
ATOM   961  O  "O3'" . G   D 4 3  ? -4.988  20.733  3.535   1.00 66.24  ? 33  G   D "O3'" 1 
ATOM   962  C  "C2'" . G   D 4 3  ? -7.073  20.232  2.381   1.00 62.76  ? 33  G   D "C2'" 1 
ATOM   963  O  "O2'" . G   D 4 3  ? -7.691  20.950  3.423   1.00 66.97  ? 33  G   D "O2'" 1 
ATOM   964  C  "C1'" . G   D 4 3  ? -7.590  20.749  1.039   1.00 61.22  ? 33  G   D "C1'" 1 
ATOM   965  N  N9    . G   D 4 3  ? -7.731  19.743  -0.003  1.00 61.06  ? 33  G   D N9    1 
ATOM   966  C  C8    . G   D 4 3  ? -6.920  19.588  -1.100  1.00 61.44  ? 33  G   D C8    1 
ATOM   967  N  N7    . G   D 4 3  ? -7.327  18.648  -1.911  1.00 61.07  ? 33  G   D N7    1 
ATOM   968  C  C5    . G   D 4 3  ? -8.467  18.140  -1.303  1.00 59.30  ? 33  G   D C5    1 
ATOM   969  C  C6    . G   D 4 3  ? -9.347  17.103  -1.714  1.00 58.98  ? 33  G   D C6    1 
ATOM   970  O  O6    . G   D 4 3  ? -9.289  16.411  -2.735  1.00 58.82  ? 33  G   D O6    1 
ATOM   971  N  N1    . G   D 4 3  ? -10.375 16.908  -0.794  1.00 56.25  ? 33  G   D N1    1 
ATOM   972  C  C2    . G   D 4 3  ? -10.535 17.618  0.380   1.00 60.02  ? 33  G   D C2    1 
ATOM   973  N  N2    . G   D 4 3  ? -11.589 17.283  1.146   1.00 60.85  ? 33  G   D N2    1 
ATOM   974  N  N3    . G   D 4 3  ? -9.721  18.585  0.773   1.00 58.46  ? 33  G   D N3    1 
ATOM   975  C  C4    . G   D 4 3  ? -8.718  18.794  -0.111  1.00 58.48  ? 33  G   D C4    1 
ATOM   976  P  P     . U   D 4 4  ? -4.481  19.486  4.407   1.00 67.34  ? 34  U   D P     1 
ATOM   977  O  OP1   . U   D 4 4  ? -4.004  20.011  5.716   1.00 68.97  ? 34  U   D OP1   1 
ATOM   978  O  OP2   . U   D 4 4  ? -3.564  18.698  3.551   1.00 66.31  ? 34  U   D OP2   1 
ATOM   979  O  "O5'" . U   D 4 4  ? -5.810  18.648  4.670   1.00 65.70  ? 34  U   D "O5'" 1 
ATOM   980  C  "C5'" . U   D 4 4  ? -6.738  19.079  5.653   1.00 65.19  ? 34  U   D "C5'" 1 
ATOM   981  C  "C4'" . U   D 4 4  ? -7.906  18.129  5.752   1.00 62.98  ? 34  U   D "C4'" 1 
ATOM   982  O  "O4'" . U   D 4 4  ? -8.632  18.125  4.497   1.00 66.28  ? 34  U   D "O4'" 1 
ATOM   983  C  "C3'" . U   D 4 4  ? -7.560  16.667  5.976   1.00 65.74  ? 34  U   D "C3'" 1 
ATOM   984  O  "O3'" . U   D 4 4  ? -7.356  16.384  7.352   1.00 68.38  ? 34  U   D "O3'" 1 
ATOM   985  C  "C2'" . U   D 4 4  ? -8.802  15.963  5.456   1.00 63.74  ? 34  U   D "C2'" 1 
ATOM   986  O  "O2'" . U   D 4 4  ? -9.876  15.996  6.361   1.00 68.50  ? 34  U   D "O2'" 1 
ATOM   987  C  "C1'" . U   D 4 4  ? -9.167  16.839  4.269   1.00 61.07  ? 34  U   D "C1'" 1 
ATOM   988  N  N1    . U   D 4 4  ? -8.610  16.299  3.034   1.00 61.32  ? 34  U   D N1    1 
ATOM   989  C  C2    . U   D 4 4  ? -9.314  15.278  2.442   1.00 61.33  ? 34  U   D C2    1 
ATOM   990  O  O2    . U   D 4 4  ? -10.346 14.825  2.920   1.00 62.20  ? 34  U   D O2    1 
ATOM   991  N  N3    . U   D 4 4  ? -8.777  14.801  1.273   1.00 56.51  ? 34  U   D N3    1 
ATOM   992  C  C4    . U   D 4 4  ? -7.627  15.233  0.649   1.00 57.65  ? 34  U   D C4    1 
ATOM   993  O  O4    . U   D 4 4  ? -7.324  14.762  -0.451  1.00 55.12  ? 34  U   D O4    1 
ATOM   994  C  C5    . U   D 4 4  ? -6.937  16.289  1.339   1.00 60.26  ? 34  U   D C5    1 
ATOM   995  C  C6    . U   D 4 4  ? -7.445  16.776  2.482   1.00 59.69  ? 34  U   D C6    1 
ATOM   996  P  P     . G   D 4 5  ? -6.608  15.028  7.779   1.00 74.48  ? 35  G   D P     1 
ATOM   997  O  OP1   . G   D 4 5  ? -6.465  15.093  9.261   1.00 71.50  ? 35  G   D OP1   1 
ATOM   998  O  OP2   . G   D 4 5  ? -5.397  14.874  6.926   1.00 68.41  ? 35  G   D OP2   1 
ATOM   999  O  "O5'" . G   D 4 5  ? -7.629  13.862  7.379   1.00 67.42  ? 35  G   D "O5'" 1 
ATOM   1000 C  "C5'" . G   D 4 5  ? -8.891  13.739  8.027   1.00 60.58  ? 35  G   D "C5'" 1 
ATOM   1001 C  "C4'" . G   D 4 5  ? -9.720  12.634  7.401   1.00 59.22  ? 35  G   D "C4'" 1 
ATOM   1002 O  "O4'" . G   D 4 5  ? -9.939  12.922  6.000   1.00 60.71  ? 35  G   D "O4'" 1 
ATOM   1003 C  "C3'" . G   D 4 5  ? -9.112  11.242  7.413   1.00 60.43  ? 35  G   D "C3'" 1 
ATOM   1004 O  "O3'" . G   D 4 5  ? -9.393  10.621  8.663   1.00 62.92  ? 35  G   D "O3'" 1 
ATOM   1005 C  "C2'" . G   D 4 5  ? -9.823  10.562  6.243   1.00 62.13  ? 35  G   D "C2'" 1 
ATOM   1006 O  "O2'" . G   D 4 5  ? -11.123 10.090  6.519   1.00 58.11  ? 35  G   D "O2'" 1 
ATOM   1007 C  "C1'" . G   D 4 5  ? -9.955  11.718  5.259   1.00 59.44  ? 35  G   D "C1'" 1 
ATOM   1008 N  N9    . G   D 4 5  ? -8.927  11.797  4.229   1.00 59.07  ? 35  G   D N9    1 
ATOM   1009 C  C8    . G   D 4 5  ? -7.817  12.604  4.218   1.00 59.55  ? 35  G   D C8    1 
ATOM   1010 N  N7    . G   D 4 5  ? -7.149  12.536  3.099   1.00 59.46  ? 35  G   D N7    1 
ATOM   1011 C  C5    . G   D 4 5  ? -7.855  11.615  2.337   1.00 56.90  ? 35  G   D C5    1 
ATOM   1012 C  C6    . G   D 4 5  ? -7.641  11.158  1.014   1.00 57.06  ? 35  G   D C6    1 
ATOM   1013 O  O6    . G   D 4 5  ? -6.777  11.528  0.199   1.00 58.48  ? 35  G   D O6    1 
ATOM   1014 N  N1    . G   D 4 5  ? -8.573  10.185  0.650   1.00 54.26  ? 35  G   D N1    1 
ATOM   1015 C  C2    . G   D 4 5  ? -9.591  9.731   1.448   1.00 55.72  ? 35  G   D C2    1 
ATOM   1016 N  N2    . G   D 4 5  ? -10.362 8.769   0.939   1.00 55.04  ? 35  G   D N2    1 
ATOM   1017 N  N3    . G   D 4 5  ? -9.827  10.183  2.665   1.00 56.31  ? 35  G   D N3    1 
ATOM   1018 C  C4    . G   D 4 5  ? -8.927  11.117  3.042   1.00 57.36  ? 35  G   D C4    1 
ATOM   1019 P  P     . G   D 4 6  ? -8.370  9.545   9.270   1.00 68.71  ? 36  G   D P     1 
ATOM   1020 O  OP1   . G   D 4 6  ? -8.580  9.499   10.736  1.00 68.34  ? 36  G   D OP1   1 
ATOM   1021 O  OP2   . G   D 4 6  ? -7.021  9.871   8.744   1.00 69.53  ? 36  G   D OP2   1 
ATOM   1022 O  "O5'" . G   D 4 6  ? -8.886  8.171   8.649   1.00 62.47  ? 36  G   D "O5'" 1 
ATOM   1023 C  "C5'" . G   D 4 6  ? -10.278 7.875   8.622   1.00 64.30  ? 36  G   D "C5'" 1 
ATOM   1024 C  "C4'" . G   D 4 6  ? -10.555 6.768   7.644   1.00 68.76  ? 36  G   D "C4'" 1 
ATOM   1025 O  "O4'" . G   D 4 6  ? -10.085 7.149   6.336   1.00 71.85  ? 36  G   D "O4'" 1 
ATOM   1026 C  "C3'" . G   D 4 6  ? -9.799  5.499   8.014   1.00 70.21  ? 36  G   D "C3'" 1 
ATOM   1027 O  "O3'" . G   D 4 6  ? -10.663 4.406   7.728   1.00 72.59  ? 36  G   D "O3'" 1 
ATOM   1028 C  "C2'" . G   D 4 6  ? -8.521  5.533   7.182   1.00 69.21  ? 36  G   D "C2'" 1 
ATOM   1029 O  "O2'" . G   D 4 6  ? -8.091  4.274   6.714   1.00 72.75  ? 36  G   D "O2'" 1 
ATOM   1030 C  "C1'" . G   D 4 6  ? -8.988  6.353   5.984   1.00 66.29  ? 36  G   D "C1'" 1 
ATOM   1031 N  N9    . G   D 4 6  ? -8.040  7.157   5.245   1.00 59.44  ? 36  G   D N9    1 
ATOM   1032 C  C8    . G   D 4 6  ? -7.144  8.088   5.709   1.00 59.58  ? 36  G   D C8    1 
ATOM   1033 N  N7    . G   D 4 6  ? -6.437  8.628   4.753   1.00 59.65  ? 36  G   D N7    1 
ATOM   1034 C  C5    . G   D 4 6  ? -6.903  8.010   3.598   1.00 57.19  ? 36  G   D C5    1 
ATOM   1035 C  C6    . G   D 4 6  ? -6.511  8.164   2.241   1.00 57.18  ? 36  G   D C6    1 
ATOM   1036 O  O6    . G   D 4 6  ? -5.616  8.897   1.773   1.00 59.46  ? 36  G   D O6    1 
ATOM   1037 N  N1    . G   D 4 6  ? -7.263  7.344   1.397   1.00 55.42  ? 36  G   D N1    1 
ATOM   1038 C  C2    . G   D 4 6  ? -8.251  6.480   1.809   1.00 56.21  ? 36  G   D C2    1 
ATOM   1039 N  N2    . G   D 4 6  ? -8.874  5.780   0.858   1.00 59.65  ? 36  G   D N2    1 
ATOM   1040 N  N3    . G   D 4 6  ? -8.603  6.317   3.064   1.00 55.87  ? 36  G   D N3    1 
ATOM   1041 C  C4    . G   D 4 6  ? -7.896  7.107   3.893   1.00 57.03  ? 36  G   D C4    1 
ATOM   1042 P  P     . U   D 4 7  ? -10.629 3.084   8.616   1.00 74.75  ? 37  U   D P     1 
ATOM   1043 O  OP1   . U   D 4 7  ? -11.952 2.422   8.443   1.00 71.61  ? 37  U   D OP1   1 
ATOM   1044 O  OP2   . U   D 4 7  ? -10.167 3.490   9.971   1.00 68.94  ? 37  U   D OP2   1 
ATOM   1045 O  "O5'" . U   D 4 7  ? -9.552  2.153   7.901   1.00 77.14  ? 37  U   D "O5'" 1 
ATOM   1046 C  "C5'" . U   D 4 7  ? -9.528  0.764   8.190   1.00 76.06  ? 37  U   D "C5'" 1 
ATOM   1047 C  "C4'" . U   D 4 7  ? -9.143  -0.044  6.973   1.00 75.19  ? 37  U   D "C4'" 1 
ATOM   1048 O  "O4'" . U   D 4 7  ? -10.036 0.268   5.869   1.00 75.85  ? 37  U   D "O4'" 1 
ATOM   1049 C  "C3'" . U   D 4 7  ? -7.747  0.340   6.493   1.00 74.54  ? 37  U   D "C3'" 1 
ATOM   1050 O  "O3'" . U   D 4 7  ? -6.889  -0.768  6.274   1.00 71.53  ? 37  U   D "O3'" 1 
ATOM   1051 C  "C2'" . U   D 4 7  ? -7.934  1.291   5.320   1.00 73.59  ? 37  U   D "C2'" 1 
ATOM   1052 O  "O2'" . U   D 4 7  ? -7.020  1.044   4.270   1.00 77.51  ? 37  U   D "O2'" 1 
ATOM   1053 C  "C1'" . U   D 4 7  ? -9.317  0.885   4.830   1.00 75.45  ? 37  U   D "C1'" 1 
ATOM   1054 N  N1    . U   D 4 7  ? -10.115 1.929   4.192   1.00 77.21  ? 37  U   D N1    1 
ATOM   1055 C  C2    . U   D 4 7  ? -10.226 1.844   2.827   1.00 76.78  ? 37  U   D C2    1 
ATOM   1056 O  O2    . U   D 4 7  ? -9.790  0.899   2.198   1.00 75.18  ? 37  U   D O2    1 
ATOM   1057 N  N3    . U   D 4 7  ? -10.868 2.894   2.227   1.00 78.55  ? 37  U   D N3    1 
ATOM   1058 C  C4    . U   D 4 7  ? -11.413 3.995   2.852   1.00 79.74  ? 37  U   D C4    1 
ATOM   1059 O  O4    . U   D 4 7  ? -11.793 4.952   2.167   1.00 81.78  ? 37  U   D O4    1 
ATOM   1060 C  C5    . U   D 4 7  ? -11.316 3.971   4.286   1.00 78.90  ? 37  U   D C5    1 
ATOM   1061 C  C6    . U   D 4 7  ? -10.685 2.957   4.891   1.00 78.47  ? 37  U   D C6    1 
ATOM   1062 P  P     . A   D 4 8  ? -5.435  -0.788  6.920   1.00 73.36  ? 38  A   D P     1 
ATOM   1063 O  OP1   . A   D 4 8  ? -4.644  -1.741  6.104   1.00 75.56  ? 38  A   D OP1   1 
ATOM   1064 O  OP2   . A   D 4 8  ? -5.600  -1.012  8.370   1.00 70.62  ? 38  A   D OP2   1 
ATOM   1065 O  "O5'" . A   D 4 8  ? -4.877  0.684   6.697   1.00 75.75  ? 38  A   D "O5'" 1 
ATOM   1066 C  "C5'" . A   D 4 8  ? -3.877  0.932   5.728   1.00 67.37  ? 38  A   D "C5'" 1 
ATOM   1067 C  "C4'" . A   D 4 8  ? -3.207  2.253   5.995   1.00 67.29  ? 38  A   D "C4'" 1 
ATOM   1068 O  "O4'" . A   D 4 8  ? -2.202  2.456   4.986   1.00 64.02  ? 38  A   D "O4'" 1 
ATOM   1069 C  "C3'" . A   D 4 8  ? -4.194  3.407   5.867   1.00 66.49  ? 38  A   D "C3'" 1 
ATOM   1070 O  "O3'" . A   D 4 8  ? -3.897  4.483   6.770   1.00 68.23  ? 38  A   D "O3'" 1 
ATOM   1071 C  "C2'" . A   D 4 8  ? -4.030  3.894   4.432   1.00 66.35  ? 38  A   D "C2'" 1 
ATOM   1072 O  "O2'" . A   D 4 8  ? -4.130  5.297   4.343   1.00 71.22  ? 38  A   D "O2'" 1 
ATOM   1073 C  "C1'" . A   D 4 8  ? -2.579  3.506   4.143   1.00 60.94  ? 38  A   D "C1'" 1 
ATOM   1074 N  N9    . A   D 4 8  ? -2.182  3.177   2.784   1.00 58.08  ? 38  A   D N9    1 
ATOM   1075 C  C8    . A   D 4 8  ? -1.252  3.818   1.999   1.00 57.79  ? 38  A   D C8    1 
ATOM   1076 N  N7    . A   D 4 8  ? -1.122  3.297   0.806   1.00 54.82  ? 38  A   D N7    1 
ATOM   1077 C  C5    . A   D 4 8  ? -2.026  2.244   0.809   1.00 56.24  ? 38  A   D C5    1 
ATOM   1078 C  C6    . A   D 4 8  ? -2.377  1.306   -0.162  1.00 57.84  ? 38  A   D C6    1 
ATOM   1079 N  N6    . A   D 4 8  ? -1.844  1.269   -1.386  1.00 57.13  ? 38  A   D N6    1 
ATOM   1080 N  N1    . A   D 4 8  ? -3.314  0.388   0.165   1.00 57.37  ? 38  A   D N1    1 
ATOM   1081 C  C2    . A   D 4 8  ? -3.850  0.419   1.395   1.00 60.18  ? 38  A   D C2    1 
ATOM   1082 N  N3    . A   D 4 8  ? -3.603  1.254   2.394   1.00 57.61  ? 38  A   D N3    1 
ATOM   1083 C  C4    . A   D 4 8  ? -2.675  2.154   2.026   1.00 56.06  ? 38  A   D C4    1 
ATOM   1084 P  P     . C   D 4 9  ? -4.254  4.392   8.332   1.00 66.66  ? 39  C   D P     1 
ATOM   1085 O  OP1   . C   D 4 9  ? -5.733  4.241   8.461   1.00 68.05  ? 39  C   D OP1   1 
ATOM   1086 O  OP2   . C   D 4 9  ? -3.576  5.563   8.949   1.00 64.73  ? 39  C   D OP2   1 
ATOM   1087 O  "O5'" . C   D 4 9  ? -3.512  3.083   8.873   1.00 71.95  ? 39  C   D "O5'" 1 
ATOM   1088 C  "C5'" . C   D 4 9  ? -2.317  3.184   9.670   1.00 71.69  ? 39  C   D "C5'" 1 
ATOM   1089 C  "C4'" . C   D 4 9  ? -2.208  2.025   10.656  1.00 72.39  ? 39  C   D "C4'" 1 
ATOM   1090 O  "O4'" . C   D 4 9  ? -3.384  2.022   11.508  1.00 72.61  ? 39  C   D "O4'" 1 
ATOM   1091 C  "C3'" . C   D 4 9  ? -2.194  0.664   9.947   1.00 72.13  ? 39  C   D "C3'" 1 
ATOM   1092 O  "O3'" . C   D 4 9  ? -1.350  -0.306  10.575  1.00 71.66  ? 39  C   D "O3'" 1 
ATOM   1093 C  "C2'" . C   D 4 9  ? -3.627  0.154   10.011  1.00 71.42  ? 39  C   D "C2'" 1 
ATOM   1094 O  "O2'" . C   D 4 9  ? -3.604  -1.229  10.279  1.00 75.79  ? 39  C   D "O2'" 1 
ATOM   1095 C  "C1'" . C   D 4 9  ? -4.138  0.858   11.267  1.00 76.41  ? 39  C   D "C1'" 1 
ATOM   1096 N  N1    . C   D 4 9  ? -5.575  1.112   11.439  1.00 81.29  ? 39  C   D N1    1 
ATOM   1097 C  C2    . C   D 4 9  ? -6.215  0.501   12.526  1.00 83.44  ? 39  C   D C2    1 
ATOM   1098 O  O2    . C   D 4 9  ? -5.541  -0.173  13.318  1.00 86.01  ? 39  C   D O2    1 
ATOM   1099 N  N3    . C   D 4 9  ? -7.539  0.659   12.690  1.00 84.29  ? 39  C   D N3    1 
ATOM   1100 C  C4    . C   D 4 9  ? -8.230  1.402   11.828  1.00 85.22  ? 39  C   D C4    1 
ATOM   1101 N  N4    . C   D 4 9  ? -9.545  1.511   12.024  1.00 87.47  ? 39  C   D N4    1 
ATOM   1102 C  C5    . C   D 4 9  ? -7.604  2.062   10.727  1.00 84.76  ? 39  C   D C5    1 
ATOM   1103 C  C6    . C   D 4 9  ? -6.283  1.890   10.572  1.00 83.80  ? 39  C   D C6    1 
ATOM   1104 P  P     . A   D 4 10 ? 0.181   -0.479  10.151  1.00 74.53  ? 40  A   D P     1 
ATOM   1105 O  OP1   . A   D 4 10 ? 0.630   -1.724  10.828  1.00 75.52  ? 40  A   D OP1   1 
ATOM   1106 O  OP2   . A   D 4 10 ? 0.903   0.803   10.402  1.00 75.30  ? 40  A   D OP2   1 
ATOM   1107 O  "O5'" . A   D 4 10 ? 0.132   -0.765  8.591   1.00 74.71  ? 40  A   D "O5'" 1 
ATOM   1108 C  "C5'" . A   D 4 10 ? -0.722  -1.767  8.064   1.00 65.65  ? 40  A   D "C5'" 1 
ATOM   1109 C  "C4'" . A   D 4 10 ? -0.678  -1.723  6.559   1.00 65.67  ? 40  A   D "C4'" 1 
ATOM   1110 O  "O4'" . A   D 4 10 ? -1.095  -0.403  6.120   1.00 66.06  ? 40  A   D "O4'" 1 
ATOM   1111 C  "C3'" . A   D 4 10 ? 0.706   -1.883  5.959   1.00 66.37  ? 40  A   D "C3'" 1 
ATOM   1112 O  "O3'" . A   D 4 10 ? 1.037   -3.254  5.821   1.00 68.57  ? 40  A   D "O3'" 1 
ATOM   1113 C  "C2'" . A   D 4 10 ? 0.559   -1.191  4.611   1.00 64.80  ? 40  A   D "C2'" 1 
ATOM   1114 O  "O2'" . A   D 4 10 ? -0.069  -2.008  3.645   1.00 65.92  ? 40  A   D "O2'" 1 
ATOM   1115 C  "C1'" . A   D 4 10 ? -0.350  -0.018  4.976   1.00 61.12  ? 40  A   D "C1'" 1 
ATOM   1116 N  N9    . A   D 4 10 ? 0.369   1.214   5.303   1.00 55.71  ? 40  A   D N9    1 
ATOM   1117 C  C8    . A   D 4 10 ? 0.545   1.778   6.546   1.00 51.98  ? 40  A   D C8    1 
ATOM   1118 N  N7    . A   D 4 10 ? 1.214   2.910   6.523   1.00 50.56  ? 40  A   D N7    1 
ATOM   1119 C  C5    . A   D 4 10 ? 1.509   3.099   5.179   1.00 49.30  ? 40  A   D C5    1 
ATOM   1120 C  C6    . A   D 4 10 ? 2.202   4.116   4.494   1.00 48.40  ? 40  A   D C6    1 
ATOM   1121 N  N6    . A   D 4 10 ? 2.757   5.171   5.091   1.00 51.46  ? 40  A   D N6    1 
ATOM   1122 N  N1    . A   D 4 10 ? 2.308   4.009   3.153   1.00 49.36  ? 40  A   D N1    1 
ATOM   1123 C  C2    . A   D 4 10 ? 1.764   2.941   2.552   1.00 51.60  ? 40  A   D C2    1 
ATOM   1124 N  N3    . A   D 4 10 ? 1.097   1.918   3.084   1.00 50.14  ? 40  A   D N3    1 
ATOM   1125 C  C4    . A   D 4 10 ? 1.000   2.058   4.416   1.00 52.30  ? 40  A   D C4    1 
ATOM   1126 P  P     . U   D 4 11 ? 2.511   -3.752  6.212   1.00 67.76  ? 41  U   D P     1 
ATOM   1127 O  OP1   . U   D 4 11 ? 2.497   -5.223  6.022   1.00 64.13  ? 41  U   D OP1   1 
ATOM   1128 O  OP2   . U   D 4 11 ? 2.893   -3.172  7.525   1.00 64.18  ? 41  U   D OP2   1 
ATOM   1129 O  "O5'" . U   D 4 11 ? 3.443   -3.109  5.095   1.00 66.48  ? 41  U   D "O5'" 1 
ATOM   1130 C  "C5'" . U   D 4 11 ? 3.166   -3.375  3.737   1.00 61.71  ? 41  U   D "C5'" 1 
ATOM   1131 C  "C4'" . U   D 4 11 ? 4.046   -2.563  2.822   1.00 55.50  ? 41  U   D "C4'" 1 
ATOM   1132 O  "O4'" . U   D 4 11 ? 3.908   -1.148  3.119   1.00 57.91  ? 41  U   D "O4'" 1 
ATOM   1133 C  "C3'" . U   D 4 11 ? 5.524   -2.878  3.003   1.00 55.11  ? 41  U   D "C3'" 1 
ATOM   1134 O  "O3'" . U   D 4 11 ? 6.091   -3.281  1.750   1.00 53.14  ? 41  U   D "O3'" 1 
ATOM   1135 C  "C2'" . U   D 4 11 ? 6.099   -1.757  3.880   1.00 52.07  ? 41  U   D "C2'" 1 
ATOM   1136 O  "O2'" . U   D 4 11 ? 7.357   -1.275  3.478   1.00 53.81  ? 41  U   D "O2'" 1 
ATOM   1137 C  "C1'" . U   D 4 11 ? 5.122   -0.628  3.589   1.00 54.43  ? 41  U   D "C1'" 1 
ATOM   1138 N  N1    . U   D 4 11 ? 4.878   0.410   4.596   1.00 58.86  ? 41  U   D N1    1 
ATOM   1139 C  C2    . U   D 4 11 ? 5.414   1.665   4.333   1.00 59.57  ? 41  U   D C2    1 
ATOM   1140 O  O2    . U   D 4 11 ? 6.036   1.922   3.314   1.00 59.43  ? 41  U   D O2    1 
ATOM   1141 N  N3    . U   D 4 11 ? 5.198   2.606   5.305   1.00 60.03  ? 41  U   D N3    1 
ATOM   1142 C  C4    . U   D 4 11 ? 4.526   2.427   6.495   1.00 60.27  ? 41  U   D C4    1 
ATOM   1143 O  O4    . U   D 4 11 ? 4.540   3.332   7.336   1.00 65.30  ? 41  U   D O4    1 
ATOM   1144 C  C5    . U   D 4 11 ? 3.981   1.106   6.684   1.00 62.11  ? 41  U   D C5    1 
ATOM   1145 C  C6    . U   D 4 11 ? 4.172   0.167   5.746   1.00 61.02  ? 41  U   D C6    1 
ATOM   1146 P  P     . U   D 4 12 ? 7.650   -3.624  1.614   1.00 52.52  ? 42  U   D P     1 
ATOM   1147 O  OP1   . U   D 4 12 ? 7.744   -4.916  0.889   1.00 65.58  ? 42  U   D OP1   1 
ATOM   1148 O  OP2   . U   D 4 12 ? 8.328   -3.464  2.921   1.00 59.13  ? 42  U   D OP2   1 
ATOM   1149 O  "O5'" . U   D 4 12 ? 8.172   -2.476  0.653   1.00 59.90  ? 42  U   D "O5'" 1 
ATOM   1150 C  "C5'" . U   D 4 12 ? 9.381   -2.614  -0.065  1.00 59.75  ? 42  U   D "C5'" 1 
ATOM   1151 C  "C4'" . U   D 4 12 ? 10.061  -1.280  -0.156  1.00 62.83  ? 42  U   D "C4'" 1 
ATOM   1152 O  "O4'" . U   D 4 12 ? 9.175   -0.334  -0.799  1.00 61.31  ? 42  U   D "O4'" 1 
ATOM   1153 C  "C3'" . U   D 4 12 ? 10.313  -0.736  1.241   1.00 62.55  ? 42  U   D "C3'" 1 
ATOM   1154 O  "O3'" . U   D 4 12 ? 11.608  -0.155  1.240   1.00 67.72  ? 42  U   D "O3'" 1 
ATOM   1155 C  "C2'" . U   D 4 12 ? 9.150   0.211   1.529   1.00 61.15  ? 42  U   D "C2'" 1 
ATOM   1156 O  "O2'" . U   D 4 12 ? 9.526   1.359   2.243   1.00 62.07  ? 42  U   D "O2'" 1 
ATOM   1157 C  "C1'" . U   D 4 12 ? 8.761   0.649   0.120   1.00 59.66  ? 42  U   D "C1'" 1 
ATOM   1158 N  N1    . U   D 4 12 ? 7.372   1.025   -0.158  1.00 58.85  ? 42  U   D N1    1 
ATOM   1159 C  C2    . U   D 4 12 ? 7.129   2.349   -0.492  1.00 60.10  ? 42  U   D C2    1 
ATOM   1160 O  O2    . U   D 4 12 ? 8.009   3.195   -0.551  1.00 60.01  ? 42  U   D O2    1 
ATOM   1161 N  N3    . U   D 4 12 ? 5.819   2.649   -0.757  1.00 60.23  ? 42  U   D N3    1 
ATOM   1162 C  C4    . U   D 4 12 ? 4.754   1.784   -0.717  1.00 61.07  ? 42  U   D C4    1 
ATOM   1163 O  O4    . U   D 4 12 ? 3.622   2.216   -0.904  1.00 61.22  ? 42  U   D O4    1 
ATOM   1164 C  C5    . U   D 4 12 ? 5.088   0.438   -0.369  1.00 61.29  ? 42  U   D C5    1 
ATOM   1165 C  C6    . U   D 4 12 ? 6.355   0.116   -0.104  1.00 59.97  ? 42  U   D C6    1 
ATOM   1166 P  P     . A   D 4 13 ? 12.468  -0.062  2.579   1.00 64.30  ? 43  A   D P     1 
ATOM   1167 O  OP1   . A   D 4 13 ? 13.475  -1.140  2.488   1.00 67.86  ? 43  A   D OP1   1 
ATOM   1168 O  OP2   . A   D 4 13 ? 11.568  0.007   3.753   1.00 64.08  ? 43  A   D OP2   1 
ATOM   1169 O  "O5'" . A   D 4 13 ? 13.238  1.319   2.391   1.00 62.10  ? 43  A   D "O5'" 1 
ATOM   1170 C  "C5'" . A   D 4 13 ? 13.839  1.640   1.138   1.00 60.40  ? 43  A   D "C5'" 1 
ATOM   1171 C  "C4'" . A   D 4 13 ? 13.822  3.126   0.925   1.00 64.30  ? 43  A   D "C4'" 1 
ATOM   1172 O  "O4'" . A   D 4 13 ? 12.456  3.592   1.008   1.00 67.05  ? 43  A   D "O4'" 1 
ATOM   1173 C  "C3'" . A   D 4 13 ? 14.558  3.931   1.976   1.00 67.41  ? 43  A   D "C3'" 1 
ATOM   1174 O  "O3'" . A   D 4 13 ? 15.930  4.002   1.628   1.00 68.91  ? 43  A   D "O3'" 1 
ATOM   1175 C  "C2'" . A   D 4 13 ? 13.863  5.283   1.892   1.00 66.25  ? 43  A   D "C2'" 1 
ATOM   1176 O  "O2'" . A   D 4 13 ? 14.299  6.067   0.798   1.00 67.56  ? 43  A   D "O2'" 1 
ATOM   1177 C  "C1'" . A   D 4 13 ? 12.414  4.851   1.658   1.00 64.81  ? 43  A   D "C1'" 1 
ATOM   1178 N  N9    . A   D 4 13 ? 11.648  4.671   2.890   1.00 63.08  ? 43  A   D N9    1 
ATOM   1179 C  C8    . A   D 4 13 ? 10.916  3.561   3.227   1.00 61.54  ? 43  A   D C8    1 
ATOM   1180 N  N7    . A   D 4 13 ? 10.298  3.661   4.378   1.00 61.36  ? 43  A   D N7    1 
ATOM   1181 C  C5    . A   D 4 13 ? 10.650  4.919   4.836   1.00 62.55  ? 43  A   D C5    1 
ATOM   1182 C  C6    . A   D 4 13 ? 10.323  5.616   6.008   1.00 63.26  ? 43  A   D C6    1 
ATOM   1183 N  N6    . A   D 4 13 ? 9.527   5.126   6.960   1.00 64.60  ? 43  A   D N6    1 
ATOM   1184 N  N1    . A   D 4 13 ? 10.847  6.849   6.173   1.00 65.05  ? 43  A   D N1    1 
ATOM   1185 C  C2    . A   D 4 13 ? 11.646  7.336   5.215   1.00 65.11  ? 43  A   D C2    1 
ATOM   1186 N  N3    . A   D 4 13 ? 12.028  6.775   4.065   1.00 64.65  ? 43  A   D N3    1 
ATOM   1187 C  C4    . A   D 4 13 ? 11.488  5.554   3.935   1.00 63.86  ? 43  A   D C4    1 
ATOM   1188 P  P     . C   D 4 14 ? 17.035  3.432   2.643   1.00 69.27  ? 44  C   D P     1 
ATOM   1189 O  OP1   . C   D 4 14 ? 18.350  3.785   2.047   1.00 71.66  ? 44  C   D OP1   1 
ATOM   1190 O  OP2   . C   D 4 14 ? 16.725  2.008   2.958   1.00 68.11  ? 44  C   D OP2   1 
ATOM   1191 O  "O5'" . C   D 4 14 ? 16.804  4.292   3.966   1.00 70.11  ? 44  C   D "O5'" 1 
ATOM   1192 C  "C5'" . C   D 4 14 ? 17.116  5.683   4.009   1.00 66.54  ? 44  C   D "C5'" 1 
ATOM   1193 C  "C4'" . C   D 4 14 ? 16.692  6.257   5.336   1.00 70.27  ? 44  C   D "C4'" 1 
ATOM   1194 O  "O4'" . C   D 4 14 ? 15.244  6.300   5.398   1.00 68.41  ? 44  C   D "O4'" 1 
ATOM   1195 C  "C3'" . C   D 4 14 ? 17.085  5.421   6.540   1.00 73.76  ? 44  C   D "C3'" 1 
ATOM   1196 O  "O3'" . C   D 4 14 ? 18.425  5.667   6.942   1.00 78.29  ? 44  C   D "O3'" 1 
ATOM   1197 C  "C2'" . C   D 4 14 ? 16.059  5.845   7.581   1.00 72.64  ? 44  C   D "C2'" 1 
ATOM   1198 O  "O2'" . C   D 4 14 ? 16.379  7.065   8.219   1.00 77.06  ? 44  C   D "O2'" 1 
ATOM   1199 C  "C1'" . C   D 4 14 ? 14.810  6.002   6.714   1.00 70.15  ? 44  C   D "C1'" 1 
ATOM   1200 N  N1    . C   D 4 14 ? 14.038  4.760   6.645   1.00 68.84  ? 44  C   D N1    1 
ATOM   1201 C  C2    . C   D 4 14 ? 13.168  4.435   7.696   1.00 70.39  ? 44  C   D C2    1 
ATOM   1202 O  O2    . C   D 4 14 ? 13.079  5.204   8.675   1.00 72.67  ? 44  C   D O2    1 
ATOM   1203 N  N3    . C   D 4 14 ? 12.449  3.289   7.619   1.00 68.90  ? 44  C   D N3    1 
ATOM   1204 C  C4    . C   D 4 14 ? 12.583  2.484   6.556   1.00 67.96  ? 44  C   D C4    1 
ATOM   1205 N  N4    . C   D 4 14 ? 11.858  1.362   6.520   1.00 67.08  ? 44  C   D N4    1 
ATOM   1206 C  C5    . C   D 4 14 ? 13.466  2.790   5.484   1.00 66.73  ? 44  C   D C5    1 
ATOM   1207 C  C6    . C   D 4 14 ? 14.166  3.926   5.568   1.00 66.81  ? 44  C   D C6    1 
ATOM   1208 P  P     . C   D 4 15 ? 19.313  4.451   7.504   1.00 83.95  ? 45  C   D P     1 
ATOM   1209 O  OP1   . C   D 4 15 ? 20.719  4.917   7.558   1.00 81.75  ? 45  C   D OP1   1 
ATOM   1210 O  OP2   . C   D 4 15 ? 18.973  3.223   6.735   1.00 81.72  ? 45  C   D OP2   1 
ATOM   1211 O  "O5'" . C   D 4 15 ? 18.774  4.254   8.987   1.00 78.82  ? 45  C   D "O5'" 1 
ATOM   1212 C  "C5'" . C   D 4 15 ? 18.782  5.336   9.897   1.00 77.58  ? 45  C   D "C5'" 1 
ATOM   1213 C  "C4'" . C   D 4 15 ? 18.063  4.954   11.160  1.00 78.84  ? 45  C   D "C4'" 1 
ATOM   1214 O  "O4'" . C   D 4 15 ? 16.642  4.834   10.892  1.00 81.31  ? 45  C   D "O4'" 1 
ATOM   1215 C  "C3'" . C   D 4 15 ? 18.448  3.594   11.706  1.00 82.12  ? 45  C   D "C3'" 1 
ATOM   1216 O  "O3'" . C   D 4 15 ? 19.648  3.648   12.458  1.00 86.17  ? 45  C   D "O3'" 1 
ATOM   1217 C  "C2'" . C   D 4 15 ? 17.230  3.220   12.541  1.00 80.90  ? 45  C   D "C2'" 1 
ATOM   1218 O  "O2'" . C   D 4 15 ? 17.213  3.786   13.834  1.00 79.47  ? 45  C   D "O2'" 1 
ATOM   1219 C  "C1'" . C   D 4 15 ? 16.098  3.791   11.686  1.00 80.38  ? 45  C   D "C1'" 1 
ATOM   1220 N  N1    . C   D 4 15 ? 15.570  2.757   10.800  1.00 77.51  ? 45  C   D N1    1 
ATOM   1221 C  C2    . C   D 4 15 ? 14.609  1.893   11.305  1.00 77.89  ? 45  C   D C2    1 
ATOM   1222 O  O2    . C   D 4 15 ? 14.211  2.062   12.474  1.00 78.12  ? 45  C   D O2    1 
ATOM   1223 N  N3    . C   D 4 15 ? 14.136  0.898   10.518  1.00 75.31  ? 45  C   D N3    1 
ATOM   1224 C  C4    . C   D 4 15 ? 14.584  0.768   9.265   1.00 74.22  ? 45  C   D C4    1 
ATOM   1225 N  N4    . C   D 4 15 ? 14.089  -0.226  8.522   1.00 71.59  ? 45  C   D N4    1 
ATOM   1226 C  C5    . C   D 4 15 ? 15.557  1.654   8.719   1.00 75.17  ? 45  C   D C5    1 
ATOM   1227 C  C6    . C   D 4 15 ? 16.017  2.627   9.514   1.00 75.73  ? 45  C   D C6    1 
ATOM   1228 P  P     . U   D 4 16 ? 20.524  2.316   12.638  1.00 88.14  ? 46  U   D P     1 
ATOM   1229 O  OP1   . U   D 4 16 ? 21.786  2.723   13.303  1.00 89.42  ? 46  U   D OP1   1 
ATOM   1230 O  OP2   . U   D 4 16 ? 20.582  1.603   11.335  1.00 85.82  ? 46  U   D OP2   1 
ATOM   1231 O  "O5'" . U   D 4 16 ? 19.661  1.450   13.658  1.00 82.99  ? 46  U   D "O5'" 1 
ATOM   1232 C  "C5'" . U   D 4 16 ? 19.413  1.939   14.967  1.00 83.86  ? 46  U   D "C5'" 1 
ATOM   1233 C  "C4'" . U   D 4 16 ? 18.620  0.942   15.774  1.00 83.43  ? 46  U   D "C4'" 1 
ATOM   1234 O  "O4'" . U   D 4 16 ? 17.264  0.886   15.266  1.00 85.49  ? 46  U   D "O4'" 1 
ATOM   1235 C  "C3'" . U   D 4 16 ? 19.096  -0.502  15.738  1.00 84.67  ? 46  U   D "C3'" 1 
ATOM   1236 O  "O3'" . U   D 4 16 ? 20.161  -0.753  16.642  1.00 86.37  ? 46  U   D "O3'" 1 
ATOM   1237 C  "C2'" . U   D 4 16 ? 17.830  -1.263  16.105  1.00 84.56  ? 46  U   D "C2'" 1 
ATOM   1238 O  "O2'" . U   D 4 16 ? 17.550  -1.272  17.491  1.00 83.29  ? 46  U   D "O2'" 1 
ATOM   1239 C  "C1'" . U   D 4 16 ? 16.775  -0.443  15.363  1.00 81.71  ? 46  U   D "C1'" 1 
ATOM   1240 N  N1    . U   D 4 16 ? 16.599  -0.967  14.006  1.00 76.66  ? 46  U   D N1    1 
ATOM   1241 C  C2    . U   D 4 16 ? 15.823  -2.090  13.864  1.00 75.63  ? 46  U   D C2    1 
ATOM   1242 O  O2    . U   D 4 16 ? 15.267  -2.630  14.807  1.00 74.84  ? 46  U   D O2    1 
ATOM   1243 N  N3    . U   D 4 16 ? 15.719  -2.562  12.580  1.00 74.02  ? 46  U   D N3    1 
ATOM   1244 C  C4    . U   D 4 16 ? 16.300  -2.027  11.449  1.00 72.55  ? 46  U   D C4    1 
ATOM   1245 O  O4    . U   D 4 16 ? 16.133  -2.581  10.365  1.00 70.16  ? 46  U   D O4    1 
ATOM   1246 C  C5    . U   D 4 16 ? 17.080  -0.850  11.679  1.00 73.35  ? 46  U   D C5    1 
ATOM   1247 C  C6    . U   D 4 16 ? 17.198  -0.370  12.918  1.00 74.42  ? 46  U   D C6    1 
ATOM   1248 P  P     . G   D 4 17 ? 21.183  -1.952  16.343  1.00 86.83  ? 47  G   D P     1 
ATOM   1249 O  OP1   . G   D 4 17 ? 22.277  -1.854  17.335  1.00 89.31  ? 47  G   D OP1   1 
ATOM   1250 O  OP2   . G   D 4 17 ? 21.506  -1.934  14.893  1.00 86.05  ? 47  G   D OP2   1 
ATOM   1251 O  "O5'" . G   D 4 17 ? 20.334  -3.257  16.679  1.00 81.74  ? 47  G   D "O5'" 1 
ATOM   1252 C  "C5'" . G   D 4 17 ? 19.900  -3.499  18.009  1.00 77.92  ? 47  G   D "C5'" 1 
ATOM   1253 C  "C4'" . G   D 4 17 ? 19.054  -4.746  18.074  1.00 78.52  ? 47  G   D "C4'" 1 
ATOM   1254 O  "O4'" . G   D 4 17 ? 17.859  -4.547  17.275  1.00 78.75  ? 47  G   D "O4'" 1 
ATOM   1255 C  "C3'" . G   D 4 17 ? 19.675  -6.003  17.485  1.00 79.30  ? 47  G   D "C3'" 1 
ATOM   1256 O  "O3'" . G   D 4 17 ? 20.551  -6.667  18.379  1.00 83.11  ? 47  G   D "O3'" 1 
ATOM   1257 C  "C2'" . G   D 4 17 ? 18.451  -6.846  17.163  1.00 77.95  ? 47  G   D "C2'" 1 
ATOM   1258 O  "O2'" . G   D 4 17 ? 17.909  -7.512  18.285  1.00 77.58  ? 47  G   D "O2'" 1 
ATOM   1259 C  "C1'" . G   D 4 17 ? 17.484  -5.776  16.666  1.00 78.37  ? 47  G   D "C1'" 1 
ATOM   1260 N  N9    . G   D 4 17 ? 17.575  -5.644  15.215  1.00 75.82  ? 47  G   D N9    1 
ATOM   1261 C  C8    . G   D 4 17 ? 18.257  -4.697  14.484  1.00 75.44  ? 47  G   D C8    1 
ATOM   1262 N  N7    . G   D 4 17 ? 18.173  -4.888  13.194  1.00 73.28  ? 47  G   D N7    1 
ATOM   1263 C  C5    . G   D 4 17 ? 17.381  -6.022  13.070  1.00 72.94  ? 47  G   D C5    1 
ATOM   1264 C  C6    . G   D 4 17 ? 16.944  -6.718  11.915  1.00 73.24  ? 47  G   D C6    1 
ATOM   1265 O  O6    . G   D 4 17 ? 17.179  -6.463  10.728  1.00 72.61  ? 47  G   D O6    1 
ATOM   1266 N  N1    . G   D 4 17 ? 16.158  -7.820  12.248  1.00 72.64  ? 47  G   D N1    1 
ATOM   1267 C  C2    . G   D 4 17 ? 15.839  -8.206  13.529  1.00 72.64  ? 47  G   D C2    1 
ATOM   1268 N  N2    . G   D 4 17 ? 15.076  -9.303  13.651  1.00 71.59  ? 47  G   D N2    1 
ATOM   1269 N  N3    . G   D 4 17 ? 16.239  -7.564  14.610  1.00 73.02  ? 47  G   D N3    1 
ATOM   1270 C  C4    . G   D 4 17 ? 17.000  -6.491  14.309  1.00 73.08  ? 47  G   D C4    1 
ATOM   1271 P  P     . C   D 4 18 ? 21.680  -7.650  17.791  1.00 85.93  ? 48  C   D P     1 
ATOM   1272 O  OP1   . C   D 4 18 ? 22.533  -8.063  18.928  1.00 87.75  ? 48  C   D OP1   1 
ATOM   1273 O  OP2   . C   D 4 18 ? 22.304  -6.984  16.615  1.00 85.58  ? 48  C   D OP2   1 
ATOM   1274 O  "O5'" . C   D 4 18 ? 20.858  -8.919  17.287  1.00 82.77  ? 48  C   D "O5'" 1 
ATOM   1275 C  "C5'" . C   D 4 18 ? 20.089  -9.699  18.198  1.00 78.64  ? 48  C   D "C5'" 1 
ATOM   1276 C  "C4'" . C   D 4 18 ? 19.479  -10.882 17.487  1.00 79.63  ? 48  C   D "C4'" 1 
ATOM   1277 O  "O4'" . C   D 4 18 ? 18.431  -10.425 16.588  1.00 79.94  ? 48  C   D "O4'" 1 
ATOM   1278 C  "C3'" . C   D 4 18 ? 20.426  -11.643 16.578  1.00 81.21  ? 48  C   D "C3'" 1 
ATOM   1279 O  "O3'" . C   D 4 18 ? 21.240  -12.558 17.276  1.00 82.84  ? 48  C   D "O3'" 1 
ATOM   1280 C  "C2'" . C   D 4 18 ? 19.471  -12.322 15.609  1.00 79.14  ? 48  C   D "C2'" 1 
ATOM   1281 O  "O2'" . C   D 4 18 ? 18.861  -13.479 16.142  1.00 81.64  ? 48  C   D "O2'" 1 
ATOM   1282 C  "C1'" . C   D 4 18 ? 18.428  -11.223 15.410  1.00 77.97  ? 48  C   D "C1'" 1 
ATOM   1283 N  N1    . C   D 4 18 ? 18.811  -10.375 14.269  1.00 73.64  ? 48  C   D N1    1 
ATOM   1284 C  C2    . C   D 4 18 ? 18.547  -10.832 12.978  1.00 71.69  ? 48  C   D C2    1 
ATOM   1285 O  O2    . C   D 4 18 ? 17.943  -11.909 12.835  1.00 70.34  ? 48  C   D O2    1 
ATOM   1286 N  N3    . C   D 4 18 ? 18.948  -10.091 11.920  1.00 71.33  ? 48  C   D N3    1 
ATOM   1287 C  C4    . C   D 4 18 ? 19.577  -8.929  12.121  1.00 70.19  ? 48  C   D C4    1 
ATOM   1288 N  N4    . C   D 4 18 ? 19.965  -8.234  11.050  1.00 68.46  ? 48  C   D N4    1 
ATOM   1289 C  C5    . C   D 4 18 ? 19.838  -8.429  13.426  1.00 71.09  ? 48  C   D C5    1 
ATOM   1290 C  C6    . C   D 4 18 ? 19.440  -9.175  14.463  1.00 71.83  ? 48  C   D C6    1 
ATOM   1291 P  P     . C   D 4 19 ? 22.689  -12.911 16.693  1.00 85.93  ? 49  C   D P     1 
ATOM   1292 O  OP1   . C   D 4 19 ? 23.377  -13.768 17.687  1.00 88.47  ? 49  C   D OP1   1 
ATOM   1293 O  OP2   . C   D 4 19 ? 23.328  -11.648 16.238  1.00 86.59  ? 49  C   D OP2   1 
ATOM   1294 O  "O5'" . C   D 4 19 ? 22.363  -13.802 15.419  1.00 84.93  ? 49  C   D "O5'" 1 
ATOM   1295 C  "C5'" . C   D 4 19 ? 21.609  -14.998 15.556  1.00 80.99  ? 49  C   D "C5'" 1 
ATOM   1296 C  "C4'" . C   D 4 19 ? 21.273  -15.555 14.200  1.00 78.46  ? 49  C   D "C4'" 1 
ATOM   1297 O  "O4'" . C   D 4 19 ? 20.393  -14.627 13.518  1.00 78.77  ? 49  C   D "O4'" 1 
ATOM   1298 C  "C3'" . C   D 4 19 ? 22.448  -15.708 13.250  1.00 76.85  ? 49  C   D "C3'" 1 
ATOM   1299 O  "O3'" . C   D 4 19 ? 23.338  -16.789 13.487  1.00 76.69  ? 49  C   D "O3'" 1 
ATOM   1300 C  "C2'" . C   D 4 19 ? 21.757  -15.689 11.898  1.00 77.45  ? 49  C   D "C2'" 1 
ATOM   1301 O  "O2'" . C   D 4 19 ? 21.079  -16.898 11.644  1.00 74.21  ? 49  C   D "O2'" 1 
ATOM   1302 C  "C1'" . C   D 4 19 ? 20.699  -14.616 12.132  1.00 76.51  ? 49  C   D "C1'" 1 
ATOM   1303 N  N1    . C   D 4 19 ? 21.203  -13.282 11.768  1.00 76.25  ? 49  C   D N1    1 
ATOM   1304 C  C2    . C   D 4 19 ? 21.227  -12.928 10.426  1.00 76.58  ? 49  C   D C2    1 
ATOM   1305 O  O2    . C   D 4 19 ? 20.815  -13.738 9.585   1.00 77.45  ? 49  C   D O2    1 
ATOM   1306 N  N3    . C   D 4 19 ? 21.696  -11.717 10.068  1.00 75.13  ? 49  C   D N3    1 
ATOM   1307 C  C4    . C   D 4 19 ? 22.127  -10.871 11.000  1.00 75.14  ? 49  C   D C4    1 
ATOM   1308 N  N4    . C   D 4 19 ? 22.581  -9.681  10.603  1.00 73.85  ? 49  C   D N4    1 
ATOM   1309 C  C5    . C   D 4 19 ? 22.110  -11.203 12.381  1.00 75.78  ? 49  C   D C5    1 
ATOM   1310 C  C6    . C   D 4 19 ? 21.645  -12.410 12.718  1.00 75.86  ? 49  C   D C6    1 
HETATM 1311 S  S     . SO4 E 5 .  ? 7.162   -3.677  -13.228 0.50 90.21  ? 102 SO4 A S     1 
HETATM 1312 O  O1    . SO4 E 5 .  ? 5.904   -3.621  -13.988 0.50 89.06  ? 102 SO4 A O1    1 
HETATM 1313 O  O2    . SO4 E 5 .  ? 7.398   -2.375  -12.576 0.50 87.28  ? 102 SO4 A O2    1 
HETATM 1314 O  O3    . SO4 E 5 .  ? 7.060   -4.739  -12.213 0.50 86.36  ? 102 SO4 A O3    1 
HETATM 1315 O  O4    . SO4 E 5 .  ? 8.281   -3.974  -14.143 0.50 88.77  ? 102 SO4 A O4    1 
HETATM 1316 CO CO    . NCO F 6 .  ? 4.070   -2.439  11.047  1.00 89.98  ? 101 NCO D CO    1 
HETATM 1317 N  N1    . NCO F 6 .  ? 2.765   -3.791  10.273  1.00 88.89  ? 101 NCO D N1    1 
HETATM 1318 N  N2    . NCO F 6 .  ? 2.685   -2.128  12.471  1.00 90.74  ? 101 NCO D N2    1 
HETATM 1319 N  N3    . NCO F 6 .  ? 5.094   -3.827  12.034  1.00 90.16  ? 101 NCO D N3    1 
HETATM 1320 N  N4    . NCO F 6 .  ? 3.214   -0.961  10.085  1.00 90.02  ? 101 NCO D N4    1 
HETATM 1321 N  N5    . NCO F 6 .  ? 5.266   -1.080  11.808  1.00 89.50  ? 101 NCO D N5    1 
HETATM 1322 N  N6    . NCO F 6 .  ? 5.375   -2.776  9.545   1.00 90.71  ? 101 NCO D N6    1 
HETATM 1323 O  O     . HOH G 7 .  ? 9.060   -13.821 -5.513  1.00 64.53  ? 103 HOH A O     1 
HETATM 1324 O  O     . HOH G 7 .  ? 5.517   -4.755  -9.952  1.00 69.00  ? 104 HOH A O     1 
HETATM 1325 O  O     . HOH G 7 .  ? -20.172 -18.867 -12.043 1.00 77.42  ? 105 HOH A O     1 
HETATM 1326 O  O     . HOH G 7 .  ? 12.603  -7.459  -4.427  1.00 57.91  ? 106 HOH A O     1 
HETATM 1327 O  O     . HOH G 7 .  ? 3.495   -6.647  -13.449 1.00 71.03  ? 107 HOH A O     1 
HETATM 1328 O  O     . HOH H 7 .  ? -18.850 -6.535  -3.745  1.00 69.20  ? 14  HOH B O     1 
HETATM 1329 O  O     . HOH H 7 .  ? -10.180 -8.226  6.203   1.00 73.22  ? 15  HOH B O     1 
HETATM 1330 O  O     . HOH H 7 .  ? -4.893  4.960   -11.887 1.00 57.01  ? 16  HOH B O     1 
HETATM 1331 O  O     . HOH H 7 .  ? 12.754  -2.855  -2.452  1.00 71.74  ? 17  HOH B O     1 
HETATM 1332 O  O     . HOH H 7 .  ? 9.496   2.258   -9.525  1.00 64.54  ? 18  HOH B O     1 
HETATM 1333 O  O     . HOH H 7 .  ? 10.679  4.691   -9.219  1.00 65.32  ? 19  HOH B O     1 
HETATM 1334 O  O     . HOH H 7 .  ? 10.772  9.928   -7.381  1.00 66.56  ? 20  HOH B O     1 
HETATM 1335 O  O     . HOH I 7 .  ? 12.208  0.801   17.197  1.00 71.19  ? 32  HOH C O     1 
HETATM 1336 O  O     . HOH I 7 .  ? 11.597  4.124   12.269  1.00 60.68  ? 33  HOH C O     1 
HETATM 1337 O  O     . HOH I 7 .  ? 8.103   12.373  -4.165  1.00 67.66  ? 34  HOH C O     1 
HETATM 1338 O  O     . HOH I 7 .  ? 8.856   10.149  -1.083  1.00 73.65  ? 35  HOH C O     1 
HETATM 1339 O  O     . HOH I 7 .  ? 0.551   7.863   2.572   1.00 57.99  ? 36  HOH C O     1 
HETATM 1340 O  O     . HOH I 7 .  ? -3.148  11.602  -3.531  1.00 64.14  ? 37  HOH C O     1 
HETATM 1341 O  O     . HOH I 7 .  ? -5.939  10.170  -11.931 1.00 74.39  ? 38  HOH C O     1 
HETATM 1342 O  O     . HOH I 7 .  ? 22.298  -6.144  8.247   1.00 75.93  ? 39  HOH C O     1 
HETATM 1343 O  O     . HOH I 7 .  ? 12.179  -5.680  1.345   1.00 70.33  ? 40  HOH C O     1 
HETATM 1344 O  O     . HOH I 7 .  ? 10.202  -8.625  2.110   1.00 67.35  ? 41  HOH C O     1 
HETATM 1345 O  O     . HOH I 7 .  ? 11.376  -10.799 -0.095  1.00 62.14  ? 42  HOH C O     1 
HETATM 1346 O  O     . HOH I 7 .  ? -0.701  10.970  0.793   1.00 62.98  ? 43  HOH C O     1 
HETATM 1347 O  O     . HOH I 7 .  ? 1.581   15.131  3.484   1.00 81.58  ? 44  HOH C O     1 
HETATM 1348 O  O     . HOH I 7 .  ? -16.724 19.015  -5.093  1.00 70.44  ? 45  HOH C O     1 
HETATM 1349 O  O     . HOH J 7 .  ? -12.523 8.070   3.977   1.00 56.86  ? 102 HOH D O     1 
HETATM 1350 O  O     . HOH J 7 .  ? -14.625 5.523   0.112   1.00 72.81  ? 103 HOH D O     1 
HETATM 1351 O  O     . HOH J 7 .  ? -6.479  -0.549  2.512   1.00 64.79  ? 104 HOH D O     1 
HETATM 1352 O  O     . HOH J 7 .  ? -1.850  16.506  -4.122  1.00 67.41  ? 105 HOH D O     1 
HETATM 1353 O  O     . HOH J 7 .  ? 9.624   -5.485  4.501   1.00 54.12  ? 106 HOH D O     1 
HETATM 1354 O  O     . HOH J 7 .  ? -4.377  13.531  1.893   1.00 79.81  ? 107 HOH D O     1 
HETATM 1355 O  O     . HOH J 7 .  ? -9.789  -0.822  14.696  1.00 58.73  ? 108 HOH D O     1 
HETATM 1356 O  O     . HOH J 7 .  ? -5.659  15.965  -8.561  1.00 75.14  ? 109 HOH D O     1 
# 
loop_
_pdbx_poly_seq_scheme.asym_id 
_pdbx_poly_seq_scheme.entity_id 
_pdbx_poly_seq_scheme.seq_id 
_pdbx_poly_seq_scheme.mon_id 
_pdbx_poly_seq_scheme.ndb_seq_num 
_pdbx_poly_seq_scheme.pdb_seq_num 
_pdbx_poly_seq_scheme.auth_seq_num 
_pdbx_poly_seq_scheme.pdb_mon_id 
_pdbx_poly_seq_scheme.auth_mon_id 
_pdbx_poly_seq_scheme.pdb_strand_id 
_pdbx_poly_seq_scheme.pdb_ins_code 
_pdbx_poly_seq_scheme.hetero 
A 1 1  U 1  1  1  U U A . n 
A 1 2  C 2  2  2  C C A . n 
A 1 3  C 3  3  3  C C A . n 
A 1 4  C 4  4  4  C C A . n 
A 1 5  A 5  5  5  A A A . n 
A 1 6  G 6  6  6  G G A . n 
A 1 7  U 7  7  7  U U A . n 
A 1 8  C 8  8  8  C C A . n 
A 1 9  C 9  9  9  C C A . n 
A 1 10 A 10 10 10 A A A . n 
A 1 11 C 11 11 11 C C A . n 
A 1 12 C 12 12 12 C C A . n 
A 1 13 G 13 13 13 G G A . n 
B 2 1  C 1  2  2  C C B . n 
B 2 2  G 2  3  3  G G B . n 
B 2 3  G 3  4  4  G G B . n 
B 2 4  U 4  5  5  U U B . n 
B 2 5  G 5  6  6  G G B . n 
B 2 6  A 6  7  7  A A B . n 
B 2 7  A 7  8  8  A A B . n 
B 2 8  A 8  9  9  A A B . n 
B 2 9  A 9  10 10 A A B . n 
B 2 10 G 10 11 11 G G B . n 
B 2 11 G 11 12 12 G G B . n 
B 2 12 G 12 13 13 G G B . n 
C 3 1  G 1  15 15 G G C . n 
C 3 2  G 2  16 16 G G C . n 
C 3 3  C 3  17 17 C C C . n 
C 3 4  A 4  18 18 A A C . n 
C 3 5  G 5  19 19 G G C . n 
C 3 6  A 6  20 20 A A C . n 
C 3 7  G 7  21 21 G G C . n 
C 3 8  A 8  22 22 A A C . n 
C 3 9  A 9  23 23 A A C . n 
C 3 10 A 10 24 24 A A C . n 
C 3 11 C 11 25 25 C C C . n 
C 3 12 A 12 26 26 A A C . n 
C 3 13 C 13 27 27 C C C . n 
C 3 14 A 14 28 28 A A C . n 
C 3 15 C 15 29 29 C C C . n 
C 3 16 G 16 30 30 G G C . n 
C 3 17 A 17 31 31 A A C . n 
D 4 1  U 1  31 31 U U D . n 
D 4 2  C 2  32 32 C C D . n 
D 4 3  G 3  33 33 G G D . n 
D 4 4  U 4  34 34 U U D . n 
D 4 5  G 5  35 35 G G D . n 
D 4 6  G 6  36 36 G G D . n 
D 4 7  U 7  37 37 U U D . n 
D 4 8  A 8  38 38 A A D . n 
D 4 9  C 9  39 39 C C D . n 
D 4 10 A 10 40 40 A A D . n 
D 4 11 U 11 41 41 U U D . n 
D 4 12 U 12 42 42 U U D . n 
D 4 13 A 13 43 43 A A D . n 
D 4 14 C 14 44 44 C C D . n 
D 4 15 C 15 45 45 C C D . n 
D 4 16 U 16 46 46 U U D . n 
D 4 17 G 17 47 47 G G D . n 
D 4 18 C 18 48 48 C C D . n 
D 4 19 C 19 49 49 C C D . n 
# 
loop_
_pdbx_nonpoly_scheme.asym_id 
_pdbx_nonpoly_scheme.entity_id 
_pdbx_nonpoly_scheme.mon_id 
_pdbx_nonpoly_scheme.ndb_seq_num 
_pdbx_nonpoly_scheme.pdb_seq_num 
_pdbx_nonpoly_scheme.auth_seq_num 
_pdbx_nonpoly_scheme.pdb_mon_id 
_pdbx_nonpoly_scheme.auth_mon_id 
_pdbx_nonpoly_scheme.pdb_strand_id 
_pdbx_nonpoly_scheme.pdb_ins_code 
E 5 SO4 1  102 102 SO4 SO4 A . 
F 6 NCO 1  101 101 NCO NCO D . 
G 7 HOH 1  103 5   HOH HOH A . 
G 7 HOH 2  104 6   HOH HOH A . 
G 7 HOH 3  105 8   HOH HOH A . 
G 7 HOH 4  106 20  HOH HOH A . 
G 7 HOH 5  107 30  HOH HOH A . 
H 7 HOH 1  14  9   HOH HOH B . 
H 7 HOH 2  15  10  HOH HOH B . 
H 7 HOH 3  16  11  HOH HOH B . 
H 7 HOH 4  17  17  HOH HOH B . 
H 7 HOH 5  18  18  HOH HOH B . 
H 7 HOH 6  19  31  HOH HOH B . 
H 7 HOH 7  20  32  HOH HOH B . 
I 7 HOH 1  32  1   HOH HOH C . 
I 7 HOH 2  33  2   HOH HOH C . 
I 7 HOH 3  34  12  HOH HOH C . 
I 7 HOH 4  35  13  HOH HOH C . 
I 7 HOH 5  36  14  HOH HOH C . 
I 7 HOH 6  37  15  HOH HOH C . 
I 7 HOH 7  38  19  HOH HOH C . 
I 7 HOH 8  39  21  HOH HOH C . 
I 7 HOH 9  40  22  HOH HOH C . 
I 7 HOH 10 41  23  HOH HOH C . 
I 7 HOH 11 42  25  HOH HOH C . 
I 7 HOH 12 43  26  HOH HOH C . 
I 7 HOH 13 44  27  HOH HOH C . 
I 7 HOH 14 45  34  HOH HOH C . 
J 7 HOH 1  102 3   HOH HOH D . 
J 7 HOH 2  103 4   HOH HOH D . 
J 7 HOH 3  104 7   HOH HOH D . 
J 7 HOH 4  105 16  HOH HOH D . 
J 7 HOH 5  106 24  HOH HOH D . 
J 7 HOH 6  107 28  HOH HOH D . 
J 7 HOH 7  108 29  HOH HOH D . 
J 7 HOH 8  109 33  HOH HOH D . 
# 
_pdbx_struct_assembly.id                   1 
_pdbx_struct_assembly.details              author_defined_assembly 
_pdbx_struct_assembly.method_details       ? 
_pdbx_struct_assembly.oligomeric_details   tetrameric 
_pdbx_struct_assembly.oligomeric_count     4 
# 
_pdbx_struct_assembly_gen.assembly_id       1 
_pdbx_struct_assembly_gen.oper_expression   1 
_pdbx_struct_assembly_gen.asym_id_list      A,B,C,D,E,F,G,H,I,J 
# 
_pdbx_struct_oper_list.id                   1 
_pdbx_struct_oper_list.type                 'identity operation' 
_pdbx_struct_oper_list.name                 1_555 
_pdbx_struct_oper_list.symmetry_operation   x,y,z 
_pdbx_struct_oper_list.matrix[1][1]         1.0000000000 
_pdbx_struct_oper_list.matrix[1][2]         0.0000000000 
_pdbx_struct_oper_list.matrix[1][3]         0.0000000000 
_pdbx_struct_oper_list.vector[1]            0.0000000000 
_pdbx_struct_oper_list.matrix[2][1]         0.0000000000 
_pdbx_struct_oper_list.matrix[2][2]         1.0000000000 
_pdbx_struct_oper_list.matrix[2][3]         0.0000000000 
_pdbx_struct_oper_list.vector[2]            0.0000000000 
_pdbx_struct_oper_list.matrix[3][1]         0.0000000000 
_pdbx_struct_oper_list.matrix[3][2]         0.0000000000 
_pdbx_struct_oper_list.matrix[3][3]         1.0000000000 
_pdbx_struct_oper_list.vector[3]            0.0000000000 
# 
loop_
_pdbx_audit_revision_history.ordinal 
_pdbx_audit_revision_history.data_content_type 
_pdbx_audit_revision_history.major_revision 
_pdbx_audit_revision_history.minor_revision 
_pdbx_audit_revision_history.revision_date 
1 'Structure model' 1 0 2006-02-14 
2 'Structure model' 1 1 2008-04-30 
3 'Structure model' 1 2 2011-07-13 
4 'Structure model' 1 3 2023-08-23 
# 
_pdbx_audit_revision_details.ordinal             1 
_pdbx_audit_revision_details.revision_ordinal    1 
_pdbx_audit_revision_details.data_content_type   'Structure model' 
_pdbx_audit_revision_details.provider            repository 
_pdbx_audit_revision_details.type                'Initial release' 
_pdbx_audit_revision_details.description         ? 
_pdbx_audit_revision_details.details             ? 
# 
loop_
_pdbx_audit_revision_group.ordinal 
_pdbx_audit_revision_group.revision_ordinal 
_pdbx_audit_revision_group.data_content_type 
_pdbx_audit_revision_group.group 
1 2 'Structure model' 'Version format compliance' 
2 3 'Structure model' 'Version format compliance' 
3 4 'Structure model' 'Data collection'           
4 4 'Structure model' 'Database references'       
5 4 'Structure model' 'Derived calculations'      
6 4 'Structure model' 'Refinement description'    
# 
loop_
_pdbx_audit_revision_category.ordinal 
_pdbx_audit_revision_category.revision_ordinal 
_pdbx_audit_revision_category.data_content_type 
_pdbx_audit_revision_category.category 
1 4 'Structure model' chem_comp_atom                
2 4 'Structure model' chem_comp_bond                
3 4 'Structure model' database_2                    
4 4 'Structure model' pdbx_initial_refinement_model 
5 4 'Structure model' struct_site                   
# 
loop_
_pdbx_audit_revision_item.ordinal 
_pdbx_audit_revision_item.revision_ordinal 
_pdbx_audit_revision_item.data_content_type 
_pdbx_audit_revision_item.item 
1 4 'Structure model' '_database_2.pdbx_DOI'                
2 4 'Structure model' '_database_2.pdbx_database_accession' 
3 4 'Structure model' '_struct_site.pdbx_auth_asym_id'      
4 4 'Structure model' '_struct_site.pdbx_auth_comp_id'      
5 4 'Structure model' '_struct_site.pdbx_auth_seq_id'       
# 
loop_
_software.name 
_software.classification 
_software.version 
_software.citation_id 
_software.pdbx_ordinal 
CNS          refinement        1.1            ? 1 
ADSC         'data collection' .              ? 2 
CrystalClear 'data scaling'    '(MSC/RIGAKU)' ? 3 
CNS          phasing           .              ? 4 
# 
loop_
_pdbx_validate_rmsd_angle.id 
_pdbx_validate_rmsd_angle.PDB_model_num 
_pdbx_validate_rmsd_angle.auth_atom_id_1 
_pdbx_validate_rmsd_angle.auth_asym_id_1 
_pdbx_validate_rmsd_angle.auth_comp_id_1 
_pdbx_validate_rmsd_angle.auth_seq_id_1 
_pdbx_validate_rmsd_angle.PDB_ins_code_1 
_pdbx_validate_rmsd_angle.label_alt_id_1 
_pdbx_validate_rmsd_angle.auth_atom_id_2 
_pdbx_validate_rmsd_angle.auth_asym_id_2 
_pdbx_validate_rmsd_angle.auth_comp_id_2 
_pdbx_validate_rmsd_angle.auth_seq_id_2 
_pdbx_validate_rmsd_angle.PDB_ins_code_2 
_pdbx_validate_rmsd_angle.label_alt_id_2 
_pdbx_validate_rmsd_angle.auth_atom_id_3 
_pdbx_validate_rmsd_angle.auth_asym_id_3 
_pdbx_validate_rmsd_angle.auth_comp_id_3 
_pdbx_validate_rmsd_angle.auth_seq_id_3 
_pdbx_validate_rmsd_angle.PDB_ins_code_3 
_pdbx_validate_rmsd_angle.label_alt_id_3 
_pdbx_validate_rmsd_angle.angle_value 
_pdbx_validate_rmsd_angle.angle_target_value 
_pdbx_validate_rmsd_angle.angle_deviation 
_pdbx_validate_rmsd_angle.angle_standard_deviation 
_pdbx_validate_rmsd_angle.linker_flag 
1 1 "C2'" A C 2  ? ? "C3'" A C 2  ? ? "O3'" A C 2  ? ? 127.33 113.70 13.63 1.60 N 
2 1 "C4'" A C 2  ? ? "C3'" A C 2  ? ? "C2'" A C 2  ? ? 109.09 102.60 6.49  1.00 N 
3 1 "C2'" A C 4  ? ? "C3'" A C 4  ? ? "O3'" A C 4  ? ? 125.29 113.70 11.59 1.60 N 
4 1 "C2'" A A 5  ? ? "C3'" A A 5  ? ? "O3'" A A 5  ? ? 123.38 113.70 9.68  1.60 N 
5 1 N9    A G 6  ? ? "C1'" A G 6  ? ? "C2'" A G 6  ? ? 123.04 114.00 9.04  1.30 N 
6 1 "C2'" D U 41 ? ? "C3'" D U 41 ? ? "O3'" D U 41 ? ? 123.78 113.70 10.08 1.60 N 
# 
loop_
_pdbx_validate_planes.id 
_pdbx_validate_planes.PDB_model_num 
_pdbx_validate_planes.auth_comp_id 
_pdbx_validate_planes.auth_asym_id 
_pdbx_validate_planes.auth_seq_id 
_pdbx_validate_planes.PDB_ins_code 
_pdbx_validate_planes.label_alt_id 
_pdbx_validate_planes.rmsd 
_pdbx_validate_planes.type 
1 1 G A 6  ? ? 0.058 'SIDE CHAIN' 
2 1 G D 35 ? ? 0.064 'SIDE CHAIN' 
3 1 U D 37 ? ? 0.080 'SIDE CHAIN' 
# 
_pdbx_validate_chiral.id              1 
_pdbx_validate_chiral.PDB_model_num   1 
_pdbx_validate_chiral.auth_atom_id    "C3'" 
_pdbx_validate_chiral.label_alt_id    ? 
_pdbx_validate_chiral.auth_asym_id    A 
_pdbx_validate_chiral.auth_comp_id    C 
_pdbx_validate_chiral.auth_seq_id     2 
_pdbx_validate_chiral.PDB_ins_code    ? 
_pdbx_validate_chiral.details         PLANAR 
_pdbx_validate_chiral.omega           . 
# 
loop_
_chem_comp_atom.comp_id 
_chem_comp_atom.atom_id 
_chem_comp_atom.type_symbol 
_chem_comp_atom.pdbx_aromatic_flag 
_chem_comp_atom.pdbx_stereo_config 
_chem_comp_atom.pdbx_ordinal 
A   OP3    O  N N 1   
A   P      P  N N 2   
A   OP1    O  N N 3   
A   OP2    O  N N 4   
A   "O5'"  O  N N 5   
A   "C5'"  C  N N 6   
A   "C4'"  C  N R 7   
A   "O4'"  O  N N 8   
A   "C3'"  C  N S 9   
A   "O3'"  O  N N 10  
A   "C2'"  C  N R 11  
A   "O2'"  O  N N 12  
A   "C1'"  C  N R 13  
A   N9     N  Y N 14  
A   C8     C  Y N 15  
A   N7     N  Y N 16  
A   C5     C  Y N 17  
A   C6     C  Y N 18  
A   N6     N  N N 19  
A   N1     N  Y N 20  
A   C2     C  Y N 21  
A   N3     N  Y N 22  
A   C4     C  Y N 23  
A   HOP3   H  N N 24  
A   HOP2   H  N N 25  
A   "H5'"  H  N N 26  
A   "H5''" H  N N 27  
A   "H4'"  H  N N 28  
A   "H3'"  H  N N 29  
A   "HO3'" H  N N 30  
A   "H2'"  H  N N 31  
A   "HO2'" H  N N 32  
A   "H1'"  H  N N 33  
A   H8     H  N N 34  
A   H61    H  N N 35  
A   H62    H  N N 36  
A   H2     H  N N 37  
C   OP3    O  N N 38  
C   P      P  N N 39  
C   OP1    O  N N 40  
C   OP2    O  N N 41  
C   "O5'"  O  N N 42  
C   "C5'"  C  N N 43  
C   "C4'"  C  N R 44  
C   "O4'"  O  N N 45  
C   "C3'"  C  N S 46  
C   "O3'"  O  N N 47  
C   "C2'"  C  N R 48  
C   "O2'"  O  N N 49  
C   "C1'"  C  N R 50  
C   N1     N  N N 51  
C   C2     C  N N 52  
C   O2     O  N N 53  
C   N3     N  N N 54  
C   C4     C  N N 55  
C   N4     N  N N 56  
C   C5     C  N N 57  
C   C6     C  N N 58  
C   HOP3   H  N N 59  
C   HOP2   H  N N 60  
C   "H5'"  H  N N 61  
C   "H5''" H  N N 62  
C   "H4'"  H  N N 63  
C   "H3'"  H  N N 64  
C   "HO3'" H  N N 65  
C   "H2'"  H  N N 66  
C   "HO2'" H  N N 67  
C   "H1'"  H  N N 68  
C   H41    H  N N 69  
C   H42    H  N N 70  
C   H5     H  N N 71  
C   H6     H  N N 72  
G   OP3    O  N N 73  
G   P      P  N N 74  
G   OP1    O  N N 75  
G   OP2    O  N N 76  
G   "O5'"  O  N N 77  
G   "C5'"  C  N N 78  
G   "C4'"  C  N R 79  
G   "O4'"  O  N N 80  
G   "C3'"  C  N S 81  
G   "O3'"  O  N N 82  
G   "C2'"  C  N R 83  
G   "O2'"  O  N N 84  
G   "C1'"  C  N R 85  
G   N9     N  Y N 86  
G   C8     C  Y N 87  
G   N7     N  Y N 88  
G   C5     C  Y N 89  
G   C6     C  N N 90  
G   O6     O  N N 91  
G   N1     N  N N 92  
G   C2     C  N N 93  
G   N2     N  N N 94  
G   N3     N  N N 95  
G   C4     C  Y N 96  
G   HOP3   H  N N 97  
G   HOP2   H  N N 98  
G   "H5'"  H  N N 99  
G   "H5''" H  N N 100 
G   "H4'"  H  N N 101 
G   "H3'"  H  N N 102 
G   "HO3'" H  N N 103 
G   "H2'"  H  N N 104 
G   "HO2'" H  N N 105 
G   "H1'"  H  N N 106 
G   H8     H  N N 107 
G   H1     H  N N 108 
G   H21    H  N N 109 
G   H22    H  N N 110 
HOH O      O  N N 111 
HOH H1     H  N N 112 
HOH H2     H  N N 113 
NCO CO     CO N N 114 
NCO N1     N  N N 115 
NCO N2     N  N N 116 
NCO N3     N  N N 117 
NCO N4     N  N N 118 
NCO N5     N  N N 119 
NCO N6     N  N N 120 
NCO HN11   H  N N 121 
NCO HN12   H  N N 122 
NCO HN13   H  N N 123 
NCO HN21   H  N N 124 
NCO HN22   H  N N 125 
NCO HN23   H  N N 126 
NCO HN31   H  N N 127 
NCO HN32   H  N N 128 
NCO HN33   H  N N 129 
NCO HN41   H  N N 130 
NCO HN42   H  N N 131 
NCO HN43   H  N N 132 
NCO HN51   H  N N 133 
NCO HN52   H  N N 134 
NCO HN53   H  N N 135 
NCO HN61   H  N N 136 
NCO HN62   H  N N 137 
NCO HN63   H  N N 138 
SO4 S      S  N N 139 
SO4 O1     O  N N 140 
SO4 O2     O  N N 141 
SO4 O3     O  N N 142 
SO4 O4     O  N N 143 
U   OP3    O  N N 144 
U   P      P  N N 145 
U   OP1    O  N N 146 
U   OP2    O  N N 147 
U   "O5'"  O  N N 148 
U   "C5'"  C  N N 149 
U   "C4'"  C  N R 150 
U   "O4'"  O  N N 151 
U   "C3'"  C  N S 152 
U   "O3'"  O  N N 153 
U   "C2'"  C  N R 154 
U   "O2'"  O  N N 155 
U   "C1'"  C  N R 156 
U   N1     N  N N 157 
U   C2     C  N N 158 
U   O2     O  N N 159 
U   N3     N  N N 160 
U   C4     C  N N 161 
U   O4     O  N N 162 
U   C5     C  N N 163 
U   C6     C  N N 164 
U   HOP3   H  N N 165 
U   HOP2   H  N N 166 
U   "H5'"  H  N N 167 
U   "H5''" H  N N 168 
U   "H4'"  H  N N 169 
U   "H3'"  H  N N 170 
U   "HO3'" H  N N 171 
U   "H2'"  H  N N 172 
U   "HO2'" H  N N 173 
U   "H1'"  H  N N 174 
U   H3     H  N N 175 
U   H5     H  N N 176 
U   H6     H  N N 177 
# 
loop_
_chem_comp_bond.comp_id 
_chem_comp_bond.atom_id_1 
_chem_comp_bond.atom_id_2 
_chem_comp_bond.value_order 
_chem_comp_bond.pdbx_aromatic_flag 
_chem_comp_bond.pdbx_stereo_config 
_chem_comp_bond.pdbx_ordinal 
A   OP3   P      sing N N 1   
A   OP3   HOP3   sing N N 2   
A   P     OP1    doub N N 3   
A   P     OP2    sing N N 4   
A   P     "O5'"  sing N N 5   
A   OP2   HOP2   sing N N 6   
A   "O5'" "C5'"  sing N N 7   
A   "C5'" "C4'"  sing N N 8   
A   "C5'" "H5'"  sing N N 9   
A   "C5'" "H5''" sing N N 10  
A   "C4'" "O4'"  sing N N 11  
A   "C4'" "C3'"  sing N N 12  
A   "C4'" "H4'"  sing N N 13  
A   "O4'" "C1'"  sing N N 14  
A   "C3'" "O3'"  sing N N 15  
A   "C3'" "C2'"  sing N N 16  
A   "C3'" "H3'"  sing N N 17  
A   "O3'" "HO3'" sing N N 18  
A   "C2'" "O2'"  sing N N 19  
A   "C2'" "C1'"  sing N N 20  
A   "C2'" "H2'"  sing N N 21  
A   "O2'" "HO2'" sing N N 22  
A   "C1'" N9     sing N N 23  
A   "C1'" "H1'"  sing N N 24  
A   N9    C8     sing Y N 25  
A   N9    C4     sing Y N 26  
A   C8    N7     doub Y N 27  
A   C8    H8     sing N N 28  
A   N7    C5     sing Y N 29  
A   C5    C6     sing Y N 30  
A   C5    C4     doub Y N 31  
A   C6    N6     sing N N 32  
A   C6    N1     doub Y N 33  
A   N6    H61    sing N N 34  
A   N6    H62    sing N N 35  
A   N1    C2     sing Y N 36  
A   C2    N3     doub Y N 37  
A   C2    H2     sing N N 38  
A   N3    C4     sing Y N 39  
C   OP3   P      sing N N 40  
C   OP3   HOP3   sing N N 41  
C   P     OP1    doub N N 42  
C   P     OP2    sing N N 43  
C   P     "O5'"  sing N N 44  
C   OP2   HOP2   sing N N 45  
C   "O5'" "C5'"  sing N N 46  
C   "C5'" "C4'"  sing N N 47  
C   "C5'" "H5'"  sing N N 48  
C   "C5'" "H5''" sing N N 49  
C   "C4'" "O4'"  sing N N 50  
C   "C4'" "C3'"  sing N N 51  
C   "C4'" "H4'"  sing N N 52  
C   "O4'" "C1'"  sing N N 53  
C   "C3'" "O3'"  sing N N 54  
C   "C3'" "C2'"  sing N N 55  
C   "C3'" "H3'"  sing N N 56  
C   "O3'" "HO3'" sing N N 57  
C   "C2'" "O2'"  sing N N 58  
C   "C2'" "C1'"  sing N N 59  
C   "C2'" "H2'"  sing N N 60  
C   "O2'" "HO2'" sing N N 61  
C   "C1'" N1     sing N N 62  
C   "C1'" "H1'"  sing N N 63  
C   N1    C2     sing N N 64  
C   N1    C6     sing N N 65  
C   C2    O2     doub N N 66  
C   C2    N3     sing N N 67  
C   N3    C4     doub N N 68  
C   C4    N4     sing N N 69  
C   C4    C5     sing N N 70  
C   N4    H41    sing N N 71  
C   N4    H42    sing N N 72  
C   C5    C6     doub N N 73  
C   C5    H5     sing N N 74  
C   C6    H6     sing N N 75  
G   OP3   P      sing N N 76  
G   OP3   HOP3   sing N N 77  
G   P     OP1    doub N N 78  
G   P     OP2    sing N N 79  
G   P     "O5'"  sing N N 80  
G   OP2   HOP2   sing N N 81  
G   "O5'" "C5'"  sing N N 82  
G   "C5'" "C4'"  sing N N 83  
G   "C5'" "H5'"  sing N N 84  
G   "C5'" "H5''" sing N N 85  
G   "C4'" "O4'"  sing N N 86  
G   "C4'" "C3'"  sing N N 87  
G   "C4'" "H4'"  sing N N 88  
G   "O4'" "C1'"  sing N N 89  
G   "C3'" "O3'"  sing N N 90  
G   "C3'" "C2'"  sing N N 91  
G   "C3'" "H3'"  sing N N 92  
G   "O3'" "HO3'" sing N N 93  
G   "C2'" "O2'"  sing N N 94  
G   "C2'" "C1'"  sing N N 95  
G   "C2'" "H2'"  sing N N 96  
G   "O2'" "HO2'" sing N N 97  
G   "C1'" N9     sing N N 98  
G   "C1'" "H1'"  sing N N 99  
G   N9    C8     sing Y N 100 
G   N9    C4     sing Y N 101 
G   C8    N7     doub Y N 102 
G   C8    H8     sing N N 103 
G   N7    C5     sing Y N 104 
G   C5    C6     sing N N 105 
G   C5    C4     doub Y N 106 
G   C6    O6     doub N N 107 
G   C6    N1     sing N N 108 
G   N1    C2     sing N N 109 
G   N1    H1     sing N N 110 
G   C2    N2     sing N N 111 
G   C2    N3     doub N N 112 
G   N2    H21    sing N N 113 
G   N2    H22    sing N N 114 
G   N3    C4     sing N N 115 
HOH O     H1     sing N N 116 
HOH O     H2     sing N N 117 
NCO CO    N1     sing N N 118 
NCO CO    N2     sing N N 119 
NCO CO    N3     sing N N 120 
NCO CO    N4     sing N N 121 
NCO CO    N5     sing N N 122 
NCO CO    N6     sing N N 123 
NCO N1    HN11   sing N N 124 
NCO N1    HN12   sing N N 125 
NCO N1    HN13   sing N N 126 
NCO N2    HN21   sing N N 127 
NCO N2    HN22   sing N N 128 
NCO N2    HN23   sing N N 129 
NCO N3    HN31   sing N N 130 
NCO N3    HN32   sing N N 131 
NCO N3    HN33   sing N N 132 
NCO N4    HN41   sing N N 133 
NCO N4    HN42   sing N N 134 
NCO N4    HN43   sing N N 135 
NCO N5    HN51   sing N N 136 
NCO N5    HN52   sing N N 137 
NCO N5    HN53   sing N N 138 
NCO N6    HN61   sing N N 139 
NCO N6    HN62   sing N N 140 
NCO N6    HN63   sing N N 141 
SO4 S     O1     doub N N 142 
SO4 S     O2     doub N N 143 
SO4 S     O3     sing N N 144 
SO4 S     O4     sing N N 145 
U   OP3   P      sing N N 146 
U   OP3   HOP3   sing N N 147 
U   P     OP1    doub N N 148 
U   P     OP2    sing N N 149 
U   P     "O5'"  sing N N 150 
U   OP2   HOP2   sing N N 151 
U   "O5'" "C5'"  sing N N 152 
U   "C5'" "C4'"  sing N N 153 
U   "C5'" "H5'"  sing N N 154 
U   "C5'" "H5''" sing N N 155 
U   "C4'" "O4'"  sing N N 156 
U   "C4'" "C3'"  sing N N 157 
U   "C4'" "H4'"  sing N N 158 
U   "O4'" "C1'"  sing N N 159 
U   "C3'" "O3'"  sing N N 160 
U   "C3'" "C2'"  sing N N 161 
U   "C3'" "H3'"  sing N N 162 
U   "O3'" "HO3'" sing N N 163 
U   "C2'" "O2'"  sing N N 164 
U   "C2'" "C1'"  sing N N 165 
U   "C2'" "H2'"  sing N N 166 
U   "O2'" "HO2'" sing N N 167 
U   "C1'" N1     sing N N 168 
U   "C1'" "H1'"  sing N N 169 
U   N1    C2     sing N N 170 
U   N1    C6     sing N N 171 
U   C2    O2     doub N N 172 
U   C2    N3     sing N N 173 
U   N3    C4     sing N N 174 
U   N3    H3     sing N N 175 
U   C4    O4     doub N N 176 
U   C4    C5     sing N N 177 
U   C5    C6     doub N N 178 
U   C5    H5     sing N N 179 
U   C6    H6     sing N N 180 
# 
loop_
_ndb_struct_conf_na.entry_id 
_ndb_struct_conf_na.feature 
1ZFV 'double helix'         
1ZFV 'a-form double helix'  
1ZFV 'bulge loop'           
1ZFV 'mismatched base pair' 
1ZFV 'internal loop'        
# 
loop_
_ndb_struct_na_base_pair.model_number 
_ndb_struct_na_base_pair.i_label_asym_id 
_ndb_struct_na_base_pair.i_label_comp_id 
_ndb_struct_na_base_pair.i_label_seq_id 
_ndb_struct_na_base_pair.i_symmetry 
_ndb_struct_na_base_pair.j_label_asym_id 
_ndb_struct_na_base_pair.j_label_comp_id 
_ndb_struct_na_base_pair.j_label_seq_id 
_ndb_struct_na_base_pair.j_symmetry 
_ndb_struct_na_base_pair.shear 
_ndb_struct_na_base_pair.stretch 
_ndb_struct_na_base_pair.stagger 
_ndb_struct_na_base_pair.buckle 
_ndb_struct_na_base_pair.propeller 
_ndb_struct_na_base_pair.opening 
_ndb_struct_na_base_pair.pair_number 
_ndb_struct_na_base_pair.pair_name 
_ndb_struct_na_base_pair.i_auth_asym_id 
_ndb_struct_na_base_pair.i_auth_seq_id 
_ndb_struct_na_base_pair.i_PDB_ins_code 
_ndb_struct_na_base_pair.j_auth_asym_id 
_ndb_struct_na_base_pair.j_auth_seq_id 
_ndb_struct_na_base_pair.j_PDB_ins_code 
_ndb_struct_na_base_pair.hbond_type_28 
_ndb_struct_na_base_pair.hbond_type_12 
1 A C 2  1_555 B G 12 1_555 0.448  -0.144 -0.384 3.818   -12.275 -0.734   1  A_C2:G13_B  A 2  ? B 13 ? 19 1  
1 A C 3  1_555 B G 11 1_555 0.145  -0.198 -0.045 -3.223  -5.413  3.168    2  A_C3:G12_B  A 3  ? B 12 ? 19 1  
1 A C 4  1_555 B G 10 1_555 0.329  0.100  0.099  3.305   3.104   6.592    3  A_C4:G11_B  A 4  ? B 11 ? 19 1  
1 A A 5  1_555 B A 8  1_555 6.509  -4.065 -0.670 2.248   -12.460 -20.605  4  A_A5:A9_B   A 5  ? B 9  ? ?  10 
1 A C 8  1_555 B A 6  1_555 -2.878 0.572  -0.971 18.691  -17.663 4.388    5  A_C8:A7_B   A 8  ? B 7  ? ?  ?  
1 A C 9  1_555 B G 5  1_555 -0.259 0.161  0.040  6.123   -10.792 6.157    6  A_C9:G6_B   A 9  ? B 6  ? 19 1  
1 A A 10 1_555 B U 4  1_555 -0.197 0.028  0.178  2.023   -11.267 7.112    7  A_A10:U5_B  A 10 ? B 5  ? 20 1  
1 A C 11 1_555 B G 3  1_555 0.247  -0.068 0.043  5.831   -9.443  6.946    8  A_C11:G4_B  A 11 ? B 4  ? 19 1  
1 A C 12 1_555 B G 2  1_555 0.333  -0.080 0.399  0.667   -16.592 9.184    9  A_C12:G3_B  A 12 ? B 3  ? 19 1  
1 A G 13 1_555 B C 1  1_555 -0.343 -0.164 0.158  -0.767  -11.716 6.165    10 A_G13:C2_B  A 13 ? B 2  ? 19 1  
1 C G 1  1_555 D C 19 1_555 -0.111 -0.058 0.956  9.392   -4.647  0.759    11 C_G15:C49_D C 15 ? D 49 ? 19 1  
1 C G 2  1_555 D C 18 1_555 -0.208 -0.231 0.537  15.331  -13.795 -3.250   12 C_G16:C48_D C 16 ? D 48 ? 19 1  
1 C C 3  1_555 D G 17 1_555 0.083  -0.120 0.125  5.614   -16.068 -0.219   13 C_C17:G47_D C 17 ? D 47 ? 19 1  
1 C A 4  1_555 D U 16 1_555 -0.133 -0.059 0.029  0.781   -5.362  6.543    14 C_A18:U46_D C 18 ? D 46 ? 20 1  
1 C G 5  1_555 D C 15 1_555 -0.526 -0.232 -0.585 -8.886  -7.186  5.069    15 C_G19:C45_D C 19 ? D 45 ? 19 1  
1 C A 6  1_555 D C 14 1_555 1.856  0.272  -0.586 -12.625 -8.050  13.808   16 C_A20:C44_D C 20 ? D 44 ? ?  1  
1 C G 7  1_555 D A 13 1_555 6.750  -4.564 -0.144 -4.553  2.973   -8.142   17 C_G21:A43_D C 21 ? D 43 ? 11 10 
1 C A 8  1_555 D U 11 1_555 -4.086 -1.902 -0.093 -6.545  -9.252  -95.688  18 C_A22:U41_D C 22 ? D 41 ? 24 4  
1 C A 9  1_555 D A 10 1_555 -4.523 0.794  -0.534 1.812   -22.857 -95.026  19 C_A23:A40_D C 23 ? D 40 ? ?  ?  
1 C A 10 1_555 D A 8  1_555 5.503  3.133  -0.468 -1.942  -13.515 -154.621 20 C_A24:A38_D C 24 ? D 38 ? ?  ?  
1 C C 11 1_555 A G 6  1_555 0.106  -0.129 0.143  12.435  -9.986  2.075    21 C_C25:G6_A  C 25 ? A 6  ? 19 1  
1 C A 12 1_555 D G 6  1_555 -0.127 1.358  -0.321 -7.931  -15.877 -18.578  22 C_A26:G36_D C 26 ? D 36 ? 8  ?  
1 C C 13 1_555 D G 5  1_555 0.296  -0.226 0.228  4.827   -19.610 -0.556   23 C_C27:G35_D C 27 ? D 35 ? 19 1  
1 C A 14 1_555 D U 4  1_555 0.043  -0.210 0.429  7.453   -19.015 -1.408   24 C_A28:U34_D C 28 ? D 34 ? 20 1  
1 C C 15 1_555 D G 3  1_555 0.169  -0.114 0.147  6.749   -14.427 1.829    25 C_C29:G33_D C 29 ? D 33 ? 19 1  
1 C G 16 1_555 D C 2  1_555 -0.094 -0.067 0.580  -3.852  -12.763 -2.688   26 C_G30:C32_D C 30 ? D 32 ? 19 1  
1 C A 17 1_555 D U 1  1_555 0.690  -0.059 0.290  -2.143  -11.757 -0.130   27 C_A31:U31_D C 31 ? D 31 ? 20 1  
# 
loop_
_ndb_struct_na_base_pair_step.model_number 
_ndb_struct_na_base_pair_step.i_label_asym_id_1 
_ndb_struct_na_base_pair_step.i_label_comp_id_1 
_ndb_struct_na_base_pair_step.i_label_seq_id_1 
_ndb_struct_na_base_pair_step.i_symmetry_1 
_ndb_struct_na_base_pair_step.j_label_asym_id_1 
_ndb_struct_na_base_pair_step.j_label_comp_id_1 
_ndb_struct_na_base_pair_step.j_label_seq_id_1 
_ndb_struct_na_base_pair_step.j_symmetry_1 
_ndb_struct_na_base_pair_step.i_label_asym_id_2 
_ndb_struct_na_base_pair_step.i_label_comp_id_2 
_ndb_struct_na_base_pair_step.i_label_seq_id_2 
_ndb_struct_na_base_pair_step.i_symmetry_2 
_ndb_struct_na_base_pair_step.j_label_asym_id_2 
_ndb_struct_na_base_pair_step.j_label_comp_id_2 
_ndb_struct_na_base_pair_step.j_label_seq_id_2 
_ndb_struct_na_base_pair_step.j_symmetry_2 
_ndb_struct_na_base_pair_step.shift 
_ndb_struct_na_base_pair_step.slide 
_ndb_struct_na_base_pair_step.rise 
_ndb_struct_na_base_pair_step.tilt 
_ndb_struct_na_base_pair_step.roll 
_ndb_struct_na_base_pair_step.twist 
_ndb_struct_na_base_pair_step.x_displacement 
_ndb_struct_na_base_pair_step.y_displacement 
_ndb_struct_na_base_pair_step.helical_rise 
_ndb_struct_na_base_pair_step.inclination 
_ndb_struct_na_base_pair_step.tip 
_ndb_struct_na_base_pair_step.helical_twist 
_ndb_struct_na_base_pair_step.step_number 
_ndb_struct_na_base_pair_step.step_name 
_ndb_struct_na_base_pair_step.i_auth_asym_id_1 
_ndb_struct_na_base_pair_step.i_auth_seq_id_1 
_ndb_struct_na_base_pair_step.i_PDB_ins_code_1 
_ndb_struct_na_base_pair_step.j_auth_asym_id_1 
_ndb_struct_na_base_pair_step.j_auth_seq_id_1 
_ndb_struct_na_base_pair_step.j_PDB_ins_code_1 
_ndb_struct_na_base_pair_step.i_auth_asym_id_2 
_ndb_struct_na_base_pair_step.i_auth_seq_id_2 
_ndb_struct_na_base_pair_step.i_PDB_ins_code_2 
_ndb_struct_na_base_pair_step.j_auth_asym_id_2 
_ndb_struct_na_base_pair_step.j_auth_seq_id_2 
_ndb_struct_na_base_pair_step.j_PDB_ins_code_2 
1 A C 2  1_555 B G 12 1_555 A C 3  1_555 B G 11 1_555 -0.400 -2.099 3.436 -0.476  10.268 31.112  -5.414 0.631  2.634 18.521 0.859 
32.726  1  AA_C2C3:G12G13_BB   A 2  ? B 13 ? A 3  ? B 12 ? 
1 A C 3  1_555 B G 11 1_555 A C 4  1_555 B G 10 1_555 0.669  -1.367 3.272 1.892   8.416  27.227  -4.587 -0.949 2.773 17.334 -3.896 
28.536  2  AA_C3C4:G11G12_BB   A 3  ? B 12 ? A 4  ? B 11 ? 
1 A C 4  1_555 B G 10 1_555 A A 5  1_555 B A 8  1_555 0.303  -0.765 5.445 -0.780  23.212 77.844  -1.590 -0.267 5.096 18.102 0.608 
80.705  3  AA_C4A5:A9G11_BB    A 4  ? B 11 ? A 5  ? B 9  ? 
1 A A 5  1_555 B A 8  1_555 A C 8  1_555 B A 6  1_555 -0.967 -0.962 6.361 9.854   11.161 55.259  -2.174 2.043  5.847 11.795 
-10.414 57.077  4  AA_A5C8:A7A9_BB     A 5  ? B 9  ? A 8  ? B 7  ? 
1 A C 8  1_555 B A 6  1_555 A C 9  1_555 B G 5  1_555 0.089  -1.393 3.784 -10.424 9.447  40.659  -2.946 -1.273 3.278 13.129 14.488 
42.927  5  AA_C8C9:G6A7_BB     A 8  ? B 7  ? A 9  ? B 6  ? 
1 A C 9  1_555 B G 5  1_555 A A 10 1_555 B U 4  1_555 -0.021 -1.664 3.210 -1.443  7.363  31.788  -4.144 -0.194 2.764 13.214 2.590 
32.639  6  AA_C9A10:U5G6_BB    A 9  ? B 6  ? A 10 ? B 5  ? 
1 A A 10 1_555 B U 4  1_555 A C 11 1_555 B G 3  1_555 -0.014 -1.513 3.093 0.324   5.056  32.366  -3.478 0.076  2.830 9.001  -0.577 
32.750  7  AA_A10C11:G4U5_BB   A 10 ? B 5  ? A 11 ? B 4  ? 
1 A C 11 1_555 B G 3  1_555 A C 12 1_555 B G 2  1_555 0.170  -2.078 3.217 0.032   8.794  29.390  -5.481 -0.317 2.504 16.862 -0.061 
30.650  8  AA_C11C12:G3G4_BB   A 11 ? B 4  ? A 12 ? B 3  ? 
1 A C 12 1_555 B G 2  1_555 A G 13 1_555 B C 1  1_555 -0.044 -1.718 3.091 2.334   11.692 30.102  -4.847 0.431  2.273 21.483 -4.288 
32.327  9  AA_C12G13:C2G3_BB   A 12 ? B 3  ? A 13 ? B 2  ? 
1 C G 1  1_555 D C 19 1_555 C G 2  1_555 D C 18 1_555 -0.781 -1.242 3.032 0.529   4.650  33.459  -2.815 1.422  2.827 8.029  -0.914 
33.776  10 CC_G15G16:C48C49_DD C 15 ? D 49 ? C 16 ? D 48 ? 
1 C G 2  1_555 D C 18 1_555 C C 3  1_555 D G 17 1_555 0.328  -1.516 3.493 1.961   9.066  35.888  -3.624 -0.249 3.047 14.419 -3.118 
37.029  11 CC_G16C17:G47C48_DD C 16 ? D 48 ? C 17 ? D 47 ? 
1 C C 3  1_555 D G 17 1_555 C A 4  1_555 D U 16 1_555 0.360  -1.888 3.197 -2.168  11.770 30.332  -5.156 -0.971 2.294 21.473 3.955 
32.556  12 CC_C17A18:U46G47_DD C 17 ? D 47 ? C 18 ? D 46 ? 
1 C A 4  1_555 D U 16 1_555 C G 5  1_555 D C 15 1_555 0.063  -1.969 3.526 2.151   8.344  28.797  -5.507 0.319  2.853 16.322 -4.208 
30.032  13 CC_A18G19:C45U46_DD C 18 ? D 46 ? C 19 ? D 45 ? 
1 C G 5  1_555 D C 15 1_555 C A 6  1_555 D C 14 1_555 0.769  -1.197 3.498 1.460   6.756  37.263  -2.748 -0.990 3.266 10.463 -2.261 
37.877  14 CC_G19A20:C44C45_DD C 19 ? D 45 ? C 20 ? D 44 ? 
1 C A 6  1_555 D C 14 1_555 C G 7  1_555 D A 13 1_555 -0.551 -1.043 3.183 4.110   6.913  58.982  -1.383 0.753  3.014 6.986  -4.154 
59.479  15 CC_A20G21:A43C44_DD C 20 ? D 44 ? C 21 ? D 43 ? 
1 C G 7  1_555 D A 13 1_555 C A 8  1_555 D U 11 1_555 -1.987 -0.537 3.494 3.597   -0.488 14.783  -1.634 10.400 2.945 -1.861 
-13.712 15.219  16 CC_G21A22:U41A43_DD C 21 ? D 43 ? C 22 ? D 41 ? 
1 C A 8  1_555 D U 11 1_555 C A 9  1_555 D A 10 1_555 -0.076 -2.176 3.408 -9.697  6.102  42.517  -3.485 -0.817 3.029 8.237  13.090 
43.965  17 CC_A22A23:A40U41_DD C 22 ? D 41 ? C 23 ? D 40 ? 
1 C A 9  1_555 D A 10 1_555 C A 10 1_555 D A 8  1_555 -3.377 -3.258 3.529 -5.116  -2.685 76.941  -2.527 2.544  3.807 -2.155 4.107 
77.124  18 CC_A23A24:A38A40_DD C 23 ? D 40 ? C 24 ? D 38 ? 
1 C A 10 1_555 D A 8  1_555 C C 11 1_555 A G 6  1_555 2.374  -0.207 3.025 1.082   3.394  -34.600 -0.128 4.124  2.958 -5.689 1.814 
-34.777 19 CC_A24C25:G6A38_AD  C 24 ? D 38 ? C 25 ? A 6  ? 
1 C C 11 1_555 A G 6  1_555 C A 12 1_555 D G 6  1_555 0.285  -1.967 3.570 5.632   7.349  46.670  -3.063 0.124  3.254 9.170  -7.028 
47.529  20 CC_C25A26:G36G6_DA  C 25 ? A 6  ? C 26 ? D 36 ? 
1 C A 12 1_555 D G 6  1_555 C C 13 1_555 D G 5  1_555 1.032  -0.581 2.973 -4.468  3.347  32.382  -1.531 -2.499 2.737 5.946  7.938 
32.847  21 CC_A26C27:G35G36_DD C 26 ? D 36 ? C 27 ? D 35 ? 
1 C C 13 1_555 D G 5  1_555 C A 14 1_555 D U 4  1_555 0.085  -1.224 3.056 -0.495  7.996  33.090  -3.229 -0.216 2.694 13.790 0.854 
34.020  22 CC_C27A28:U34G35_DD C 27 ? D 35 ? C 28 ? D 34 ? 
1 C A 14 1_555 D U 4  1_555 C C 15 1_555 D G 3  1_555 0.580  -1.088 3.209 3.479   1.680  33.464  -2.146 -0.445 3.195 2.905  -6.017 
33.680  23 CC_A28C29:G33U34_DD C 28 ? D 34 ? C 29 ? D 33 ? 
1 C C 15 1_555 D G 3  1_555 C G 16 1_555 D C 2  1_555 0.206  -1.779 3.250 -0.530  9.465  34.530  -4.156 -0.406 2.681 15.585 0.872 
35.769  24 CC_C29G30:C32G33_DD C 29 ? D 33 ? C 30 ? D 32 ? 
1 C G 16 1_555 D C 2  1_555 C A 17 1_555 D U 1  1_555 0.603  -1.709 3.120 6.934   3.995  34.946  -3.319 -0.040 2.974 6.547  
-11.362 35.823  25 CC_G30A31:U31C32_DD C 30 ? D 32 ? C 31 ? D 31 ? 
# 
loop_
_pdbx_entity_nonpoly.entity_id 
_pdbx_entity_nonpoly.name 
_pdbx_entity_nonpoly.comp_id 
5 'SULFATE ION'           SO4 
6 'COBALT HEXAMMINE(III)' NCO 
7 water                   HOH 
# 
_pdbx_initial_refinement_model.id               1 
_pdbx_initial_refinement_model.entity_id_list   ? 
_pdbx_initial_refinement_model.type             'experimental model' 
_pdbx_initial_refinement_model.source_name      PDB 
_pdbx_initial_refinement_model.accession_code   1ZFR 
_pdbx_initial_refinement_model.details          'PDB ENTRY 1ZFR' 
# 
